data_6HEQ
# 
_entry.id   6HEQ 
# 
_audit_conform.dict_name       mmcif_pdbx.dic 
_audit_conform.dict_version    5.397 
_audit_conform.dict_location   http://mmcif.pdb.org/dictionaries/ascii/mmcif_pdbx.dic 
# 
loop_
_database_2.database_id 
_database_2.database_code 
_database_2.pdbx_database_accession 
_database_2.pdbx_DOI 
PDB   6HEQ         pdb_00006heq 10.2210/pdb6heq/pdb 
WWPDB D_1200011572 ?            ?                   
# 
loop_
_pdbx_audit_revision_history.ordinal 
_pdbx_audit_revision_history.data_content_type 
_pdbx_audit_revision_history.major_revision 
_pdbx_audit_revision_history.minor_revision 
_pdbx_audit_revision_history.revision_date 
1 'Structure model' 1 0 2019-12-04 
2 'Structure model' 1 1 2019-12-18 
3 'Structure model' 1 2 2024-10-16 
# 
_pdbx_audit_revision_details.ordinal             1 
_pdbx_audit_revision_details.revision_ordinal    1 
_pdbx_audit_revision_details.data_content_type   'Structure model' 
_pdbx_audit_revision_details.provider            repository 
_pdbx_audit_revision_details.type                'Initial release' 
_pdbx_audit_revision_details.description         ? 
_pdbx_audit_revision_details.details             ? 
# 
loop_
_pdbx_audit_revision_group.ordinal 
_pdbx_audit_revision_group.revision_ordinal 
_pdbx_audit_revision_group.data_content_type 
_pdbx_audit_revision_group.group 
1 2 'Structure model' 'Database references' 
2 3 'Structure model' 'Data collection'     
3 3 'Structure model' 'Database references' 
4 3 'Structure model' 'Structure summary'   
# 
loop_
_pdbx_audit_revision_category.ordinal 
_pdbx_audit_revision_category.revision_ordinal 
_pdbx_audit_revision_category.data_content_type 
_pdbx_audit_revision_category.category 
1 2 'Structure model' citation                  
2 2 'Structure model' citation_author           
3 3 'Structure model' chem_comp_atom            
4 3 'Structure model' chem_comp_bond            
5 3 'Structure model' database_2                
6 3 'Structure model' pdbx_entry_details        
7 3 'Structure model' pdbx_modification_feature 
# 
loop_
_pdbx_audit_revision_item.ordinal 
_pdbx_audit_revision_item.revision_ordinal 
_pdbx_audit_revision_item.data_content_type 
_pdbx_audit_revision_item.item 
1  2 'Structure model' '_citation.country'                   
2  2 'Structure model' '_citation.journal_abbrev'            
3  2 'Structure model' '_citation.journal_id_CSD'            
4  2 'Structure model' '_citation.journal_id_ISSN'           
5  2 'Structure model' '_citation.journal_volume'            
6  2 'Structure model' '_citation.page_first'                
7  2 'Structure model' '_citation.page_last'                 
8  2 'Structure model' '_citation.pdbx_database_id_DOI'      
9  2 'Structure model' '_citation.pdbx_database_id_PubMed'   
10 2 'Structure model' '_citation.title'                     
11 2 'Structure model' '_citation.year'                      
12 2 'Structure model' '_citation_author.identifier_ORCID'   
13 2 'Structure model' '_citation_author.name'               
14 3 'Structure model' '_database_2.pdbx_DOI'                
15 3 'Structure model' '_database_2.pdbx_database_accession' 
# 
_pdbx_database_status.status_code                     REL 
_pdbx_database_status.status_code_sf                  REL 
_pdbx_database_status.status_code_mr                  ? 
_pdbx_database_status.entry_id                        6HEQ 
_pdbx_database_status.recvd_initial_deposition_date   2018-08-20 
_pdbx_database_status.SG_entry                        N 
_pdbx_database_status.deposit_site                    PDBE 
_pdbx_database_status.process_site                    PDBE 
_pdbx_database_status.status_code_cs                  ? 
_pdbx_database_status.methods_development_category    ? 
_pdbx_database_status.pdb_format_compatible           Y 
_pdbx_database_status.status_code_nmr_data            ? 
# 
loop_
_audit_author.name 
_audit_author.pdbx_ordinal 
_audit_author.identifier_ORCID 
'Soror, S.H.'     1 0000-0001-6474-8884 
'Abskharon, R.N.' 2 0000-0003-1350-0189 
'Wohlkonig, A.'   3 0000-0003-3103-5022 
# 
loop_
_citation.abstract 
_citation.abstract_id_CAS 
_citation.book_id_ISBN 
_citation.book_publisher 
_citation.book_publisher_city 
_citation.book_title 
_citation.coordinate_linkage 
_citation.country 
_citation.database_id_Medline 
_citation.details 
_citation.id 
_citation.journal_abbrev 
_citation.journal_id_ASTM 
_citation.journal_id_CSD 
_citation.journal_id_ISSN 
_citation.journal_full 
_citation.journal_issue 
_citation.journal_volume 
_citation.language 
_citation.page_first 
_citation.page_last 
_citation.title 
_citation.year 
_citation.database_id_CSD 
_citation.pdbx_database_id_DOI 
_citation.pdbx_database_id_PubMed 
_citation.unpublished_flag 
? ? ? ? ? ? ? US ? ? primary 'Plos Pathog.'                                           ? ? 1553-7374 ? ? 15 ? e1008139 e1008139 
'Structural evidence for the critical role of the prion protein hydrophobic region in forming an infectious prion.' 2019 ? 
10.1371/journal.ppat.1008139 31815959 ? 
? ? ? ? ? ? ? DK ? ? 1       'Acta Crystallogr. Sect. F Struct. Biol. Cryst. Commun.' ? ? 1744-3091 ? ? 66 ? 1644     1646     
'Crystallization and preliminary X-ray diffraction analysis of a specific VHH domain against mouse prion protein'   2010 ? 
10.1107/S1744309110042168    21139215 ? 
# 
loop_
_citation_author.citation_id 
_citation_author.name 
_citation_author.ordinal 
_citation_author.identifier_ORCID 
primary 'Abskharon, R.' 1  ?                   
primary 'Wang, F.'      2  0000-0003-1798-0829 
primary 'Wohlkonig, A.' 3  ?                   
primary 'Ruan, J.'      4  ?                   
primary 'Soror, S.'     5  0000-0001-6474-8884 
primary 'Giachin, G.'   6  0000-0001-7550-0307 
primary 'Pardon, E.'    7  ?                   
primary 'Zou, W.'       8  ?                   
primary 'Legname, G.'   9  ?                   
primary 'Ma, J.'        10 ?                   
primary 'Steyaert, J.'  11 ?                   
1       'Abskharon, R.' 12 ?                   
1       'Soror, s.'     13 ?                   
1       'Pardon, E.'    14 ?                   
1       'Legname, G.'   15 ?                   
1       'Steyaert, J.'  16 ?                   
1       'Wohlkonig, A.' 17 ?                   
# 
loop_
_entity.id 
_entity.type 
_entity.src_method 
_entity.pdbx_description 
_entity.formula_weight 
_entity.pdbx_number_of_molecules 
_entity.pdbx_ec 
_entity.pdbx_mutation 
_entity.pdbx_fragment 
_entity.details 
1 polymer man 'Prion nanobody 484' 13360.841 1  ? ? ? ? 
2 water   nat water                18.015    95 ? ? ? ? 
# 
_entity_poly.entity_id                      1 
_entity_poly.type                           'polypeptide(L)' 
_entity_poly.nstd_linkage                   no 
_entity_poly.nstd_monomer                   no 
_entity_poly.pdbx_seq_one_letter_code       
;VQLQESGGGLVQPGGSLRLSCAASGRTFSSYNMGWFRQAPGKGREFVASITSSGDKSDYTDSVKGRFTISRDNAKNTMYL
QMNNLKPEDTATYYCARGLGIYIIRARGGYDHWQQGTQVTVS
;
_entity_poly.pdbx_seq_one_letter_code_can   
;VQLQESGGGLVQPGGSLRLSCAASGRTFSSYNMGWFRQAPGKGREFVASITSSGDKSDYTDSVKGRFTISRDNAKNTMYL
QMNNLKPEDTATYYCARGLGIYIIRARGGYDHWQQGTQVTVS
;
_entity_poly.pdbx_strand_id                 A 
_entity_poly.pdbx_target_identifier         ? 
# 
_pdbx_entity_nonpoly.entity_id   2 
_pdbx_entity_nonpoly.name        water 
_pdbx_entity_nonpoly.comp_id     HOH 
# 
loop_
_entity_poly_seq.entity_id 
_entity_poly_seq.num 
_entity_poly_seq.mon_id 
_entity_poly_seq.hetero 
1 1   VAL n 
1 2   GLN n 
1 3   LEU n 
1 4   GLN n 
1 5   GLU n 
1 6   SER n 
1 7   GLY n 
1 8   GLY n 
1 9   GLY n 
1 10  LEU n 
1 11  VAL n 
1 12  GLN n 
1 13  PRO n 
1 14  GLY n 
1 15  GLY n 
1 16  SER n 
1 17  LEU n 
1 18  ARG n 
1 19  LEU n 
1 20  SER n 
1 21  CYS n 
1 22  ALA n 
1 23  ALA n 
1 24  SER n 
1 25  GLY n 
1 26  ARG n 
1 27  THR n 
1 28  PHE n 
1 29  SER n 
1 30  SER n 
1 31  TYR n 
1 32  ASN n 
1 33  MET n 
1 34  GLY n 
1 35  TRP n 
1 36  PHE n 
1 37  ARG n 
1 38  GLN n 
1 39  ALA n 
1 40  PRO n 
1 41  GLY n 
1 42  LYS n 
1 43  GLY n 
1 44  ARG n 
1 45  GLU n 
1 46  PHE n 
1 47  VAL n 
1 48  ALA n 
1 49  SER n 
1 50  ILE n 
1 51  THR n 
1 52  SER n 
1 53  SER n 
1 54  GLY n 
1 55  ASP n 
1 56  LYS n 
1 57  SER n 
1 58  ASP n 
1 59  TYR n 
1 60  THR n 
1 61  ASP n 
1 62  SER n 
1 63  VAL n 
1 64  LYS n 
1 65  GLY n 
1 66  ARG n 
1 67  PHE n 
1 68  THR n 
1 69  ILE n 
1 70  SER n 
1 71  ARG n 
1 72  ASP n 
1 73  ASN n 
1 74  ALA n 
1 75  LYS n 
1 76  ASN n 
1 77  THR n 
1 78  MET n 
1 79  TYR n 
1 80  LEU n 
1 81  GLN n 
1 82  MET n 
1 83  ASN n 
1 84  ASN n 
1 85  LEU n 
1 86  LYS n 
1 87  PRO n 
1 88  GLU n 
1 89  ASP n 
1 90  THR n 
1 91  ALA n 
1 92  THR n 
1 93  TYR n 
1 94  TYR n 
1 95  CYS n 
1 96  ALA n 
1 97  ARG n 
1 98  GLY n 
1 99  LEU n 
1 100 GLY n 
1 101 ILE n 
1 102 TYR n 
1 103 ILE n 
1 104 ILE n 
1 105 ARG n 
1 106 ALA n 
1 107 ARG n 
1 108 GLY n 
1 109 GLY n 
1 110 TYR n 
1 111 ASP n 
1 112 HIS n 
1 113 TRP n 
1 114 GLN n 
1 115 GLN n 
1 116 GLY n 
1 117 THR n 
1 118 GLN n 
1 119 VAL n 
1 120 THR n 
1 121 VAL n 
1 122 SER n 
# 
_entity_src_gen.entity_id                          1 
_entity_src_gen.pdbx_src_id                        1 
_entity_src_gen.pdbx_alt_source_flag               sample 
_entity_src_gen.pdbx_seq_type                      'Biological sequence' 
_entity_src_gen.pdbx_beg_seq_num                   1 
_entity_src_gen.pdbx_end_seq_num                   122 
_entity_src_gen.gene_src_common_name               ? 
_entity_src_gen.gene_src_genus                     ? 
_entity_src_gen.pdbx_gene_src_gene                 ? 
_entity_src_gen.gene_src_species                   ? 
_entity_src_gen.gene_src_strain                    ? 
_entity_src_gen.gene_src_tissue                    ? 
_entity_src_gen.gene_src_tissue_fraction           ? 
_entity_src_gen.gene_src_details                   ? 
_entity_src_gen.pdbx_gene_src_fragment             ? 
_entity_src_gen.pdbx_gene_src_scientific_name      'Camelus dromedarius' 
_entity_src_gen.pdbx_gene_src_ncbi_taxonomy_id     9838 
_entity_src_gen.pdbx_gene_src_variant              ? 
_entity_src_gen.pdbx_gene_src_cell_line            ? 
_entity_src_gen.pdbx_gene_src_atcc                 ? 
_entity_src_gen.pdbx_gene_src_organ                ? 
_entity_src_gen.pdbx_gene_src_organelle            ? 
_entity_src_gen.pdbx_gene_src_cell                 ? 
_entity_src_gen.pdbx_gene_src_cellular_location    ? 
_entity_src_gen.host_org_common_name               ? 
_entity_src_gen.pdbx_host_org_scientific_name      'Escherichia coli' 
_entity_src_gen.pdbx_host_org_ncbi_taxonomy_id     562 
_entity_src_gen.host_org_genus                     ? 
_entity_src_gen.pdbx_host_org_gene                 ? 
_entity_src_gen.pdbx_host_org_organ                ? 
_entity_src_gen.host_org_species                   ? 
_entity_src_gen.pdbx_host_org_tissue               ? 
_entity_src_gen.pdbx_host_org_tissue_fraction      ? 
_entity_src_gen.pdbx_host_org_strain               ? 
_entity_src_gen.pdbx_host_org_variant              ? 
_entity_src_gen.pdbx_host_org_cell_line            ? 
_entity_src_gen.pdbx_host_org_atcc                 ? 
_entity_src_gen.pdbx_host_org_culture_collection   ? 
_entity_src_gen.pdbx_host_org_cell                 ? 
_entity_src_gen.pdbx_host_org_organelle            ? 
_entity_src_gen.pdbx_host_org_cellular_location    ? 
_entity_src_gen.pdbx_host_org_vector_type          ? 
_entity_src_gen.pdbx_host_org_vector               ? 
_entity_src_gen.host_org_details                   ? 
_entity_src_gen.expression_system_id               ? 
_entity_src_gen.plasmid_name                       ? 
_entity_src_gen.plasmid_details                    ? 
_entity_src_gen.pdbx_description                   ? 
# 
loop_
_chem_comp.id 
_chem_comp.type 
_chem_comp.mon_nstd_flag 
_chem_comp.name 
_chem_comp.pdbx_synonyms 
_chem_comp.formula 
_chem_comp.formula_weight 
ALA 'L-peptide linking' y ALANINE         ? 'C3 H7 N O2'     89.093  
ARG 'L-peptide linking' y ARGININE        ? 'C6 H15 N4 O2 1' 175.209 
ASN 'L-peptide linking' y ASPARAGINE      ? 'C4 H8 N2 O3'    132.118 
ASP 'L-peptide linking' y 'ASPARTIC ACID' ? 'C4 H7 N O4'     133.103 
CYS 'L-peptide linking' y CYSTEINE        ? 'C3 H7 N O2 S'   121.158 
GLN 'L-peptide linking' y GLUTAMINE       ? 'C5 H10 N2 O3'   146.144 
GLU 'L-peptide linking' y 'GLUTAMIC ACID' ? 'C5 H9 N O4'     147.129 
GLY 'peptide linking'   y GLYCINE         ? 'C2 H5 N O2'     75.067  
HIS 'L-peptide linking' y HISTIDINE       ? 'C6 H10 N3 O2 1' 156.162 
HOH non-polymer         . WATER           ? 'H2 O'           18.015  
ILE 'L-peptide linking' y ISOLEUCINE      ? 'C6 H13 N O2'    131.173 
LEU 'L-peptide linking' y LEUCINE         ? 'C6 H13 N O2'    131.173 
LYS 'L-peptide linking' y LYSINE          ? 'C6 H15 N2 O2 1' 147.195 
MET 'L-peptide linking' y METHIONINE      ? 'C5 H11 N O2 S'  149.211 
PHE 'L-peptide linking' y PHENYLALANINE   ? 'C9 H11 N O2'    165.189 
PRO 'L-peptide linking' y PROLINE         ? 'C5 H9 N O2'     115.130 
SER 'L-peptide linking' y SERINE          ? 'C3 H7 N O3'     105.093 
THR 'L-peptide linking' y THREONINE       ? 'C4 H9 N O3'     119.119 
TRP 'L-peptide linking' y TRYPTOPHAN      ? 'C11 H12 N2 O2'  204.225 
TYR 'L-peptide linking' y TYROSINE        ? 'C9 H11 N O3'    181.189 
VAL 'L-peptide linking' y VALINE          ? 'C5 H11 N O2'    117.146 
# 
loop_
_pdbx_poly_seq_scheme.asym_id 
_pdbx_poly_seq_scheme.entity_id 
_pdbx_poly_seq_scheme.seq_id 
_pdbx_poly_seq_scheme.mon_id 
_pdbx_poly_seq_scheme.ndb_seq_num 
_pdbx_poly_seq_scheme.pdb_seq_num 
_pdbx_poly_seq_scheme.auth_seq_num 
_pdbx_poly_seq_scheme.pdb_mon_id 
_pdbx_poly_seq_scheme.auth_mon_id 
_pdbx_poly_seq_scheme.pdb_strand_id 
_pdbx_poly_seq_scheme.pdb_ins_code 
_pdbx_poly_seq_scheme.hetero 
A 1 1   VAL 1   2   2   VAL VAL A . n 
A 1 2   GLN 2   3   3   GLN GLN A . n 
A 1 3   LEU 3   4   4   LEU LEU A . n 
A 1 4   GLN 4   5   5   GLN GLN A . n 
A 1 5   GLU 5   6   6   GLU GLU A . n 
A 1 6   SER 6   7   7   SER SER A . n 
A 1 7   GLY 7   8   8   GLY GLY A . n 
A 1 8   GLY 8   9   9   GLY GLY A . n 
A 1 9   GLY 9   10  10  GLY GLY A . n 
A 1 10  LEU 10  11  11  LEU LEU A . n 
A 1 11  VAL 11  12  12  VAL VAL A . n 
A 1 12  GLN 12  13  13  GLN GLN A . n 
A 1 13  PRO 13  14  14  PRO PRO A . n 
A 1 14  GLY 14  15  15  GLY GLY A . n 
A 1 15  GLY 15  16  16  GLY GLY A . n 
A 1 16  SER 16  17  17  SER SER A . n 
A 1 17  LEU 17  18  18  LEU LEU A . n 
A 1 18  ARG 18  19  19  ARG ARG A . n 
A 1 19  LEU 19  20  20  LEU LEU A . n 
A 1 20  SER 20  21  21  SER SER A . n 
A 1 21  CYS 21  22  22  CYS CYS A . n 
A 1 22  ALA 22  23  23  ALA ALA A . n 
A 1 23  ALA 23  24  24  ALA ALA A . n 
A 1 24  SER 24  25  25  SER SER A . n 
A 1 25  GLY 25  26  26  GLY GLY A . n 
A 1 26  ARG 26  27  27  ARG ARG A . n 
A 1 27  THR 27  28  28  THR THR A . n 
A 1 28  PHE 28  29  29  PHE PHE A . n 
A 1 29  SER 29  30  30  SER SER A . n 
A 1 30  SER 30  31  31  SER SER A . n 
A 1 31  TYR 31  32  32  TYR TYR A . n 
A 1 32  ASN 32  33  33  ASN ASN A . n 
A 1 33  MET 33  34  34  MET MET A . n 
A 1 34  GLY 34  35  35  GLY GLY A . n 
A 1 35  TRP 35  36  36  TRP TRP A . n 
A 1 36  PHE 36  37  37  PHE PHE A . n 
A 1 37  ARG 37  38  38  ARG ARG A . n 
A 1 38  GLN 38  39  39  GLN GLN A . n 
A 1 39  ALA 39  40  40  ALA ALA A . n 
A 1 40  PRO 40  41  41  PRO PRO A . n 
A 1 41  GLY 41  42  42  GLY GLY A . n 
A 1 42  LYS 42  43  43  LYS LYS A . n 
A 1 43  GLY 43  44  44  GLY GLY A . n 
A 1 44  ARG 44  45  45  ARG ARG A . n 
A 1 45  GLU 45  46  46  GLU GLU A . n 
A 1 46  PHE 46  47  47  PHE PHE A . n 
A 1 47  VAL 47  48  48  VAL VAL A . n 
A 1 48  ALA 48  49  49  ALA ALA A . n 
A 1 49  SER 49  50  50  SER SER A . n 
A 1 50  ILE 50  51  51  ILE ILE A . n 
A 1 51  THR 51  52  52  THR THR A . n 
A 1 52  SER 52  53  53  SER SER A . n 
A 1 53  SER 53  54  54  SER SER A . n 
A 1 54  GLY 54  55  55  GLY GLY A . n 
A 1 55  ASP 55  56  56  ASP ASP A . n 
A 1 56  LYS 56  57  57  LYS LYS A . n 
A 1 57  SER 57  58  58  SER SER A . n 
A 1 58  ASP 58  59  59  ASP ASP A . n 
A 1 59  TYR 59  60  60  TYR TYR A . n 
A 1 60  THR 60  61  61  THR THR A . n 
A 1 61  ASP 61  62  62  ASP ASP A . n 
A 1 62  SER 62  63  63  SER SER A . n 
A 1 63  VAL 63  64  64  VAL VAL A . n 
A 1 64  LYS 64  65  65  LYS LYS A . n 
A 1 65  GLY 65  66  66  GLY GLY A . n 
A 1 66  ARG 66  67  67  ARG ARG A . n 
A 1 67  PHE 67  68  68  PHE PHE A . n 
A 1 68  THR 68  69  69  THR THR A . n 
A 1 69  ILE 69  70  70  ILE ILE A . n 
A 1 70  SER 70  71  71  SER SER A . n 
A 1 71  ARG 71  72  72  ARG ARG A . n 
A 1 72  ASP 72  73  73  ASP ASP A . n 
A 1 73  ASN 73  74  74  ASN ASN A . n 
A 1 74  ALA 74  75  75  ALA ALA A . n 
A 1 75  LYS 75  76  76  LYS LYS A . n 
A 1 76  ASN 76  77  77  ASN ASN A . n 
A 1 77  THR 77  78  78  THR THR A . n 
A 1 78  MET 78  79  79  MET MET A . n 
A 1 79  TYR 79  80  80  TYR TYR A . n 
A 1 80  LEU 80  81  81  LEU LEU A . n 
A 1 81  GLN 81  82  82  GLN GLN A . n 
A 1 82  MET 82  83  83  MET MET A . n 
A 1 83  ASN 83  84  84  ASN ASN A . n 
A 1 84  ASN 84  85  85  ASN ASN A . n 
A 1 85  LEU 85  86  86  LEU LEU A . n 
A 1 86  LYS 86  87  87  LYS LYS A . n 
A 1 87  PRO 87  88  88  PRO PRO A . n 
A 1 88  GLU 88  89  89  GLU GLU A . n 
A 1 89  ASP 89  90  90  ASP ASP A . n 
A 1 90  THR 90  91  91  THR THR A . n 
A 1 91  ALA 91  92  92  ALA ALA A . n 
A 1 92  THR 92  93  93  THR THR A . n 
A 1 93  TYR 93  94  94  TYR TYR A . n 
A 1 94  TYR 94  95  95  TYR TYR A . n 
A 1 95  CYS 95  96  96  CYS CYS A . n 
A 1 96  ALA 96  97  97  ALA ALA A . n 
A 1 97  ARG 97  98  98  ARG ARG A . n 
A 1 98  GLY 98  99  99  GLY GLY A . n 
A 1 99  LEU 99  100 100 LEU LEU A . n 
A 1 100 GLY 100 101 101 GLY GLY A . n 
A 1 101 ILE 101 102 102 ILE ILE A . n 
A 1 102 TYR 102 103 103 TYR TYR A . n 
A 1 103 ILE 103 104 104 ILE ILE A . n 
A 1 104 ILE 104 105 105 ILE ILE A . n 
A 1 105 ARG 105 106 106 ARG ARG A . n 
A 1 106 ALA 106 107 107 ALA ALA A . n 
A 1 107 ARG 107 108 108 ARG ARG A . n 
A 1 108 GLY 108 109 109 GLY GLY A . n 
A 1 109 GLY 109 110 110 GLY GLY A . n 
A 1 110 TYR 110 111 111 TYR TYR A . n 
A 1 111 ASP 111 112 112 ASP ASP A . n 
A 1 112 HIS 112 113 113 HIS HIS A . n 
A 1 113 TRP 113 114 114 TRP TRP A . n 
A 1 114 GLN 114 115 115 GLN GLN A . n 
A 1 115 GLN 115 116 116 GLN GLN A . n 
A 1 116 GLY 116 117 117 GLY GLY A . n 
A 1 117 THR 117 118 118 THR THR A . n 
A 1 118 GLN 118 119 119 GLN GLN A . n 
A 1 119 VAL 119 120 120 VAL VAL A . n 
A 1 120 THR 120 121 121 THR THR A . n 
A 1 121 VAL 121 122 122 VAL VAL A . n 
A 1 122 SER 122 123 123 SER SER A . n 
# 
loop_
_pdbx_nonpoly_scheme.asym_id 
_pdbx_nonpoly_scheme.entity_id 
_pdbx_nonpoly_scheme.mon_id 
_pdbx_nonpoly_scheme.ndb_seq_num 
_pdbx_nonpoly_scheme.pdb_seq_num 
_pdbx_nonpoly_scheme.auth_seq_num 
_pdbx_nonpoly_scheme.pdb_mon_id 
_pdbx_nonpoly_scheme.auth_mon_id 
_pdbx_nonpoly_scheme.pdb_strand_id 
_pdbx_nonpoly_scheme.pdb_ins_code 
B 2 HOH 1  201 42 HOH HOH A . 
B 2 HOH 2  202 74 HOH HOH A . 
B 2 HOH 3  203 81 HOH HOH A . 
B 2 HOH 4  204 63 HOH HOH A . 
B 2 HOH 5  205 44 HOH HOH A . 
B 2 HOH 6  206 73 HOH HOH A . 
B 2 HOH 7  207 33 HOH HOH A . 
B 2 HOH 8  208 61 HOH HOH A . 
B 2 HOH 9  209 89 HOH HOH A . 
B 2 HOH 10 210 56 HOH HOH A . 
B 2 HOH 11 211 70 HOH HOH A . 
B 2 HOH 12 212 66 HOH HOH A . 
B 2 HOH 13 213 25 HOH HOH A . 
B 2 HOH 14 214 38 HOH HOH A . 
B 2 HOH 15 215 46 HOH HOH A . 
B 2 HOH 16 216 7  HOH HOH A . 
B 2 HOH 17 217 23 HOH HOH A . 
B 2 HOH 18 218 10 HOH HOH A . 
B 2 HOH 19 219 72 HOH HOH A . 
B 2 HOH 20 220 16 HOH HOH A . 
B 2 HOH 21 221 5  HOH HOH A . 
B 2 HOH 22 222 93 HOH HOH A . 
B 2 HOH 23 223 45 HOH HOH A . 
B 2 HOH 24 224 62 HOH HOH A . 
B 2 HOH 25 225 13 HOH HOH A . 
B 2 HOH 26 226 90 HOH HOH A . 
B 2 HOH 27 227 1  HOH HOH A . 
B 2 HOH 28 228 51 HOH HOH A . 
B 2 HOH 29 229 4  HOH HOH A . 
B 2 HOH 30 230 17 HOH HOH A . 
B 2 HOH 31 231 92 HOH HOH A . 
B 2 HOH 32 232 22 HOH HOH A . 
B 2 HOH 33 233 58 HOH HOH A . 
B 2 HOH 34 234 36 HOH HOH A . 
B 2 HOH 35 235 59 HOH HOH A . 
B 2 HOH 36 236 69 HOH HOH A . 
B 2 HOH 37 237 39 HOH HOH A . 
B 2 HOH 38 238 27 HOH HOH A . 
B 2 HOH 39 239 75 HOH HOH A . 
B 2 HOH 40 240 26 HOH HOH A . 
B 2 HOH 41 241 54 HOH HOH A . 
B 2 HOH 42 242 21 HOH HOH A . 
B 2 HOH 43 243 24 HOH HOH A . 
B 2 HOH 44 244 32 HOH HOH A . 
B 2 HOH 45 245 28 HOH HOH A . 
B 2 HOH 46 246 15 HOH HOH A . 
B 2 HOH 47 247 77 HOH HOH A . 
B 2 HOH 48 248 37 HOH HOH A . 
B 2 HOH 49 249 83 HOH HOH A . 
B 2 HOH 50 250 40 HOH HOH A . 
B 2 HOH 51 251 60 HOH HOH A . 
B 2 HOH 52 252 65 HOH HOH A . 
B 2 HOH 53 253 31 HOH HOH A . 
B 2 HOH 54 254 6  HOH HOH A . 
B 2 HOH 55 255 64 HOH HOH A . 
B 2 HOH 56 256 50 HOH HOH A . 
B 2 HOH 57 257 19 HOH HOH A . 
B 2 HOH 58 258 29 HOH HOH A . 
B 2 HOH 59 259 43 HOH HOH A . 
B 2 HOH 60 260 48 HOH HOH A . 
B 2 HOH 61 261 80 HOH HOH A . 
B 2 HOH 62 262 82 HOH HOH A . 
B 2 HOH 63 263 94 HOH HOH A . 
B 2 HOH 64 264 55 HOH HOH A . 
B 2 HOH 65 265 35 HOH HOH A . 
B 2 HOH 66 266 2  HOH HOH A . 
B 2 HOH 67 267 53 HOH HOH A . 
B 2 HOH 68 268 8  HOH HOH A . 
B 2 HOH 69 269 84 HOH HOH A . 
B 2 HOH 70 270 11 HOH HOH A . 
B 2 HOH 71 271 20 HOH HOH A . 
B 2 HOH 72 272 30 HOH HOH A . 
B 2 HOH 73 273 18 HOH HOH A . 
B 2 HOH 74 274 47 HOH HOH A . 
B 2 HOH 75 275 87 HOH HOH A . 
B 2 HOH 76 276 3  HOH HOH A . 
B 2 HOH 77 277 34 HOH HOH A . 
B 2 HOH 78 278 88 HOH HOH A . 
B 2 HOH 79 279 49 HOH HOH A . 
B 2 HOH 80 280 86 HOH HOH A . 
B 2 HOH 81 281 78 HOH HOH A . 
B 2 HOH 82 282 14 HOH HOH A . 
B 2 HOH 83 283 41 HOH HOH A . 
B 2 HOH 84 284 9  HOH HOH A . 
B 2 HOH 85 285 91 HOH HOH A . 
B 2 HOH 86 286 12 HOH HOH A . 
B 2 HOH 87 287 52 HOH HOH A . 
B 2 HOH 88 288 57 HOH HOH A . 
B 2 HOH 89 289 71 HOH HOH A . 
B 2 HOH 90 290 68 HOH HOH A . 
B 2 HOH 91 291 95 HOH HOH A . 
B 2 HOH 92 292 67 HOH HOH A . 
B 2 HOH 93 293 85 HOH HOH A . 
B 2 HOH 94 294 76 HOH HOH A . 
B 2 HOH 95 295 79 HOH HOH A . 
# 
loop_
_pdbx_unobs_or_zero_occ_atoms.id 
_pdbx_unobs_or_zero_occ_atoms.PDB_model_num 
_pdbx_unobs_or_zero_occ_atoms.polymer_flag 
_pdbx_unobs_or_zero_occ_atoms.occupancy_flag 
_pdbx_unobs_or_zero_occ_atoms.auth_asym_id 
_pdbx_unobs_or_zero_occ_atoms.auth_comp_id 
_pdbx_unobs_or_zero_occ_atoms.auth_seq_id 
_pdbx_unobs_or_zero_occ_atoms.PDB_ins_code 
_pdbx_unobs_or_zero_occ_atoms.auth_atom_id 
_pdbx_unobs_or_zero_occ_atoms.label_alt_id 
_pdbx_unobs_or_zero_occ_atoms.label_asym_id 
_pdbx_unobs_or_zero_occ_atoms.label_comp_id 
_pdbx_unobs_or_zero_occ_atoms.label_seq_id 
_pdbx_unobs_or_zero_occ_atoms.label_atom_id 
1 1 Y 1 A GLN 115 ? CG  ? A GLN 114 CG  
2 1 Y 1 A GLN 115 ? CD  ? A GLN 114 CD  
3 1 Y 1 A GLN 115 ? OE1 ? A GLN 114 OE1 
4 1 Y 1 A GLN 115 ? NE2 ? A GLN 114 NE2 
5 1 Y 1 A GLN 116 ? CG  ? A GLN 115 CG  
6 1 Y 1 A GLN 116 ? CD  ? A GLN 115 CD  
7 1 Y 1 A GLN 116 ? OE1 ? A GLN 115 OE1 
8 1 Y 1 A GLN 116 ? NE2 ? A GLN 115 NE2 
# 
loop_
_software.citation_id 
_software.classification 
_software.compiler_name 
_software.compiler_version 
_software.contact_author 
_software.contact_author_email 
_software.date 
_software.description 
_software.dependencies 
_software.hardware 
_software.language 
_software.location 
_software.mods 
_software.name 
_software.os 
_software.os_version 
_software.type 
_software.version 
_software.pdbx_ordinal 
? refinement       ? ? ? ? ? ? ? ? ? ? ? REFMAC  ? ? ? 5.5.0109 1 
? 'data reduction' ? ? ? ? ? ? ? ? ? ? ? iMOSFLM ? ? ? .        2 
? 'data scaling'   ? ? ? ? ? ? ? ? ? ? ? SCALA   ? ? ? .        3 
? phasing          ? ? ? ? ? ? ? ? ? ? ? PHASER  ? ? ? .        4 
# 
_cell.angle_alpha                  90.00 
_cell.angle_alpha_esd              ? 
_cell.angle_beta                   90.00 
_cell.angle_beta_esd               ? 
_cell.angle_gamma                  90.00 
_cell.angle_gamma_esd              ? 
_cell.entry_id                     6HEQ 
_cell.details                      ? 
_cell.formula_units_Z              ? 
_cell.length_a                     30.040 
_cell.length_a_esd                 ? 
_cell.length_b                     37.150 
_cell.length_b_esd                 ? 
_cell.length_c                     83.000 
_cell.length_c_esd                 ? 
_cell.volume                       ? 
_cell.volume_esd                   ? 
_cell.Z_PDB                        4 
_cell.reciprocal_angle_alpha       ? 
_cell.reciprocal_angle_beta        ? 
_cell.reciprocal_angle_gamma       ? 
_cell.reciprocal_angle_alpha_esd   ? 
_cell.reciprocal_angle_beta_esd    ? 
_cell.reciprocal_angle_gamma_esd   ? 
_cell.reciprocal_length_a          ? 
_cell.reciprocal_length_b          ? 
_cell.reciprocal_length_c          ? 
_cell.reciprocal_length_a_esd      ? 
_cell.reciprocal_length_b_esd      ? 
_cell.reciprocal_length_c_esd      ? 
_cell.pdbx_unique_axis             ? 
# 
_symmetry.entry_id                         6HEQ 
_symmetry.cell_setting                     ? 
_symmetry.Int_Tables_number                19 
_symmetry.space_group_name_Hall            ? 
_symmetry.space_group_name_H-M             'P 21 21 21' 
_symmetry.pdbx_full_space_group_name_H-M   ? 
# 
_exptl.absorpt_coefficient_mu     ? 
_exptl.absorpt_correction_T_max   ? 
_exptl.absorpt_correction_T_min   ? 
_exptl.absorpt_correction_type    ? 
_exptl.absorpt_process_details    ? 
_exptl.entry_id                   6HEQ 
_exptl.crystals_number            1 
_exptl.details                    ? 
_exptl.method                     'X-RAY DIFFRACTION' 
_exptl.method_details             ? 
# 
_exptl_crystal.colour                      ? 
_exptl_crystal.density_diffrn              ? 
_exptl_crystal.density_Matthews            1.5 
_exptl_crystal.density_method              ? 
_exptl_crystal.density_percent_sol         25.68 
_exptl_crystal.description                 plates 
_exptl_crystal.F_000                       ? 
_exptl_crystal.id                          1 
_exptl_crystal.preparation                 ? 
_exptl_crystal.size_max                    ? 
_exptl_crystal.size_mid                    ? 
_exptl_crystal.size_min                    ? 
_exptl_crystal.size_rad                    ? 
_exptl_crystal.colour_lustre               ? 
_exptl_crystal.colour_modifier             ? 
_exptl_crystal.colour_primary              ? 
_exptl_crystal.density_meas                ? 
_exptl_crystal.density_meas_esd            ? 
_exptl_crystal.density_meas_gt             ? 
_exptl_crystal.density_meas_lt             ? 
_exptl_crystal.density_meas_temp           ? 
_exptl_crystal.density_meas_temp_esd       ? 
_exptl_crystal.density_meas_temp_gt        ? 
_exptl_crystal.density_meas_temp_lt        ? 
_exptl_crystal.pdbx_crystal_image_url      ? 
_exptl_crystal.pdbx_crystal_image_format   ? 
_exptl_crystal.pdbx_mosaicity              ? 
_exptl_crystal.pdbx_mosaicity_esd          ? 
# 
_exptl_crystal_grow.apparatus       ? 
_exptl_crystal_grow.atmosphere      ? 
_exptl_crystal_grow.crystal_id      1 
_exptl_crystal_grow.details         ? 
_exptl_crystal_grow.method          'VAPOR DIFFUSION, HANGING DROP' 
_exptl_crystal_grow.method_ref      ? 
_exptl_crystal_grow.pH              8.5 
_exptl_crystal_grow.pressure        ? 
_exptl_crystal_grow.pressure_esd    ? 
_exptl_crystal_grow.seeding         ? 
_exptl_crystal_grow.seeding_ref     ? 
_exptl_crystal_grow.temp            293 
_exptl_crystal_grow.temp_details    ? 
_exptl_crystal_grow.temp_esd        ? 
_exptl_crystal_grow.time            ? 
_exptl_crystal_grow.pdbx_details    
;30% PEG4K, 0.2M MgCl2, 0.1M Tris pH
8.5
;
_exptl_crystal_grow.pdbx_pH_range   ? 
# 
_diffrn.ambient_environment              ? 
_diffrn.ambient_temp                     100 
_diffrn.ambient_temp_details             ? 
_diffrn.ambient_temp_esd                 ? 
_diffrn.crystal_id                       1 
_diffrn.crystal_support                  ? 
_diffrn.crystal_treatment                ? 
_diffrn.details                          ? 
_diffrn.id                               1 
_diffrn.ambient_pressure                 ? 
_diffrn.ambient_pressure_esd             ? 
_diffrn.ambient_pressure_gt              ? 
_diffrn.ambient_pressure_lt              ? 
_diffrn.ambient_temp_gt                  ? 
_diffrn.ambient_temp_lt                  ? 
_diffrn.pdbx_serial_crystal_experiment   ? 
# 
_diffrn_detector.details                      ? 
_diffrn_detector.detector                     CCD 
_diffrn_detector.diffrn_id                    1 
_diffrn_detector.type                         'ADSC QUANTUM 4' 
_diffrn_detector.area_resol_mean              ? 
_diffrn_detector.dtime                        ? 
_diffrn_detector.pdbx_frames_total            ? 
_diffrn_detector.pdbx_collection_time_total   ? 
_diffrn_detector.pdbx_collection_date         2012-03-27 
_diffrn_detector.pdbx_frequency               ? 
# 
_diffrn_radiation.collimation                      ? 
_diffrn_radiation.diffrn_id                        1 
_diffrn_radiation.filter_edge                      ? 
_diffrn_radiation.inhomogeneity                    ? 
_diffrn_radiation.monochromator                    'Asymmetric Laue 001' 
_diffrn_radiation.polarisn_norm                    ? 
_diffrn_radiation.polarisn_ratio                   ? 
_diffrn_radiation.probe                            ? 
_diffrn_radiation.type                             ? 
_diffrn_radiation.xray_symbol                      ? 
_diffrn_radiation.wavelength_id                    1 
_diffrn_radiation.pdbx_monochromatic_or_laue_m_l   M 
_diffrn_radiation.pdbx_wavelength_list             ? 
_diffrn_radiation.pdbx_wavelength                  ? 
_diffrn_radiation.pdbx_diffrn_protocol             'SINGLE WAVELENGTH' 
_diffrn_radiation.pdbx_analyzer                    ? 
_diffrn_radiation.pdbx_scattering_type             x-ray 
# 
_diffrn_radiation_wavelength.id           1 
_diffrn_radiation_wavelength.wavelength   0.933 
_diffrn_radiation_wavelength.wt           1.0 
# 
_diffrn_source.current                     ? 
_diffrn_source.details                     ? 
_diffrn_source.diffrn_id                   1 
_diffrn_source.power                       ? 
_diffrn_source.size                        ? 
_diffrn_source.source                      SYNCHROTRON 
_diffrn_source.target                      ? 
_diffrn_source.type                        'ESRF BEAMLINE ID14-2' 
_diffrn_source.voltage                     ? 
_diffrn_source.take-off_angle              ? 
_diffrn_source.pdbx_wavelength_list        0.933 
_diffrn_source.pdbx_wavelength             ? 
_diffrn_source.pdbx_synchrotron_beamline   ID14-2 
_diffrn_source.pdbx_synchrotron_site       ESRF 
# 
_reflns.B_iso_Wilson_estimate            ? 
_reflns.entry_id                         6HEQ 
_reflns.data_reduction_details           ? 
_reflns.data_reduction_method            ? 
_reflns.d_resolution_high                1.23 
_reflns.d_resolution_low                 17.85 
_reflns.details                          ? 
_reflns.limit_h_max                      ? 
_reflns.limit_h_min                      ? 
_reflns.limit_k_max                      ? 
_reflns.limit_k_min                      ? 
_reflns.limit_l_max                      ? 
_reflns.limit_l_min                      ? 
_reflns.number_all                       ? 
_reflns.number_obs                       26127 
_reflns.observed_criterion               ? 
_reflns.observed_criterion_F_max         ? 
_reflns.observed_criterion_F_min         ? 
_reflns.observed_criterion_I_max         ? 
_reflns.observed_criterion_I_min         ? 
_reflns.observed_criterion_sigma_F       ? 
_reflns.observed_criterion_sigma_I       ? 
_reflns.percent_possible_obs             98.19 
_reflns.R_free_details                   ? 
_reflns.Rmerge_F_all                     ? 
_reflns.Rmerge_F_obs                     ? 
_reflns.Friedel_coverage                 ? 
_reflns.number_gt                        ? 
_reflns.threshold_expression             ? 
_reflns.pdbx_redundancy                  4.99 
_reflns.pdbx_Rmerge_I_obs                ? 
_reflns.pdbx_Rmerge_I_all                ? 
_reflns.pdbx_Rsym_value                  ? 
_reflns.pdbx_netI_over_av_sigmaI         ? 
_reflns.pdbx_netI_over_sigmaI            11.8 
_reflns.pdbx_res_netI_over_av_sigmaI_2   ? 
_reflns.pdbx_res_netI_over_sigmaI_2      ? 
_reflns.pdbx_chi_squared                 ? 
_reflns.pdbx_scaling_rejects             ? 
_reflns.pdbx_d_res_high_opt              ? 
_reflns.pdbx_d_res_low_opt               ? 
_reflns.pdbx_d_res_opt_method            ? 
_reflns.phase_calculation_details        ? 
_reflns.pdbx_Rrim_I_all                  ? 
_reflns.pdbx_Rpim_I_all                  ? 
_reflns.pdbx_d_opt                       ? 
_reflns.pdbx_number_measured_all         ? 
_reflns.pdbx_diffrn_id                   1 
_reflns.pdbx_ordinal                     1 
_reflns.pdbx_CC_half                     ? 
_reflns.pdbx_R_split                     ? 
# 
_reflns_shell.d_res_high                  1.23 
_reflns_shell.d_res_low                   1.258 
_reflns_shell.meanI_over_sigI_all         ? 
_reflns_shell.meanI_over_sigI_obs         ? 
_reflns_shell.number_measured_all         ? 
_reflns_shell.number_measured_obs         ? 
_reflns_shell.number_possible             ? 
_reflns_shell.number_unique_all           ? 
_reflns_shell.number_unique_obs           ? 
_reflns_shell.percent_possible_all        ? 
_reflns_shell.percent_possible_obs        ? 
_reflns_shell.Rmerge_F_all                ? 
_reflns_shell.Rmerge_F_obs                ? 
_reflns_shell.Rmerge_I_all                ? 
_reflns_shell.Rmerge_I_obs                ? 
_reflns_shell.meanI_over_sigI_gt          ? 
_reflns_shell.meanI_over_uI_all           ? 
_reflns_shell.meanI_over_uI_gt            ? 
_reflns_shell.number_measured_gt          ? 
_reflns_shell.number_unique_gt            ? 
_reflns_shell.percent_possible_gt         ? 
_reflns_shell.Rmerge_F_gt                 ? 
_reflns_shell.Rmerge_I_gt                 ? 
_reflns_shell.pdbx_redundancy             ? 
_reflns_shell.pdbx_Rsym_value             ? 
_reflns_shell.pdbx_chi_squared            ? 
_reflns_shell.pdbx_netI_over_sigmaI_all   ? 
_reflns_shell.pdbx_netI_over_sigmaI_obs   ? 
_reflns_shell.pdbx_Rrim_I_all             ? 
_reflns_shell.pdbx_Rpim_I_all             ? 
_reflns_shell.pdbx_rejects                ? 
_reflns_shell.pdbx_ordinal                1 
_reflns_shell.pdbx_diffrn_id              1 
_reflns_shell.pdbx_CC_half                ? 
_reflns_shell.pdbx_R_split                ? 
# 
_refine.aniso_B[1][1]                            0.00 
_refine.aniso_B[1][2]                            0.00 
_refine.aniso_B[1][3]                            0.00 
_refine.aniso_B[2][2]                            0.00 
_refine.aniso_B[2][3]                            0.00 
_refine.aniso_B[3][3]                            0.00 
_refine.B_iso_max                                ? 
_refine.B_iso_mean                               11.698 
_refine.B_iso_min                                ? 
_refine.correlation_coeff_Fo_to_Fc               0.953 
_refine.correlation_coeff_Fo_to_Fc_free          0.937 
_refine.details                                  'HYDROGENS HAVE BEEN ADDED IN THE RIDING POSITIONS' 
_refine.diff_density_max                         ? 
_refine.diff_density_max_esd                     ? 
_refine.diff_density_min                         ? 
_refine.diff_density_min_esd                     ? 
_refine.diff_density_rms                         ? 
_refine.diff_density_rms_esd                     ? 
_refine.entry_id                                 6HEQ 
_refine.pdbx_refine_id                           'X-RAY DIFFRACTION' 
_refine.ls_abs_structure_details                 ? 
_refine.ls_abs_structure_Flack                   ? 
_refine.ls_abs_structure_Flack_esd               ? 
_refine.ls_abs_structure_Rogers                  ? 
_refine.ls_abs_structure_Rogers_esd              ? 
_refine.ls_d_res_high                            1.23 
_refine.ls_d_res_low                             17.85 
_refine.ls_extinction_coef                       ? 
_refine.ls_extinction_coef_esd                   ? 
_refine.ls_extinction_expression                 ? 
_refine.ls_extinction_method                     ? 
_refine.ls_goodness_of_fit_all                   ? 
_refine.ls_goodness_of_fit_all_esd               ? 
_refine.ls_goodness_of_fit_obs                   ? 
_refine.ls_goodness_of_fit_obs_esd               ? 
_refine.ls_hydrogen_treatment                    ? 
_refine.ls_matrix_type                           ? 
_refine.ls_number_constraints                    ? 
_refine.ls_number_parameters                     ? 
_refine.ls_number_reflns_all                     ? 
_refine.ls_number_reflns_obs                     26127 
_refine.ls_number_reflns_R_free                  1382 
_refine.ls_number_reflns_R_work                  ? 
_refine.ls_number_restraints                     ? 
_refine.ls_percent_reflns_obs                    98.19 
_refine.ls_percent_reflns_R_free                 5.0 
_refine.ls_R_factor_all                          ? 
_refine.ls_R_factor_obs                          0.20009 
_refine.ls_R_factor_R_free                       0.22398 
_refine.ls_R_factor_R_free_error                 ? 
_refine.ls_R_factor_R_free_error_details         ? 
_refine.ls_R_factor_R_work                       0.19886 
_refine.ls_R_Fsqd_factor_obs                     ? 
_refine.ls_R_I_factor_obs                        ? 
_refine.ls_redundancy_reflns_all                 ? 
_refine.ls_redundancy_reflns_obs                 ? 
_refine.ls_restrained_S_all                      ? 
_refine.ls_restrained_S_obs                      ? 
_refine.ls_shift_over_esd_max                    ? 
_refine.ls_shift_over_esd_mean                   ? 
_refine.ls_structure_factor_coef                 ? 
_refine.ls_weighting_details                     ? 
_refine.ls_weighting_scheme                      ? 
_refine.ls_wR_factor_all                         ? 
_refine.ls_wR_factor_obs                         ? 
_refine.ls_wR_factor_R_free                      ? 
_refine.ls_wR_factor_R_work                      ? 
_refine.occupancy_max                            ? 
_refine.occupancy_min                            ? 
_refine.solvent_model_details                    ? 
_refine.solvent_model_param_bsol                 ? 
_refine.solvent_model_param_ksol                 ? 
_refine.ls_R_factor_gt                           ? 
_refine.ls_goodness_of_fit_gt                    ? 
_refine.ls_goodness_of_fit_ref                   ? 
_refine.ls_shift_over_su_max                     ? 
_refine.ls_shift_over_su_max_lt                  ? 
_refine.ls_shift_over_su_mean                    ? 
_refine.ls_shift_over_su_mean_lt                 ? 
_refine.pdbx_ls_sigma_I                          ? 
_refine.pdbx_ls_sigma_F                          ? 
_refine.pdbx_ls_sigma_Fsqd                       ? 
_refine.pdbx_data_cutoff_high_absF               ? 
_refine.pdbx_data_cutoff_high_rms_absF           ? 
_refine.pdbx_data_cutoff_low_absF                ? 
_refine.pdbx_isotropic_thermal_model             ? 
_refine.pdbx_ls_cross_valid_method               THROUGHOUT 
_refine.pdbx_method_to_determine_struct          ? 
_refine.pdbx_starting_model                      ? 
_refine.pdbx_stereochemistry_target_values       ? 
_refine.pdbx_R_Free_selection_details            RANDOM 
_refine.pdbx_stereochem_target_val_spec_case     ? 
_refine.pdbx_overall_ESU_R                       0.054 
_refine.pdbx_overall_ESU_R_Free                  0.056 
_refine.pdbx_solvent_vdw_probe_radii             1.40 
_refine.pdbx_solvent_ion_probe_radii             0.80 
_refine.pdbx_solvent_shrinkage_radii             0.80 
_refine.pdbx_real_space_R                        ? 
_refine.pdbx_density_correlation                 ? 
_refine.pdbx_pd_number_of_powder_patterns        ? 
_refine.pdbx_pd_number_of_points                 ? 
_refine.pdbx_pd_meas_number_of_points            ? 
_refine.pdbx_pd_proc_ls_prof_R_factor            ? 
_refine.pdbx_pd_proc_ls_prof_wR_factor           ? 
_refine.pdbx_pd_Marquardt_correlation_coeff      ? 
_refine.pdbx_pd_Fsqrd_R_factor                   ? 
_refine.pdbx_pd_ls_matrix_band_width             ? 
_refine.pdbx_overall_phase_error                 ? 
_refine.pdbx_overall_SU_R_free_Cruickshank_DPI   ? 
_refine.pdbx_overall_SU_R_free_Blow_DPI          ? 
_refine.pdbx_overall_SU_R_Blow_DPI               ? 
_refine.pdbx_TLS_residual_ADP_flag               ? 
_refine.pdbx_diffrn_id                           1 
_refine.overall_SU_B                             0.713 
_refine.overall_SU_ML                            0.033 
_refine.overall_SU_R_Cruickshank_DPI             ? 
_refine.overall_SU_R_free                        ? 
_refine.overall_FOM_free_R_set                   ? 
_refine.overall_FOM_work_R_set                   ? 
_refine.pdbx_average_fsc_overall                 ? 
_refine.pdbx_average_fsc_work                    ? 
_refine.pdbx_average_fsc_free                    ? 
# 
_refine_hist.pdbx_refine_id                   'X-RAY DIFFRACTION' 
_refine_hist.cycle_id                         1 
_refine_hist.pdbx_number_atoms_protein        929 
_refine_hist.pdbx_number_atoms_nucleic_acid   0 
_refine_hist.pdbx_number_atoms_ligand         0 
_refine_hist.number_atoms_solvent             95 
_refine_hist.number_atoms_total               1024 
_refine_hist.d_res_high                       1.23 
_refine_hist.d_res_low                        17.85 
# 
loop_
_refine_ls_restr.pdbx_refine_id 
_refine_ls_restr.criterion 
_refine_ls_restr.dev_ideal 
_refine_ls_restr.dev_ideal_target 
_refine_ls_restr.number 
_refine_ls_restr.rejects 
_refine_ls_restr.type 
_refine_ls_restr.weight 
_refine_ls_restr.pdbx_restraint_function 
'X-RAY DIFFRACTION' ? 0.010  0.021  948  ? r_bond_refined_d             ? ? 
'X-RAY DIFFRACTION' ? ?      ?      ?    ? r_bond_other_d               ? ? 
'X-RAY DIFFRACTION' ? 1.307  1.937  1278 ? r_angle_refined_deg          ? ? 
'X-RAY DIFFRACTION' ? ?      ?      ?    ? r_angle_other_deg            ? ? 
'X-RAY DIFFRACTION' ? 6.353  5.000  121  ? r_dihedral_angle_1_deg       ? ? 
'X-RAY DIFFRACTION' ? 31.398 22.558 43   ? r_dihedral_angle_2_deg       ? ? 
'X-RAY DIFFRACTION' ? 11.772 15.000 153  ? r_dihedral_angle_3_deg       ? ? 
'X-RAY DIFFRACTION' ? 14.480 15.000 9    ? r_dihedral_angle_4_deg       ? ? 
'X-RAY DIFFRACTION' ? 0.089  0.200  133  ? r_chiral_restr               ? ? 
'X-RAY DIFFRACTION' ? 0.006  0.020  731  ? r_gen_planes_refined         ? ? 
'X-RAY DIFFRACTION' ? ?      ?      ?    ? r_gen_planes_other           ? ? 
'X-RAY DIFFRACTION' ? ?      ?      ?    ? r_nbd_refined                ? ? 
'X-RAY DIFFRACTION' ? ?      ?      ?    ? r_nbd_other                  ? ? 
'X-RAY DIFFRACTION' ? ?      ?      ?    ? r_nbtor_refined              ? ? 
'X-RAY DIFFRACTION' ? ?      ?      ?    ? r_nbtor_other                ? ? 
'X-RAY DIFFRACTION' ? ?      ?      ?    ? r_xyhbond_nbd_refined        ? ? 
'X-RAY DIFFRACTION' ? ?      ?      ?    ? r_xyhbond_nbd_other          ? ? 
'X-RAY DIFFRACTION' ? ?      ?      ?    ? r_metal_ion_refined          ? ? 
'X-RAY DIFFRACTION' ? ?      ?      ?    ? r_metal_ion_other            ? ? 
'X-RAY DIFFRACTION' ? ?      ?      ?    ? r_symmetry_vdw_refined       ? ? 
'X-RAY DIFFRACTION' ? ?      ?      ?    ? r_symmetry_vdw_other         ? ? 
'X-RAY DIFFRACTION' ? ?      ?      ?    ? r_symmetry_hbond_refined     ? ? 
'X-RAY DIFFRACTION' ? ?      ?      ?    ? r_symmetry_hbond_other       ? ? 
'X-RAY DIFFRACTION' ? ?      ?      ?    ? r_symmetry_metal_ion_refined ? ? 
'X-RAY DIFFRACTION' ? ?      ?      ?    ? r_symmetry_metal_ion_other   ? ? 
'X-RAY DIFFRACTION' ? 0.823  1.500  596  ? r_mcbond_it                  ? ? 
'X-RAY DIFFRACTION' ? ?      ?      ?    ? r_mcbond_other               ? ? 
'X-RAY DIFFRACTION' ? 1.500  2.000  944  ? r_mcangle_it                 ? ? 
'X-RAY DIFFRACTION' ? ?      ?      ?    ? r_mcangle_other              ? ? 
'X-RAY DIFFRACTION' ? 2.147  3.000  352  ? r_scbond_it                  ? ? 
'X-RAY DIFFRACTION' ? ?      ?      ?    ? r_scbond_other               ? ? 
'X-RAY DIFFRACTION' ? 3.182  4.500  334  ? r_scangle_it                 ? ? 
'X-RAY DIFFRACTION' ? ?      ?      ?    ? r_scangle_other              ? ? 
'X-RAY DIFFRACTION' ? ?      ?      ?    ? r_long_range_B_refined       ? ? 
'X-RAY DIFFRACTION' ? ?      ?      ?    ? r_long_range_B_other         ? ? 
'X-RAY DIFFRACTION' ? ?      ?      ?    ? r_rigid_bond_restr           ? ? 
'X-RAY DIFFRACTION' ? ?      ?      ?    ? r_sphericity_free            ? ? 
'X-RAY DIFFRACTION' ? ?      ?      ?    ? r_sphericity_bonded          ? ? 
# 
_refine_ls_shell.pdbx_refine_id                   'X-RAY DIFFRACTION' 
_refine_ls_shell.d_res_high                       1.226 
_refine_ls_shell.d_res_low                        1.258 
_refine_ls_shell.number_reflns_all                ? 
_refine_ls_shell.number_reflns_obs                ? 
_refine_ls_shell.number_reflns_R_free             113 
_refine_ls_shell.number_reflns_R_work             1836 
_refine_ls_shell.percent_reflns_obs               96.01 
_refine_ls_shell.percent_reflns_R_free            ? 
_refine_ls_shell.R_factor_all                     ? 
_refine_ls_shell.R_factor_obs                     ? 
_refine_ls_shell.R_factor_R_free                  0.206 
_refine_ls_shell.R_factor_R_free_error            ? 
_refine_ls_shell.R_factor_R_work                  0.226 
_refine_ls_shell.redundancy_reflns_all            ? 
_refine_ls_shell.redundancy_reflns_obs            ? 
_refine_ls_shell.wR_factor_all                    ? 
_refine_ls_shell.wR_factor_obs                    ? 
_refine_ls_shell.wR_factor_R_free                 ? 
_refine_ls_shell.wR_factor_R_work                 ? 
_refine_ls_shell.pdbx_total_number_of_bins_used   20 
_refine_ls_shell.pdbx_phase_error                 ? 
_refine_ls_shell.pdbx_fsc_work                    ? 
_refine_ls_shell.pdbx_fsc_free                    ? 
# 
_struct.entry_id                     6HEQ 
_struct.title                        'Prion nanobody 484' 
_struct.pdbx_model_details           ? 
_struct.pdbx_formula_weight          ? 
_struct.pdbx_formula_weight_method   ? 
_struct.pdbx_model_type_details      ? 
_struct.pdbx_CASP_flag               N 
# 
_struct_keywords.entry_id        6HEQ 
_struct_keywords.text            'Nanobody, aggregation, beta fold, PROTEIN BINDING' 
_struct_keywords.pdbx_keywords   'PROTEIN BINDING' 
# 
loop_
_struct_asym.id 
_struct_asym.pdbx_blank_PDB_chainid_flag 
_struct_asym.pdbx_modified 
_struct_asym.entity_id 
_struct_asym.details 
A N N 1 ? 
B N N 2 ? 
# 
_struct_ref.id                         1 
_struct_ref.db_name                    PDB 
_struct_ref.db_code                    6HEQ 
_struct_ref.pdbx_db_accession          6HEQ 
_struct_ref.pdbx_db_isoform            ? 
_struct_ref.entity_id                  1 
_struct_ref.pdbx_seq_one_letter_code   ? 
_struct_ref.pdbx_align_begin           1 
# 
_struct_ref_seq.align_id                      1 
_struct_ref_seq.ref_id                        1 
_struct_ref_seq.pdbx_PDB_id_code              6HEQ 
_struct_ref_seq.pdbx_strand_id                A 
_struct_ref_seq.seq_align_beg                 1 
_struct_ref_seq.pdbx_seq_align_beg_ins_code   ? 
_struct_ref_seq.seq_align_end                 122 
_struct_ref_seq.pdbx_seq_align_end_ins_code   ? 
_struct_ref_seq.pdbx_db_accession             6HEQ 
_struct_ref_seq.db_align_beg                  2 
_struct_ref_seq.pdbx_db_align_beg_ins_code    ? 
_struct_ref_seq.db_align_end                  123 
_struct_ref_seq.pdbx_db_align_end_ins_code    ? 
_struct_ref_seq.pdbx_auth_seq_align_beg       2 
_struct_ref_seq.pdbx_auth_seq_align_end       123 
# 
_pdbx_struct_assembly.id                   1 
_pdbx_struct_assembly.details              author_and_software_defined_assembly 
_pdbx_struct_assembly.method_details       PISA 
_pdbx_struct_assembly.oligomeric_details   monomeric 
_pdbx_struct_assembly.oligomeric_count     1 
# 
loop_
_pdbx_struct_assembly_prop.biol_id 
_pdbx_struct_assembly_prop.type 
_pdbx_struct_assembly_prop.value 
_pdbx_struct_assembly_prop.details 
1 'ABSA (A^2)' 0    ? 
1 MORE         0    ? 
1 'SSA (A^2)'  6160 ? 
# 
_pdbx_struct_assembly_gen.assembly_id       1 
_pdbx_struct_assembly_gen.oper_expression   1 
_pdbx_struct_assembly_gen.asym_id_list      A,B 
# 
_pdbx_struct_oper_list.id                   1 
_pdbx_struct_oper_list.type                 'identity operation' 
_pdbx_struct_oper_list.name                 1_555 
_pdbx_struct_oper_list.symmetry_operation   x,y,z 
_pdbx_struct_oper_list.matrix[1][1]         1.0000000000 
_pdbx_struct_oper_list.matrix[1][2]         0.0000000000 
_pdbx_struct_oper_list.matrix[1][3]         0.0000000000 
_pdbx_struct_oper_list.vector[1]            0.0000000000 
_pdbx_struct_oper_list.matrix[2][1]         0.0000000000 
_pdbx_struct_oper_list.matrix[2][2]         1.0000000000 
_pdbx_struct_oper_list.matrix[2][3]         0.0000000000 
_pdbx_struct_oper_list.vector[2]            0.0000000000 
_pdbx_struct_oper_list.matrix[3][1]         0.0000000000 
_pdbx_struct_oper_list.matrix[3][2]         0.0000000000 
_pdbx_struct_oper_list.matrix[3][3]         1.0000000000 
_pdbx_struct_oper_list.vector[3]            0.0000000000 
# 
loop_
_struct_conf.conf_type_id 
_struct_conf.id 
_struct_conf.pdbx_PDB_helix_id 
_struct_conf.beg_label_comp_id 
_struct_conf.beg_label_asym_id 
_struct_conf.beg_label_seq_id 
_struct_conf.pdbx_beg_PDB_ins_code 
_struct_conf.end_label_comp_id 
_struct_conf.end_label_asym_id 
_struct_conf.end_label_seq_id 
_struct_conf.pdbx_end_PDB_ins_code 
_struct_conf.beg_auth_comp_id 
_struct_conf.beg_auth_asym_id 
_struct_conf.beg_auth_seq_id 
_struct_conf.end_auth_comp_id 
_struct_conf.end_auth_asym_id 
_struct_conf.end_auth_seq_id 
_struct_conf.pdbx_PDB_helix_class 
_struct_conf.details 
_struct_conf.pdbx_PDB_helix_length 
HELX_P HELX_P1 AA1 THR A 27  ? SER A 29  ? THR A 28  SER A 30  5 ? 3 
HELX_P HELX_P2 AA2 ASP A 61  ? LYS A 64  ? ASP A 62  LYS A 65  5 ? 4 
HELX_P HELX_P3 AA3 LYS A 86  ? THR A 90  ? LYS A 87  THR A 91  5 ? 5 
HELX_P HELX_P4 AA4 ALA A 106 ? TYR A 110 ? ALA A 107 TYR A 111 5 ? 5 
# 
_struct_conf_type.id          HELX_P 
_struct_conf_type.criteria    ? 
_struct_conf_type.reference   ? 
# 
_struct_conn.id                            disulf1 
_struct_conn.conn_type_id                  disulf 
_struct_conn.pdbx_leaving_atom_flag        ? 
_struct_conn.pdbx_PDB_id                   ? 
_struct_conn.ptnr1_label_asym_id           A 
_struct_conn.ptnr1_label_comp_id           CYS 
_struct_conn.ptnr1_label_seq_id            21 
_struct_conn.ptnr1_label_atom_id           SG 
_struct_conn.pdbx_ptnr1_label_alt_id       ? 
_struct_conn.pdbx_ptnr1_PDB_ins_code       ? 
_struct_conn.pdbx_ptnr1_standard_comp_id   ? 
_struct_conn.ptnr1_symmetry                1_555 
_struct_conn.ptnr2_label_asym_id           A 
_struct_conn.ptnr2_label_comp_id           CYS 
_struct_conn.ptnr2_label_seq_id            95 
_struct_conn.ptnr2_label_atom_id           SG 
_struct_conn.pdbx_ptnr2_label_alt_id       ? 
_struct_conn.pdbx_ptnr2_PDB_ins_code       ? 
_struct_conn.ptnr1_auth_asym_id            A 
_struct_conn.ptnr1_auth_comp_id            CYS 
_struct_conn.ptnr1_auth_seq_id             22 
_struct_conn.ptnr2_auth_asym_id            A 
_struct_conn.ptnr2_auth_comp_id            CYS 
_struct_conn.ptnr2_auth_seq_id             96 
_struct_conn.ptnr2_symmetry                1_555 
_struct_conn.pdbx_ptnr3_label_atom_id      ? 
_struct_conn.pdbx_ptnr3_label_seq_id       ? 
_struct_conn.pdbx_ptnr3_label_comp_id      ? 
_struct_conn.pdbx_ptnr3_label_asym_id      ? 
_struct_conn.pdbx_ptnr3_label_alt_id       ? 
_struct_conn.pdbx_ptnr3_PDB_ins_code       ? 
_struct_conn.details                       ? 
_struct_conn.pdbx_dist_value               2.015 
_struct_conn.pdbx_value_order              ? 
_struct_conn.pdbx_role                     ? 
# 
_struct_conn_type.id          disulf 
_struct_conn_type.criteria    ? 
_struct_conn_type.reference   ? 
# 
_pdbx_modification_feature.ordinal                            1 
_pdbx_modification_feature.label_comp_id                      CYS 
_pdbx_modification_feature.label_asym_id                      A 
_pdbx_modification_feature.label_seq_id                       21 
_pdbx_modification_feature.label_alt_id                       ? 
_pdbx_modification_feature.modified_residue_label_comp_id     CYS 
_pdbx_modification_feature.modified_residue_label_asym_id     A 
_pdbx_modification_feature.modified_residue_label_seq_id      95 
_pdbx_modification_feature.modified_residue_label_alt_id      ? 
_pdbx_modification_feature.auth_comp_id                       CYS 
_pdbx_modification_feature.auth_asym_id                       A 
_pdbx_modification_feature.auth_seq_id                        22 
_pdbx_modification_feature.PDB_ins_code                       ? 
_pdbx_modification_feature.symmetry                           1_555 
_pdbx_modification_feature.modified_residue_auth_comp_id      CYS 
_pdbx_modification_feature.modified_residue_auth_asym_id      A 
_pdbx_modification_feature.modified_residue_auth_seq_id       96 
_pdbx_modification_feature.modified_residue_PDB_ins_code      ? 
_pdbx_modification_feature.modified_residue_symmetry          1_555 
_pdbx_modification_feature.comp_id_linking_atom               SG 
_pdbx_modification_feature.modified_residue_id_linking_atom   SG 
_pdbx_modification_feature.modified_residue_id                . 
_pdbx_modification_feature.ref_pcm_id                         . 
_pdbx_modification_feature.ref_comp_id                        . 
_pdbx_modification_feature.type                               None 
_pdbx_modification_feature.category                           'Disulfide bridge' 
# 
loop_
_struct_sheet.id 
_struct_sheet.type 
_struct_sheet.number_strands 
_struct_sheet.details 
AA1 ? 4 ? 
AA2 ? 6 ? 
AA3 ? 4 ? 
# 
loop_
_struct_sheet_order.sheet_id 
_struct_sheet_order.range_id_1 
_struct_sheet_order.range_id_2 
_struct_sheet_order.offset 
_struct_sheet_order.sense 
AA1 1 2 ? anti-parallel 
AA1 2 3 ? anti-parallel 
AA1 3 4 ? anti-parallel 
AA2 1 2 ? parallel      
AA2 2 3 ? anti-parallel 
AA2 3 4 ? anti-parallel 
AA2 4 5 ? anti-parallel 
AA2 5 6 ? anti-parallel 
AA3 1 2 ? parallel      
AA3 2 3 ? anti-parallel 
AA3 3 4 ? anti-parallel 
# 
loop_
_struct_sheet_range.sheet_id 
_struct_sheet_range.id 
_struct_sheet_range.beg_label_comp_id 
_struct_sheet_range.beg_label_asym_id 
_struct_sheet_range.beg_label_seq_id 
_struct_sheet_range.pdbx_beg_PDB_ins_code 
_struct_sheet_range.end_label_comp_id 
_struct_sheet_range.end_label_asym_id 
_struct_sheet_range.end_label_seq_id 
_struct_sheet_range.pdbx_end_PDB_ins_code 
_struct_sheet_range.beg_auth_comp_id 
_struct_sheet_range.beg_auth_asym_id 
_struct_sheet_range.beg_auth_seq_id 
_struct_sheet_range.end_auth_comp_id 
_struct_sheet_range.end_auth_asym_id 
_struct_sheet_range.end_auth_seq_id 
AA1 1 GLN A 4   ? SER A 6   ? GLN A 5   SER A 7   
AA1 2 LEU A 17  ? ALA A 22  ? LEU A 18  ALA A 23  
AA1 3 THR A 77  ? MET A 82  ? THR A 78  MET A 83  
AA1 4 PHE A 67  ? ASP A 72  ? PHE A 68  ASP A 73  
AA2 1 GLY A 9   ? VAL A 11  ? GLY A 10  VAL A 12  
AA2 2 THR A 117 ? VAL A 121 ? THR A 118 VAL A 122 
AA2 3 ALA A 91  ? LEU A 99  ? ALA A 92  LEU A 100 
AA2 4 TYR A 31  ? GLN A 38  ? TYR A 32  GLN A 39  
AA2 5 GLU A 45  ? ILE A 50  ? GLU A 46  ILE A 51  
AA2 6 SER A 57  ? TYR A 59  ? SER A 58  TYR A 60  
AA3 1 GLY A 9   ? VAL A 11  ? GLY A 10  VAL A 12  
AA3 2 THR A 117 ? VAL A 121 ? THR A 118 VAL A 122 
AA3 3 ALA A 91  ? LEU A 99  ? ALA A 92  LEU A 100 
AA3 4 HIS A 112 ? TRP A 113 ? HIS A 113 TRP A 114 
# 
loop_
_pdbx_struct_sheet_hbond.sheet_id 
_pdbx_struct_sheet_hbond.range_id_1 
_pdbx_struct_sheet_hbond.range_id_2 
_pdbx_struct_sheet_hbond.range_1_label_atom_id 
_pdbx_struct_sheet_hbond.range_1_label_comp_id 
_pdbx_struct_sheet_hbond.range_1_label_asym_id 
_pdbx_struct_sheet_hbond.range_1_label_seq_id 
_pdbx_struct_sheet_hbond.range_1_PDB_ins_code 
_pdbx_struct_sheet_hbond.range_1_auth_atom_id 
_pdbx_struct_sheet_hbond.range_1_auth_comp_id 
_pdbx_struct_sheet_hbond.range_1_auth_asym_id 
_pdbx_struct_sheet_hbond.range_1_auth_seq_id 
_pdbx_struct_sheet_hbond.range_2_label_atom_id 
_pdbx_struct_sheet_hbond.range_2_label_comp_id 
_pdbx_struct_sheet_hbond.range_2_label_asym_id 
_pdbx_struct_sheet_hbond.range_2_label_seq_id 
_pdbx_struct_sheet_hbond.range_2_PDB_ins_code 
_pdbx_struct_sheet_hbond.range_2_auth_atom_id 
_pdbx_struct_sheet_hbond.range_2_auth_comp_id 
_pdbx_struct_sheet_hbond.range_2_auth_asym_id 
_pdbx_struct_sheet_hbond.range_2_auth_seq_id 
AA1 1 2 N GLN A 4   ? N GLN A 5   O ALA A 22  ? O ALA A 23  
AA1 2 3 N LEU A 17  ? N LEU A 18  O MET A 82  ? O MET A 83  
AA1 3 4 O THR A 77  ? O THR A 78  N ASP A 72  ? N ASP A 73  
AA2 1 2 N GLY A 9   ? N GLY A 10  O GLN A 118 ? O GLN A 119 
AA2 2 3 O THR A 117 ? O THR A 118 N TYR A 93  ? N TYR A 94  
AA2 3 4 O ALA A 96  ? O ALA A 97  N GLY A 34  ? N GLY A 35  
AA2 4 5 N ARG A 37  ? N ARG A 38  O GLU A 45  ? O GLU A 46  
AA2 5 6 N SER A 49  ? N SER A 50  O ASP A 58  ? O ASP A 59  
AA3 1 2 N GLY A 9   ? N GLY A 10  O GLN A 118 ? O GLN A 119 
AA3 2 3 O THR A 117 ? O THR A 118 N TYR A 93  ? N TYR A 94  
AA3 3 4 N ARG A 97  ? N ARG A 98  O HIS A 112 ? O HIS A 113 
# 
_pdbx_entry_details.entry_id                   6HEQ 
_pdbx_entry_details.compound_details           ? 
_pdbx_entry_details.source_details             ? 
_pdbx_entry_details.nonpolymer_details         ? 
_pdbx_entry_details.sequence_details           ? 
_pdbx_entry_details.has_ligand_of_interest     ? 
_pdbx_entry_details.has_protein_modification   Y 
# 
_pdbx_validate_torsion.id              1 
_pdbx_validate_torsion.PDB_model_num   1 
_pdbx_validate_torsion.auth_comp_id    ALA 
_pdbx_validate_torsion.auth_asym_id    A 
_pdbx_validate_torsion.auth_seq_id     92 
_pdbx_validate_torsion.PDB_ins_code    ? 
_pdbx_validate_torsion.label_alt_id    ? 
_pdbx_validate_torsion.phi             179.38 
_pdbx_validate_torsion.psi             168.93 
# 
loop_
_chem_comp_atom.comp_id 
_chem_comp_atom.atom_id 
_chem_comp_atom.type_symbol 
_chem_comp_atom.pdbx_aromatic_flag 
_chem_comp_atom.pdbx_stereo_config 
_chem_comp_atom.pdbx_ordinal 
ALA N    N N N 1   
ALA CA   C N S 2   
ALA C    C N N 3   
ALA O    O N N 4   
ALA CB   C N N 5   
ALA OXT  O N N 6   
ALA H    H N N 7   
ALA H2   H N N 8   
ALA HA   H N N 9   
ALA HB1  H N N 10  
ALA HB2  H N N 11  
ALA HB3  H N N 12  
ALA HXT  H N N 13  
ARG N    N N N 14  
ARG CA   C N S 15  
ARG C    C N N 16  
ARG O    O N N 17  
ARG CB   C N N 18  
ARG CG   C N N 19  
ARG CD   C N N 20  
ARG NE   N N N 21  
ARG CZ   C N N 22  
ARG NH1  N N N 23  
ARG NH2  N N N 24  
ARG OXT  O N N 25  
ARG H    H N N 26  
ARG H2   H N N 27  
ARG HA   H N N 28  
ARG HB2  H N N 29  
ARG HB3  H N N 30  
ARG HG2  H N N 31  
ARG HG3  H N N 32  
ARG HD2  H N N 33  
ARG HD3  H N N 34  
ARG HE   H N N 35  
ARG HH11 H N N 36  
ARG HH12 H N N 37  
ARG HH21 H N N 38  
ARG HH22 H N N 39  
ARG HXT  H N N 40  
ASN N    N N N 41  
ASN CA   C N S 42  
ASN C    C N N 43  
ASN O    O N N 44  
ASN CB   C N N 45  
ASN CG   C N N 46  
ASN OD1  O N N 47  
ASN ND2  N N N 48  
ASN OXT  O N N 49  
ASN H    H N N 50  
ASN H2   H N N 51  
ASN HA   H N N 52  
ASN HB2  H N N 53  
ASN HB3  H N N 54  
ASN HD21 H N N 55  
ASN HD22 H N N 56  
ASN HXT  H N N 57  
ASP N    N N N 58  
ASP CA   C N S 59  
ASP C    C N N 60  
ASP O    O N N 61  
ASP CB   C N N 62  
ASP CG   C N N 63  
ASP OD1  O N N 64  
ASP OD2  O N N 65  
ASP OXT  O N N 66  
ASP H    H N N 67  
ASP H2   H N N 68  
ASP HA   H N N 69  
ASP HB2  H N N 70  
ASP HB3  H N N 71  
ASP HD2  H N N 72  
ASP HXT  H N N 73  
CYS N    N N N 74  
CYS CA   C N R 75  
CYS C    C N N 76  
CYS O    O N N 77  
CYS CB   C N N 78  
CYS SG   S N N 79  
CYS OXT  O N N 80  
CYS H    H N N 81  
CYS H2   H N N 82  
CYS HA   H N N 83  
CYS HB2  H N N 84  
CYS HB3  H N N 85  
CYS HG   H N N 86  
CYS HXT  H N N 87  
GLN N    N N N 88  
GLN CA   C N S 89  
GLN C    C N N 90  
GLN O    O N N 91  
GLN CB   C N N 92  
GLN CG   C N N 93  
GLN CD   C N N 94  
GLN OE1  O N N 95  
GLN NE2  N N N 96  
GLN OXT  O N N 97  
GLN H    H N N 98  
GLN H2   H N N 99  
GLN HA   H N N 100 
GLN HB2  H N N 101 
GLN HB3  H N N 102 
GLN HG2  H N N 103 
GLN HG3  H N N 104 
GLN HE21 H N N 105 
GLN HE22 H N N 106 
GLN HXT  H N N 107 
GLU N    N N N 108 
GLU CA   C N S 109 
GLU C    C N N 110 
GLU O    O N N 111 
GLU CB   C N N 112 
GLU CG   C N N 113 
GLU CD   C N N 114 
GLU OE1  O N N 115 
GLU OE2  O N N 116 
GLU OXT  O N N 117 
GLU H    H N N 118 
GLU H2   H N N 119 
GLU HA   H N N 120 
GLU HB2  H N N 121 
GLU HB3  H N N 122 
GLU HG2  H N N 123 
GLU HG3  H N N 124 
GLU HE2  H N N 125 
GLU HXT  H N N 126 
GLY N    N N N 127 
GLY CA   C N N 128 
GLY C    C N N 129 
GLY O    O N N 130 
GLY OXT  O N N 131 
GLY H    H N N 132 
GLY H2   H N N 133 
GLY HA2  H N N 134 
GLY HA3  H N N 135 
GLY HXT  H N N 136 
HIS N    N N N 137 
HIS CA   C N S 138 
HIS C    C N N 139 
HIS O    O N N 140 
HIS CB   C N N 141 
HIS CG   C Y N 142 
HIS ND1  N Y N 143 
HIS CD2  C Y N 144 
HIS CE1  C Y N 145 
HIS NE2  N Y N 146 
HIS OXT  O N N 147 
HIS H    H N N 148 
HIS H2   H N N 149 
HIS HA   H N N 150 
HIS HB2  H N N 151 
HIS HB3  H N N 152 
HIS HD1  H N N 153 
HIS HD2  H N N 154 
HIS HE1  H N N 155 
HIS HE2  H N N 156 
HIS HXT  H N N 157 
HOH O    O N N 158 
HOH H1   H N N 159 
HOH H2   H N N 160 
ILE N    N N N 161 
ILE CA   C N S 162 
ILE C    C N N 163 
ILE O    O N N 164 
ILE CB   C N S 165 
ILE CG1  C N N 166 
ILE CG2  C N N 167 
ILE CD1  C N N 168 
ILE OXT  O N N 169 
ILE H    H N N 170 
ILE H2   H N N 171 
ILE HA   H N N 172 
ILE HB   H N N 173 
ILE HG12 H N N 174 
ILE HG13 H N N 175 
ILE HG21 H N N 176 
ILE HG22 H N N 177 
ILE HG23 H N N 178 
ILE HD11 H N N 179 
ILE HD12 H N N 180 
ILE HD13 H N N 181 
ILE HXT  H N N 182 
LEU N    N N N 183 
LEU CA   C N S 184 
LEU C    C N N 185 
LEU O    O N N 186 
LEU CB   C N N 187 
LEU CG   C N N 188 
LEU CD1  C N N 189 
LEU CD2  C N N 190 
LEU OXT  O N N 191 
LEU H    H N N 192 
LEU H2   H N N 193 
LEU HA   H N N 194 
LEU HB2  H N N 195 
LEU HB3  H N N 196 
LEU HG   H N N 197 
LEU HD11 H N N 198 
LEU HD12 H N N 199 
LEU HD13 H N N 200 
LEU HD21 H N N 201 
LEU HD22 H N N 202 
LEU HD23 H N N 203 
LEU HXT  H N N 204 
LYS N    N N N 205 
LYS CA   C N S 206 
LYS C    C N N 207 
LYS O    O N N 208 
LYS CB   C N N 209 
LYS CG   C N N 210 
LYS CD   C N N 211 
LYS CE   C N N 212 
LYS NZ   N N N 213 
LYS OXT  O N N 214 
LYS H    H N N 215 
LYS H2   H N N 216 
LYS HA   H N N 217 
LYS HB2  H N N 218 
LYS HB3  H N N 219 
LYS HG2  H N N 220 
LYS HG3  H N N 221 
LYS HD2  H N N 222 
LYS HD3  H N N 223 
LYS HE2  H N N 224 
LYS HE3  H N N 225 
LYS HZ1  H N N 226 
LYS HZ2  H N N 227 
LYS HZ3  H N N 228 
LYS HXT  H N N 229 
MET N    N N N 230 
MET CA   C N S 231 
MET C    C N N 232 
MET O    O N N 233 
MET CB   C N N 234 
MET CG   C N N 235 
MET SD   S N N 236 
MET CE   C N N 237 
MET OXT  O N N 238 
MET H    H N N 239 
MET H2   H N N 240 
MET HA   H N N 241 
MET HB2  H N N 242 
MET HB3  H N N 243 
MET HG2  H N N 244 
MET HG3  H N N 245 
MET HE1  H N N 246 
MET HE2  H N N 247 
MET HE3  H N N 248 
MET HXT  H N N 249 
PHE N    N N N 250 
PHE CA   C N S 251 
PHE C    C N N 252 
PHE O    O N N 253 
PHE CB   C N N 254 
PHE CG   C Y N 255 
PHE CD1  C Y N 256 
PHE CD2  C Y N 257 
PHE CE1  C Y N 258 
PHE CE2  C Y N 259 
PHE CZ   C Y N 260 
PHE OXT  O N N 261 
PHE H    H N N 262 
PHE H2   H N N 263 
PHE HA   H N N 264 
PHE HB2  H N N 265 
PHE HB3  H N N 266 
PHE HD1  H N N 267 
PHE HD2  H N N 268 
PHE HE1  H N N 269 
PHE HE2  H N N 270 
PHE HZ   H N N 271 
PHE HXT  H N N 272 
PRO N    N N N 273 
PRO CA   C N S 274 
PRO C    C N N 275 
PRO O    O N N 276 
PRO CB   C N N 277 
PRO CG   C N N 278 
PRO CD   C N N 279 
PRO OXT  O N N 280 
PRO H    H N N 281 
PRO HA   H N N 282 
PRO HB2  H N N 283 
PRO HB3  H N N 284 
PRO HG2  H N N 285 
PRO HG3  H N N 286 
PRO HD2  H N N 287 
PRO HD3  H N N 288 
PRO HXT  H N N 289 
SER N    N N N 290 
SER CA   C N S 291 
SER C    C N N 292 
SER O    O N N 293 
SER CB   C N N 294 
SER OG   O N N 295 
SER OXT  O N N 296 
SER H    H N N 297 
SER H2   H N N 298 
SER HA   H N N 299 
SER HB2  H N N 300 
SER HB3  H N N 301 
SER HG   H N N 302 
SER HXT  H N N 303 
THR N    N N N 304 
THR CA   C N S 305 
THR C    C N N 306 
THR O    O N N 307 
THR CB   C N R 308 
THR OG1  O N N 309 
THR CG2  C N N 310 
THR OXT  O N N 311 
THR H    H N N 312 
THR H2   H N N 313 
THR HA   H N N 314 
THR HB   H N N 315 
THR HG1  H N N 316 
THR HG21 H N N 317 
THR HG22 H N N 318 
THR HG23 H N N 319 
THR HXT  H N N 320 
TRP N    N N N 321 
TRP CA   C N S 322 
TRP C    C N N 323 
TRP O    O N N 324 
TRP CB   C N N 325 
TRP CG   C Y N 326 
TRP CD1  C Y N 327 
TRP CD2  C Y N 328 
TRP NE1  N Y N 329 
TRP CE2  C Y N 330 
TRP CE3  C Y N 331 
TRP CZ2  C Y N 332 
TRP CZ3  C Y N 333 
TRP CH2  C Y N 334 
TRP OXT  O N N 335 
TRP H    H N N 336 
TRP H2   H N N 337 
TRP HA   H N N 338 
TRP HB2  H N N 339 
TRP HB3  H N N 340 
TRP HD1  H N N 341 
TRP HE1  H N N 342 
TRP HE3  H N N 343 
TRP HZ2  H N N 344 
TRP HZ3  H N N 345 
TRP HH2  H N N 346 
TRP HXT  H N N 347 
TYR N    N N N 348 
TYR CA   C N S 349 
TYR C    C N N 350 
TYR O    O N N 351 
TYR CB   C N N 352 
TYR CG   C Y N 353 
TYR CD1  C Y N 354 
TYR CD2  C Y N 355 
TYR CE1  C Y N 356 
TYR CE2  C Y N 357 
TYR CZ   C Y N 358 
TYR OH   O N N 359 
TYR OXT  O N N 360 
TYR H    H N N 361 
TYR H2   H N N 362 
TYR HA   H N N 363 
TYR HB2  H N N 364 
TYR HB3  H N N 365 
TYR HD1  H N N 366 
TYR HD2  H N N 367 
TYR HE1  H N N 368 
TYR HE2  H N N 369 
TYR HH   H N N 370 
TYR HXT  H N N 371 
VAL N    N N N 372 
VAL CA   C N S 373 
VAL C    C N N 374 
VAL O    O N N 375 
VAL CB   C N N 376 
VAL CG1  C N N 377 
VAL CG2  C N N 378 
VAL OXT  O N N 379 
VAL H    H N N 380 
VAL H2   H N N 381 
VAL HA   H N N 382 
VAL HB   H N N 383 
VAL HG11 H N N 384 
VAL HG12 H N N 385 
VAL HG13 H N N 386 
VAL HG21 H N N 387 
VAL HG22 H N N 388 
VAL HG23 H N N 389 
VAL HXT  H N N 390 
# 
loop_
_chem_comp_bond.comp_id 
_chem_comp_bond.atom_id_1 
_chem_comp_bond.atom_id_2 
_chem_comp_bond.value_order 
_chem_comp_bond.pdbx_aromatic_flag 
_chem_comp_bond.pdbx_stereo_config 
_chem_comp_bond.pdbx_ordinal 
ALA N   CA   sing N N 1   
ALA N   H    sing N N 2   
ALA N   H2   sing N N 3   
ALA CA  C    sing N N 4   
ALA CA  CB   sing N N 5   
ALA CA  HA   sing N N 6   
ALA C   O    doub N N 7   
ALA C   OXT  sing N N 8   
ALA CB  HB1  sing N N 9   
ALA CB  HB2  sing N N 10  
ALA CB  HB3  sing N N 11  
ALA OXT HXT  sing N N 12  
ARG N   CA   sing N N 13  
ARG N   H    sing N N 14  
ARG N   H2   sing N N 15  
ARG CA  C    sing N N 16  
ARG CA  CB   sing N N 17  
ARG CA  HA   sing N N 18  
ARG C   O    doub N N 19  
ARG C   OXT  sing N N 20  
ARG CB  CG   sing N N 21  
ARG CB  HB2  sing N N 22  
ARG CB  HB3  sing N N 23  
ARG CG  CD   sing N N 24  
ARG CG  HG2  sing N N 25  
ARG CG  HG3  sing N N 26  
ARG CD  NE   sing N N 27  
ARG CD  HD2  sing N N 28  
ARG CD  HD3  sing N N 29  
ARG NE  CZ   sing N N 30  
ARG NE  HE   sing N N 31  
ARG CZ  NH1  sing N N 32  
ARG CZ  NH2  doub N N 33  
ARG NH1 HH11 sing N N 34  
ARG NH1 HH12 sing N N 35  
ARG NH2 HH21 sing N N 36  
ARG NH2 HH22 sing N N 37  
ARG OXT HXT  sing N N 38  
ASN N   CA   sing N N 39  
ASN N   H    sing N N 40  
ASN N   H2   sing N N 41  
ASN CA  C    sing N N 42  
ASN CA  CB   sing N N 43  
ASN CA  HA   sing N N 44  
ASN C   O    doub N N 45  
ASN C   OXT  sing N N 46  
ASN CB  CG   sing N N 47  
ASN CB  HB2  sing N N 48  
ASN CB  HB3  sing N N 49  
ASN CG  OD1  doub N N 50  
ASN CG  ND2  sing N N 51  
ASN ND2 HD21 sing N N 52  
ASN ND2 HD22 sing N N 53  
ASN OXT HXT  sing N N 54  
ASP N   CA   sing N N 55  
ASP N   H    sing N N 56  
ASP N   H2   sing N N 57  
ASP CA  C    sing N N 58  
ASP CA  CB   sing N N 59  
ASP CA  HA   sing N N 60  
ASP C   O    doub N N 61  
ASP C   OXT  sing N N 62  
ASP CB  CG   sing N N 63  
ASP CB  HB2  sing N N 64  
ASP CB  HB3  sing N N 65  
ASP CG  OD1  doub N N 66  
ASP CG  OD2  sing N N 67  
ASP OD2 HD2  sing N N 68  
ASP OXT HXT  sing N N 69  
CYS N   CA   sing N N 70  
CYS N   H    sing N N 71  
CYS N   H2   sing N N 72  
CYS CA  C    sing N N 73  
CYS CA  CB   sing N N 74  
CYS CA  HA   sing N N 75  
CYS C   O    doub N N 76  
CYS C   OXT  sing N N 77  
CYS CB  SG   sing N N 78  
CYS CB  HB2  sing N N 79  
CYS CB  HB3  sing N N 80  
CYS SG  HG   sing N N 81  
CYS OXT HXT  sing N N 82  
GLN N   CA   sing N N 83  
GLN N   H    sing N N 84  
GLN N   H2   sing N N 85  
GLN CA  C    sing N N 86  
GLN CA  CB   sing N N 87  
GLN CA  HA   sing N N 88  
GLN C   O    doub N N 89  
GLN C   OXT  sing N N 90  
GLN CB  CG   sing N N 91  
GLN CB  HB2  sing N N 92  
GLN CB  HB3  sing N N 93  
GLN CG  CD   sing N N 94  
GLN CG  HG2  sing N N 95  
GLN CG  HG3  sing N N 96  
GLN CD  OE1  doub N N 97  
GLN CD  NE2  sing N N 98  
GLN NE2 HE21 sing N N 99  
GLN NE2 HE22 sing N N 100 
GLN OXT HXT  sing N N 101 
GLU N   CA   sing N N 102 
GLU N   H    sing N N 103 
GLU N   H2   sing N N 104 
GLU CA  C    sing N N 105 
GLU CA  CB   sing N N 106 
GLU CA  HA   sing N N 107 
GLU C   O    doub N N 108 
GLU C   OXT  sing N N 109 
GLU CB  CG   sing N N 110 
GLU CB  HB2  sing N N 111 
GLU CB  HB3  sing N N 112 
GLU CG  CD   sing N N 113 
GLU CG  HG2  sing N N 114 
GLU CG  HG3  sing N N 115 
GLU CD  OE1  doub N N 116 
GLU CD  OE2  sing N N 117 
GLU OE2 HE2  sing N N 118 
GLU OXT HXT  sing N N 119 
GLY N   CA   sing N N 120 
GLY N   H    sing N N 121 
GLY N   H2   sing N N 122 
GLY CA  C    sing N N 123 
GLY CA  HA2  sing N N 124 
GLY CA  HA3  sing N N 125 
GLY C   O    doub N N 126 
GLY C   OXT  sing N N 127 
GLY OXT HXT  sing N N 128 
HIS N   CA   sing N N 129 
HIS N   H    sing N N 130 
HIS N   H2   sing N N 131 
HIS CA  C    sing N N 132 
HIS CA  CB   sing N N 133 
HIS CA  HA   sing N N 134 
HIS C   O    doub N N 135 
HIS C   OXT  sing N N 136 
HIS CB  CG   sing N N 137 
HIS CB  HB2  sing N N 138 
HIS CB  HB3  sing N N 139 
HIS CG  ND1  sing Y N 140 
HIS CG  CD2  doub Y N 141 
HIS ND1 CE1  doub Y N 142 
HIS ND1 HD1  sing N N 143 
HIS CD2 NE2  sing Y N 144 
HIS CD2 HD2  sing N N 145 
HIS CE1 NE2  sing Y N 146 
HIS CE1 HE1  sing N N 147 
HIS NE2 HE2  sing N N 148 
HIS OXT HXT  sing N N 149 
HOH O   H1   sing N N 150 
HOH O   H2   sing N N 151 
ILE N   CA   sing N N 152 
ILE N   H    sing N N 153 
ILE N   H2   sing N N 154 
ILE CA  C    sing N N 155 
ILE CA  CB   sing N N 156 
ILE CA  HA   sing N N 157 
ILE C   O    doub N N 158 
ILE C   OXT  sing N N 159 
ILE CB  CG1  sing N N 160 
ILE CB  CG2  sing N N 161 
ILE CB  HB   sing N N 162 
ILE CG1 CD1  sing N N 163 
ILE CG1 HG12 sing N N 164 
ILE CG1 HG13 sing N N 165 
ILE CG2 HG21 sing N N 166 
ILE CG2 HG22 sing N N 167 
ILE CG2 HG23 sing N N 168 
ILE CD1 HD11 sing N N 169 
ILE CD1 HD12 sing N N 170 
ILE CD1 HD13 sing N N 171 
ILE OXT HXT  sing N N 172 
LEU N   CA   sing N N 173 
LEU N   H    sing N N 174 
LEU N   H2   sing N N 175 
LEU CA  C    sing N N 176 
LEU CA  CB   sing N N 177 
LEU CA  HA   sing N N 178 
LEU C   O    doub N N 179 
LEU C   OXT  sing N N 180 
LEU CB  CG   sing N N 181 
LEU CB  HB2  sing N N 182 
LEU CB  HB3  sing N N 183 
LEU CG  CD1  sing N N 184 
LEU CG  CD2  sing N N 185 
LEU CG  HG   sing N N 186 
LEU CD1 HD11 sing N N 187 
LEU CD1 HD12 sing N N 188 
LEU CD1 HD13 sing N N 189 
LEU CD2 HD21 sing N N 190 
LEU CD2 HD22 sing N N 191 
LEU CD2 HD23 sing N N 192 
LEU OXT HXT  sing N N 193 
LYS N   CA   sing N N 194 
LYS N   H    sing N N 195 
LYS N   H2   sing N N 196 
LYS CA  C    sing N N 197 
LYS CA  CB   sing N N 198 
LYS CA  HA   sing N N 199 
LYS C   O    doub N N 200 
LYS C   OXT  sing N N 201 
LYS CB  CG   sing N N 202 
LYS CB  HB2  sing N N 203 
LYS CB  HB3  sing N N 204 
LYS CG  CD   sing N N 205 
LYS CG  HG2  sing N N 206 
LYS CG  HG3  sing N N 207 
LYS CD  CE   sing N N 208 
LYS CD  HD2  sing N N 209 
LYS CD  HD3  sing N N 210 
LYS CE  NZ   sing N N 211 
LYS CE  HE2  sing N N 212 
LYS CE  HE3  sing N N 213 
LYS NZ  HZ1  sing N N 214 
LYS NZ  HZ2  sing N N 215 
LYS NZ  HZ3  sing N N 216 
LYS OXT HXT  sing N N 217 
MET N   CA   sing N N 218 
MET N   H    sing N N 219 
MET N   H2   sing N N 220 
MET CA  C    sing N N 221 
MET CA  CB   sing N N 222 
MET CA  HA   sing N N 223 
MET C   O    doub N N 224 
MET C   OXT  sing N N 225 
MET CB  CG   sing N N 226 
MET CB  HB2  sing N N 227 
MET CB  HB3  sing N N 228 
MET CG  SD   sing N N 229 
MET CG  HG2  sing N N 230 
MET CG  HG3  sing N N 231 
MET SD  CE   sing N N 232 
MET CE  HE1  sing N N 233 
MET CE  HE2  sing N N 234 
MET CE  HE3  sing N N 235 
MET OXT HXT  sing N N 236 
PHE N   CA   sing N N 237 
PHE N   H    sing N N 238 
PHE N   H2   sing N N 239 
PHE CA  C    sing N N 240 
PHE CA  CB   sing N N 241 
PHE CA  HA   sing N N 242 
PHE C   O    doub N N 243 
PHE C   OXT  sing N N 244 
PHE CB  CG   sing N N 245 
PHE CB  HB2  sing N N 246 
PHE CB  HB3  sing N N 247 
PHE CG  CD1  doub Y N 248 
PHE CG  CD2  sing Y N 249 
PHE CD1 CE1  sing Y N 250 
PHE CD1 HD1  sing N N 251 
PHE CD2 CE2  doub Y N 252 
PHE CD2 HD2  sing N N 253 
PHE CE1 CZ   doub Y N 254 
PHE CE1 HE1  sing N N 255 
PHE CE2 CZ   sing Y N 256 
PHE CE2 HE2  sing N N 257 
PHE CZ  HZ   sing N N 258 
PHE OXT HXT  sing N N 259 
PRO N   CA   sing N N 260 
PRO N   CD   sing N N 261 
PRO N   H    sing N N 262 
PRO CA  C    sing N N 263 
PRO CA  CB   sing N N 264 
PRO CA  HA   sing N N 265 
PRO C   O    doub N N 266 
PRO C   OXT  sing N N 267 
PRO CB  CG   sing N N 268 
PRO CB  HB2  sing N N 269 
PRO CB  HB3  sing N N 270 
PRO CG  CD   sing N N 271 
PRO CG  HG2  sing N N 272 
PRO CG  HG3  sing N N 273 
PRO CD  HD2  sing N N 274 
PRO CD  HD3  sing N N 275 
PRO OXT HXT  sing N N 276 
SER N   CA   sing N N 277 
SER N   H    sing N N 278 
SER N   H2   sing N N 279 
SER CA  C    sing N N 280 
SER CA  CB   sing N N 281 
SER CA  HA   sing N N 282 
SER C   O    doub N N 283 
SER C   OXT  sing N N 284 
SER CB  OG   sing N N 285 
SER CB  HB2  sing N N 286 
SER CB  HB3  sing N N 287 
SER OG  HG   sing N N 288 
SER OXT HXT  sing N N 289 
THR N   CA   sing N N 290 
THR N   H    sing N N 291 
THR N   H2   sing N N 292 
THR CA  C    sing N N 293 
THR CA  CB   sing N N 294 
THR CA  HA   sing N N 295 
THR C   O    doub N N 296 
THR C   OXT  sing N N 297 
THR CB  OG1  sing N N 298 
THR CB  CG2  sing N N 299 
THR CB  HB   sing N N 300 
THR OG1 HG1  sing N N 301 
THR CG2 HG21 sing N N 302 
THR CG2 HG22 sing N N 303 
THR CG2 HG23 sing N N 304 
THR OXT HXT  sing N N 305 
TRP N   CA   sing N N 306 
TRP N   H    sing N N 307 
TRP N   H2   sing N N 308 
TRP CA  C    sing N N 309 
TRP CA  CB   sing N N 310 
TRP CA  HA   sing N N 311 
TRP C   O    doub N N 312 
TRP C   OXT  sing N N 313 
TRP CB  CG   sing N N 314 
TRP CB  HB2  sing N N 315 
TRP CB  HB3  sing N N 316 
TRP CG  CD1  doub Y N 317 
TRP CG  CD2  sing Y N 318 
TRP CD1 NE1  sing Y N 319 
TRP CD1 HD1  sing N N 320 
TRP CD2 CE2  doub Y N 321 
TRP CD2 CE3  sing Y N 322 
TRP NE1 CE2  sing Y N 323 
TRP NE1 HE1  sing N N 324 
TRP CE2 CZ2  sing Y N 325 
TRP CE3 CZ3  doub Y N 326 
TRP CE3 HE3  sing N N 327 
TRP CZ2 CH2  doub Y N 328 
TRP CZ2 HZ2  sing N N 329 
TRP CZ3 CH2  sing Y N 330 
TRP CZ3 HZ3  sing N N 331 
TRP CH2 HH2  sing N N 332 
TRP OXT HXT  sing N N 333 
TYR N   CA   sing N N 334 
TYR N   H    sing N N 335 
TYR N   H2   sing N N 336 
TYR CA  C    sing N N 337 
TYR CA  CB   sing N N 338 
TYR CA  HA   sing N N 339 
TYR C   O    doub N N 340 
TYR C   OXT  sing N N 341 
TYR CB  CG   sing N N 342 
TYR CB  HB2  sing N N 343 
TYR CB  HB3  sing N N 344 
TYR CG  CD1  doub Y N 345 
TYR CG  CD2  sing Y N 346 
TYR CD1 CE1  sing Y N 347 
TYR CD1 HD1  sing N N 348 
TYR CD2 CE2  doub Y N 349 
TYR CD2 HD2  sing N N 350 
TYR CE1 CZ   doub Y N 351 
TYR CE1 HE1  sing N N 352 
TYR CE2 CZ   sing Y N 353 
TYR CE2 HE2  sing N N 354 
TYR CZ  OH   sing N N 355 
TYR OH  HH   sing N N 356 
TYR OXT HXT  sing N N 357 
VAL N   CA   sing N N 358 
VAL N   H    sing N N 359 
VAL N   H2   sing N N 360 
VAL CA  C    sing N N 361 
VAL CA  CB   sing N N 362 
VAL CA  HA   sing N N 363 
VAL C   O    doub N N 364 
VAL C   OXT  sing N N 365 
VAL CB  CG1  sing N N 366 
VAL CB  CG2  sing N N 367 
VAL CB  HB   sing N N 368 
VAL CG1 HG11 sing N N 369 
VAL CG1 HG12 sing N N 370 
VAL CG1 HG13 sing N N 371 
VAL CG2 HG21 sing N N 372 
VAL CG2 HG22 sing N N 373 
VAL CG2 HG23 sing N N 374 
VAL OXT HXT  sing N N 375 
# 
_atom_sites.entry_id                    6HEQ 
_atom_sites.fract_transf_matrix[1][1]   -0.02190449 
_atom_sites.fract_transf_matrix[1][2]   -0.01616769 
_atom_sites.fract_transf_matrix[1][3]   -0.01915612 
_atom_sites.fract_transf_matrix[2][1]   -0.01724437 
_atom_sites.fract_transf_matrix[2][2]   -0.00109211 
_atom_sites.fract_transf_matrix[2][3]   0.02064020 
_atom_sites.fract_transf_matrix[3][1]   -0.00476805 
_atom_sites.fract_transf_matrix[3][2]   0.01052027 
_atom_sites.fract_transf_matrix[3][3]   -0.00342694 
_atom_sites.fract_transf_vector[1]      0.392282 
_atom_sites.fract_transf_vector[2]      -0.013336 
_atom_sites.fract_transf_vector[3]      -0.121381 
# 
loop_
_atom_type.symbol 
C 
N 
O 
S 
# 
loop_
_atom_site.group_PDB 
_atom_site.id 
_atom_site.type_symbol 
_atom_site.label_atom_id 
_atom_site.label_alt_id 
_atom_site.label_comp_id 
_atom_site.label_asym_id 
_atom_site.label_entity_id 
_atom_site.label_seq_id 
_atom_site.pdbx_PDB_ins_code 
_atom_site.Cartn_x 
_atom_site.Cartn_y 
_atom_site.Cartn_z 
_atom_site.occupancy 
_atom_site.B_iso_or_equiv 
_atom_site.pdbx_formal_charge 
_atom_site.auth_seq_id 
_atom_site.auth_comp_id 
_atom_site.auth_asym_id 
_atom_site.auth_atom_id 
_atom_site.pdbx_PDB_model_num 
ATOM   1    N N   . VAL A 1 1   ? 12.272  -5.892  11.713  1.00 20.52 ? 2   VAL A N   1 
ATOM   2    C CA  . VAL A 1 1   ? 11.192  -5.774  10.689  1.00 19.86 ? 2   VAL A CA  1 
ATOM   3    C C   . VAL A 1 1   ? 9.892   -5.326  11.348  1.00 18.49 ? 2   VAL A C   1 
ATOM   4    O O   . VAL A 1 1   ? 9.416   -5.943  12.300  1.00 18.80 ? 2   VAL A O   1 
ATOM   5    C CB  . VAL A 1 1   ? 10.957  -7.107  9.937   1.00 20.28 ? 2   VAL A CB  1 
ATOM   6    C CG1 . VAL A 1 1   ? 9.812   -6.972  8.928   1.00 20.81 ? 2   VAL A CG1 1 
ATOM   7    C CG2 . VAL A 1 1   ? 12.226  -7.554  9.224   1.00 21.57 ? 2   VAL A CG2 1 
ATOM   8    N N   . GLN A 1 2   ? 9.325   -4.235  10.844  1.00 16.70 ? 3   GLN A N   1 
ATOM   9    C CA  . GLN A 1 2   ? 8.054   -3.717  11.356  1.00 14.88 ? 3   GLN A CA  1 
ATOM   10   C C   . GLN A 1 2   ? 6.875   -4.142  10.490  1.00 13.11 ? 3   GLN A C   1 
ATOM   11   O O   . GLN A 1 2   ? 5.746   -4.204  10.972  1.00 12.64 ? 3   GLN A O   1 
ATOM   12   C CB  . GLN A 1 2   ? 8.080   -2.182  11.405  1.00 15.61 ? 3   GLN A CB  1 
ATOM   13   C CG  . GLN A 1 2   ? 9.084   -1.598  12.401  1.00 17.73 ? 3   GLN A CG  1 
ATOM   14   C CD  . GLN A 1 2   ? 8.675   -1.837  13.840  1.00 21.53 ? 3   GLN A CD  1 
ATOM   15   O OE1 . GLN A 1 2   ? 7.549   -1.528  14.244  1.00 22.79 ? 3   GLN A OE1 1 
ATOM   16   N NE2 . GLN A 1 2   ? 9.590   -2.392  14.627  1.00 24.42 ? 3   GLN A NE2 1 
ATOM   17   N N   . LEU A 1 3   ? 7.141   -4.355  9.205   1.00 11.40 ? 4   LEU A N   1 
ATOM   18   C CA  . LEU A 1 3   ? 6.104   -4.560  8.204   1.00 10.98 ? 4   LEU A CA  1 
ATOM   19   C C   . LEU A 1 3   ? 6.503   -5.680  7.289   1.00 11.63 ? 4   LEU A C   1 
ATOM   20   O O   . LEU A 1 3   ? 7.666   -5.751  6.860   1.00 13.14 ? 4   LEU A O   1 
ATOM   21   C CB  . LEU A 1 3   ? 5.981   -3.314  7.347   1.00 10.63 ? 4   LEU A CB  1 
ATOM   22   C CG  . LEU A 1 3   ? 5.612   -2.031  8.073   1.00 9.31  ? 4   LEU A CG  1 
ATOM   23   C CD1 . LEU A 1 3   ? 5.713   -0.851  7.130   1.00 9.77  ? 4   LEU A CD1 1 
ATOM   24   C CD2 . LEU A 1 3   ? 4.214   -2.136  8.648   1.00 10.59 ? 4   LEU A CD2 1 
ATOM   25   N N   . GLN A 1 4   ? 5.537   -6.532  6.979   1.00 12.32 ? 5   GLN A N   1 
ATOM   26   C CA  . GLN A 1 4   ? 5.745   -7.686  6.115   1.00 13.16 ? 5   GLN A CA  1 
ATOM   27   C C   . GLN A 1 4   ? 4.696   -7.722  5.006   1.00 11.83 ? 5   GLN A C   1 
ATOM   28   O O   . GLN A 1 4   ? 3.499   -7.849  5.265   1.00 11.02 ? 5   GLN A O   1 
ATOM   29   C CB  . GLN A 1 4   ? 5.707   -8.973  6.945   1.00 14.71 ? 5   GLN A CB  1 
ATOM   30   C CG  . GLN A 1 4   ? 5.895   -10.274 6.171   1.00 19.21 ? 5   GLN A CG  1 
ATOM   31   C CD  . GLN A 1 4   ? 7.321   -10.500 5.717   1.00 23.77 ? 5   GLN A CD  1 
ATOM   32   O OE1 . GLN A 1 4   ? 8.281   -10.033 6.340   1.00 26.45 ? 5   GLN A OE1 1 
ATOM   33   N NE2 . GLN A 1 4   ? 7.473   -11.237 4.627   1.00 26.03 ? 5   GLN A NE2 1 
ATOM   34   N N   . GLU A 1 5   ? 5.171   -7.608  3.774   1.00 11.23 ? 6   GLU A N   1 
ATOM   35   C CA  . GLU A 1 5   ? 4.289   -7.581  2.618   1.00 10.52 ? 6   GLU A CA  1 
ATOM   36   C C   . GLU A 1 5   ? 4.029   -8.969  2.075   1.00 10.05 ? 6   GLU A C   1 
ATOM   37   O O   . GLU A 1 5   ? 4.901   -9.846  2.103   1.00 10.07 ? 6   GLU A O   1 
ATOM   38   C CB  . GLU A 1 5   ? 4.878   -6.759  1.483   1.00 11.24 ? 6   GLU A CB  1 
ATOM   39   C CG  . GLU A 1 5   ? 5.018   -5.263  1.729   1.00 12.19 ? 6   GLU A CG  1 
ATOM   40   C CD  . GLU A 1 5   ? 6.454   -4.778  1.793   1.00 10.22 ? 6   GLU A CD  1 
ATOM   41   O OE1 . GLU A 1 5   ? 7.376   -5.582  2.049   1.00 14.87 ? 6   GLU A OE1 1 
ATOM   42   O OE2 . GLU A 1 5   ? 6.651   -3.573  1.617   1.00 8.64  ? 6   GLU A OE2 1 
ATOM   43   N N   . SER A 1 6   ? 2.820   -9.161  1.568   1.00 8.08  ? 7   SER A N   1 
ATOM   44   C CA  . SER A 1 6   ? 2.468   -10.352 0.809   1.00 8.73  ? 7   SER A CA  1 
ATOM   45   C C   . SER A 1 6   ? 1.781   -9.912  -0.483  1.00 7.82  ? 7   SER A C   1 
ATOM   46   O O   . SER A 1 6   ? 1.334   -8.739  -0.640  1.00 7.54  ? 7   SER A O   1 
ATOM   47   C CB  . SER A 1 6   ? 1.557   -11.291 1.620   1.00 10.27 ? 7   SER A CB  1 
ATOM   48   O OG  . SER A 1 6   ? 2.239   -11.766 2.762   1.00 12.29 ? 7   SER A OG  1 
ATOM   49   N N   . GLY A 1 7   ? 1.682   -10.855 -1.413  1.00 7.58  ? 8   GLY A N   1 
ATOM   50   C CA  . GLY A 1 7   ? 1.161   -10.579 -2.726  1.00 8.22  ? 8   GLY A CA  1 
ATOM   51   C C   . GLY A 1 7   ? 2.266   -10.102 -3.640  1.00 8.09  ? 8   GLY A C   1 
ATOM   52   O O   . GLY A 1 7   ? 3.373   -9.804  -3.185  1.00 8.86  ? 8   GLY A O   1 
ATOM   53   N N   . GLY A 1 8   ? 1.972   -10.076 -4.931  1.00 8.94  ? 9   GLY A N   1 
ATOM   54   C CA  . GLY A 1 8   ? 2.903   -9.599  -5.925  1.00 9.20  ? 9   GLY A CA  1 
ATOM   55   C C   . GLY A 1 8   ? 2.949   -10.568 -7.087  1.00 8.59  ? 9   GLY A C   1 
ATOM   56   O O   . GLY A 1 8   ? 2.095   -11.454 -7.233  1.00 8.63  ? 9   GLY A O   1 
ATOM   57   N N   . GLY A 1 9   ? 3.954   -10.389 -7.929  1.00 9.08  ? 10  GLY A N   1 
ATOM   58   C CA  . GLY A 1 9   ? 4.181   -11.302 -9.036  1.00 9.38  ? 10  GLY A CA  1 
ATOM   59   C C   . GLY A 1 9   ? 3.634   -10.786 -10.339 1.00 8.79  ? 10  GLY A C   1 
ATOM   60   O O   . GLY A 1 9   ? 3.551   -9.569  -10.564 1.00 9.76  ? 10  GLY A O   1 
ATOM   61   N N   . LEU A 1 10  ? 3.263   -11.719 -11.209 1.00 9.37  ? 11  LEU A N   1 
ATOM   62   C CA  . LEU A 1 10  ? 2.893   -11.409 -12.573 1.00 9.93  ? 11  LEU A CA  1 
ATOM   63   C C   . LEU A 1 10  ? 1.392   -11.312 -12.694 1.00 10.59 ? 11  LEU A C   1 
ATOM   64   O O   . LEU A 1 10  ? 0.656   -12.052 -12.057 1.00 12.11 ? 11  LEU A O   1 
ATOM   65   C CB  . LEU A 1 10  ? 3.427   -12.508 -13.491 1.00 10.69 ? 11  LEU A CB  1 
ATOM   66   C CG  . LEU A 1 10  ? 3.275   -12.337 -14.995 1.00 12.20 ? 11  LEU A CG  1 
ATOM   67   C CD1 . LEU A 1 10  ? 4.079   -11.143 -15.497 1.00 14.92 ? 11  LEU A CD1 1 
ATOM   68   C CD2 . LEU A 1 10  ? 3.723   -13.662 -15.653 1.00 13.43 ? 11  LEU A CD2 1 
ATOM   69   N N   . VAL A 1 11  ? 0.935   -10.378 -13.514 1.00 9.87  ? 12  VAL A N   1 
ATOM   70   C CA  . VAL A 1 11  ? -0.488  -10.196 -13.747 1.00 11.06 ? 12  VAL A CA  1 
ATOM   71   C C   . VAL A 1 11  ? -0.659  -9.777  -15.200 1.00 10.73 ? 12  VAL A C   1 
ATOM   72   O O   . VAL A 1 11  ? 0.167   -9.060  -15.761 1.00 10.87 ? 12  VAL A O   1 
ATOM   73   C CB  . VAL A 1 11  ? -1.115  -9.174  -12.735 1.00 11.87 ? 12  VAL A CB  1 
ATOM   74   C CG1 . VAL A 1 11  ? -0.490  -7.822  -12.876 1.00 13.24 ? 12  VAL A CG1 1 
ATOM   75   C CG2 . VAL A 1 11  ? -2.637  -9.099  -12.859 1.00 12.73 ? 12  VAL A CG2 1 
ATOM   76   N N   . GLN A 1 12  ? -1.730  -10.267 -15.822 1.00 12.19 ? 13  GLN A N   1 
ATOM   77   C CA  . GLN A 1 12  ? -2.079  -9.858  -17.177 1.00 12.70 ? 13  GLN A CA  1 
ATOM   78   C C   . GLN A 1 12  ? -2.768  -8.488  -17.140 1.00 12.15 ? 13  GLN A C   1 
ATOM   79   O O   . GLN A 1 12  ? -3.422  -8.157  -16.163 1.00 12.03 ? 13  GLN A O   1 
ATOM   80   C CB  . GLN A 1 12  ? -2.988  -10.906 -17.819 1.00 13.67 ? 13  GLN A CB  1 
ATOM   81   C CG  . GLN A 1 12  ? -2.373  -12.313 -17.870 1.00 15.57 ? 13  GLN A CG  1 
ATOM   82   C CD  . GLN A 1 12  ? -1.020  -12.369 -18.584 1.00 19.37 ? 13  GLN A CD  1 
ATOM   83   O OE1 . GLN A 1 12  ? -0.869  -11.888 -19.713 1.00 20.75 ? 13  GLN A OE1 1 
ATOM   84   N NE2 . GLN A 1 12  ? -0.029  -12.966 -17.923 1.00 22.12 ? 13  GLN A NE2 1 
ATOM   85   N N   . PRO A 1 13  ? -2.604  -7.673  -18.192 1.00 12.04 ? 14  PRO A N   1 
ATOM   86   C CA  . PRO A 1 13  ? -3.338  -6.413  -18.272 1.00 11.25 ? 14  PRO A CA  1 
ATOM   87   C C   . PRO A 1 13  ? -4.831  -6.679  -18.139 1.00 10.67 ? 14  PRO A C   1 
ATOM   88   O O   . PRO A 1 13  ? -5.353  -7.643  -18.732 1.00 10.28 ? 14  PRO A O   1 
ATOM   89   C CB  . PRO A 1 13  ? -2.995  -5.887  -19.664 1.00 11.95 ? 14  PRO A CB  1 
ATOM   90   C CG  . PRO A 1 13  ? -1.735  -6.513  -20.010 1.00 13.18 ? 14  PRO A CG  1 
ATOM   91   C CD  . PRO A 1 13  ? -1.666  -7.839  -19.312 1.00 12.63 ? 14  PRO A CD  1 
ATOM   92   N N   . GLY A 1 14  ? -5.507  -5.886  -17.325 1.00 9.62  ? 15  GLY A N   1 
ATOM   93   C CA  . GLY A 1 14  ? -6.921  -6.068  -17.079 1.00 9.28  ? 15  GLY A CA  1 
ATOM   94   C C   . GLY A 1 14  ? -7.202  -7.016  -15.929 1.00 8.78  ? 15  GLY A C   1 
ATOM   95   O O   . GLY A 1 14  ? -8.331  -7.103  -15.487 1.00 9.69  ? 15  GLY A O   1 
ATOM   96   N N   . GLY A 1 15  ? -6.170  -7.709  -15.447 1.00 9.43  ? 16  GLY A N   1 
ATOM   97   C CA  . GLY A 1 15  ? -6.311  -8.605  -14.306 1.00 9.44  ? 16  GLY A CA  1 
ATOM   98   C C   . GLY A 1 15  ? -6.233  -7.878  -12.965 1.00 9.14  ? 16  GLY A C   1 
ATOM   99   O O   . GLY A 1 15  ? -6.127  -6.649  -12.894 1.00 9.51  ? 16  GLY A O   1 
ATOM   100  N N   . SER A 1 16  ? -6.296  -8.665  -11.893 1.00 8.13  ? 17  SER A N   1 
ATOM   101  C CA  . SER A 1 16  ? -6.297  -8.187  -10.526 1.00 8.65  ? 17  SER A CA  1 
ATOM   102  C C   . SER A 1 16  ? -5.247  -8.882  -9.681  1.00 9.24  ? 17  SER A C   1 
ATOM   103  O O   . SER A 1 16  ? -4.884  -10.032 -9.926  1.00 9.62  ? 17  SER A O   1 
ATOM   104  C CB  . SER A 1 16  ? -7.647  -8.459  -9.874  1.00 8.62  ? 17  SER A CB  1 
ATOM   105  O OG  . SER A 1 16  ? -8.680  -7.861  -10.612 1.00 8.88  ? 17  SER A OG  1 
ATOM   106  N N   . LEU A 1 17  ? -4.804  -8.193  -8.637  1.00 8.90  ? 18  LEU A N   1 
ATOM   107  C CA  . LEU A 1 17  ? -3.878  -8.740  -7.645  1.00 10.37 ? 18  LEU A CA  1 
ATOM   108  C C   . LEU A 1 17  ? -4.176  -8.082  -6.311  1.00 9.84  ? 18  LEU A C   1 
ATOM   109  O O   . LEU A 1 17  ? -4.446  -6.878  -6.270  1.00 10.34 ? 18  LEU A O   1 
ATOM   110  C CB  . LEU A 1 17  ? -2.437  -8.410  -8.068  1.00 12.38 ? 18  LEU A CB  1 
ATOM   111  C CG  . LEU A 1 17  ? -1.235  -8.754  -7.217  1.00 16.12 ? 18  LEU A CG  1 
ATOM   112  C CD1 . LEU A 1 17  ? -0.008  -8.731  -8.066  1.00 18.55 ? 18  LEU A CD1 1 
ATOM   113  C CD2 . LEU A 1 17  ? -1.118  -7.723  -6.147  1.00 20.01 ? 18  LEU A CD2 1 
ATOM   114  N N   . ARG A 1 18  ? -4.093  -8.844  -5.229  1.00 9.33  ? 19  ARG A N   1 
ATOM   115  C CA  . ARG A 1 18  ? -4.230  -8.284  -3.890  1.00 9.84  ? 19  ARG A CA  1 
ATOM   116  C C   . ARG A 1 18  ? -2.882  -8.279  -3.175  1.00 8.28  ? 19  ARG A C   1 
ATOM   117  O O   . ARG A 1 18  ? -2.198  -9.326  -3.102  1.00 9.12  ? 19  ARG A O   1 
ATOM   118  C CB  . ARG A 1 18  ? -5.262  -9.052  -3.053  1.00 9.84  ? 19  ARG A CB  1 
ATOM   119  C CG  . ARG A 1 18  ? -5.602  -8.376  -1.734  1.00 12.30 ? 19  ARG A CG  1 
ATOM   120  C CD  . ARG A 1 18  ? -6.480  -9.244  -0.884  1.00 16.56 ? 19  ARG A CD  1 
ATOM   121  N NE  . ARG A 1 18  ? -5.661  -10.233 -0.181  1.00 21.15 ? 19  ARG A NE  1 
ATOM   122  C CZ  . ARG A 1 18  ? -6.111  -11.054 0.766   1.00 23.72 ? 19  ARG A CZ  1 
ATOM   123  N NH1 . ARG A 1 18  ? -7.386  -11.018 1.149   1.00 24.91 ? 19  ARG A NH1 1 
ATOM   124  N NH2 . ARG A 1 18  ? -5.275  -11.915 1.336   1.00 25.45 ? 19  ARG A NH2 1 
ATOM   125  N N   . LEU A 1 19  ? -2.455  -7.105  -2.694  1.00 7.35  ? 20  LEU A N   1 
ATOM   126  C CA  . LEU A 1 19  ? -1.299  -7.009  -1.796  1.00 7.13  ? 20  LEU A CA  1 
ATOM   127  C C   . LEU A 1 19  ? -1.778  -6.931  -0.369  1.00 6.67  ? 20  LEU A C   1 
ATOM   128  O O   . LEU A 1 19  ? -2.869  -6.420  -0.077  1.00 7.22  ? 20  LEU A O   1 
ATOM   129  C CB  . LEU A 1 19  ? -0.454  -5.779  -2.094  1.00 7.52  ? 20  LEU A CB  1 
ATOM   130  C CG  . LEU A 1 19  ? 0.011   -5.635  -3.537  1.00 7.40  ? 20  LEU A CG  1 
ATOM   131  C CD1 . LEU A 1 19  ? 0.903   -4.410  -3.648  1.00 7.40  ? 20  LEU A CD1 1 
ATOM   132  C CD2 . LEU A 1 19  ? 0.754   -6.877  -4.032  1.00 9.18  ? 20  LEU A CD2 1 
ATOM   133  N N   . SER A 1 20  ? -0.954  -7.428  0.545   1.00 7.39  ? 21  SER A N   1 
ATOM   134  C CA  . SER A 1 20  ? -1.239  -7.229  1.957   1.00 7.68  ? 21  SER A CA  1 
ATOM   135  C C   . SER A 1 20  ? 0.002   -6.837  2.734   1.00 6.86  ? 21  SER A C   1 
ATOM   136  O O   . SER A 1 20  ? 1.124   -6.974  2.263   1.00 7.15  ? 21  SER A O   1 
ATOM   137  C CB  . SER A 1 20  ? -1.935  -8.429  2.565   1.00 9.98  ? 21  SER A CB  1 
ATOM   138  O OG  . SER A 1 20  ? -1.106  -9.536  2.486   1.00 12.56 ? 21  SER A OG  1 
ATOM   139  N N   . CYS A 1 21  ? -0.233  -6.286  3.916   1.00 7.13  ? 22  CYS A N   1 
ATOM   140  C CA  . CYS A 1 21  ? 0.833   -5.790  4.753   1.00 7.40  ? 22  CYS A CA  1 
ATOM   141  C C   . CYS A 1 21  ? 0.479   -6.041  6.198   1.00 7.78  ? 22  CYS A C   1 
ATOM   142  O O   . CYS A 1 21  ? -0.543  -5.536  6.680   1.00 8.61  ? 22  CYS A O   1 
ATOM   143  C CB  . CYS A 1 21  ? 1.063   -4.308  4.492   1.00 6.46  ? 22  CYS A CB  1 
ATOM   144  S SG  . CYS A 1 21  ? 2.430   -3.674  5.479   1.00 7.83  ? 22  CYS A SG  1 
ATOM   145  N N   . ALA A 1 22  ? 1.305   -6.846  6.858   1.00 8.40  ? 23  ALA A N   1 
ATOM   146  C CA  . ALA A 1 22  ? 1.112   -7.202  8.256   1.00 9.02  ? 23  ALA A CA  1 
ATOM   147  C C   . ALA A 1 22  ? 2.076   -6.470  9.150   1.00 9.09  ? 23  ALA A C   1 
ATOM   148  O O   . ALA A 1 22  ? 3.188   -6.137  8.741   1.00 10.05 ? 23  ALA A O   1 
ATOM   149  C CB  . ALA A 1 22  ? 1.308   -8.685  8.426   1.00 10.62 ? 23  ALA A CB  1 
ATOM   150  N N   . ALA A 1 23  ? 1.626   -6.239  10.380  1.00 9.61  ? 24  ALA A N   1 
ATOM   151  C CA  . ALA A 1 23  ? 2.461   -5.684  11.435  1.00 10.89 ? 24  ALA A CA  1 
ATOM   152  C C   . ALA A 1 23  ? 2.008   -6.272  12.772  1.00 11.66 ? 24  ALA A C   1 
ATOM   153  O O   . ALA A 1 23  ? 1.080   -7.080  12.821  1.00 12.01 ? 24  ALA A O   1 
ATOM   154  C CB  . ALA A 1 23  ? 2.348   -4.153  11.445  1.00 11.08 ? 24  ALA A CB  1 
ATOM   155  N N   . SER A 1 24  ? 2.656   -5.862  13.846  1.00 12.55 ? 25  SER A N   1 
ATOM   156  C CA  . SER A 1 24  ? 2.326   -6.369  15.181  1.00 13.55 ? 25  SER A CA  1 
ATOM   157  C C   . SER A 1 24  ? 0.960   -5.932  15.681  1.00 13.77 ? 25  SER A C   1 
ATOM   158  O O   . SER A 1 24  ? 0.599   -4.761  15.571  1.00 13.86 ? 25  SER A O   1 
ATOM   159  C CB  . SER A 1 24  ? 3.366   -5.894  16.188  1.00 13.31 ? 25  SER A CB  1 
ATOM   160  O OG  . SER A 1 24  ? 3.032   -6.378  17.473  1.00 15.03 ? 25  SER A OG  1 
ATOM   161  N N   . GLY A 1 25  ? 0.213   -6.866  16.271  1.00 14.33 ? 26  GLY A N   1 
ATOM   162  C CA  . GLY A 1 25  ? -1.073  -6.538  16.864  1.00 16.03 ? 26  GLY A CA  1 
ATOM   163  C C   . GLY A 1 25  ? -0.989  -5.584  18.036  1.00 16.97 ? 26  GLY A C   1 
ATOM   164  O O   . GLY A 1 25  ? -1.948  -4.877  18.318  1.00 18.01 ? 26  GLY A O   1 
ATOM   165  N N   . ARG A 1 26  ? 0.148   -5.540  18.719  1.00 17.18 ? 27  ARG A N   1 
ATOM   166  C CA  . ARG A 1 26  ? 0.251   -4.676  19.890  1.00 17.56 ? 27  ARG A CA  1 
ATOM   167  C C   . ARG A 1 26  ? -0.141  -3.227  19.636  1.00 17.28 ? 27  ARG A C   1 
ATOM   168  O O   . ARG A 1 26  ? -0.903  -2.637  20.402  1.00 18.60 ? 27  ARG A O   1 
ATOM   169  C CB  . ARG A 1 26  ? 1.630   -4.789  20.534  1.00 18.51 ? 27  ARG A CB  1 
ATOM   170  C CG  . ARG A 1 26  ? 1.600   -5.846  21.600  1.00 21.77 ? 27  ARG A CG  1 
ATOM   171  C CD  . ARG A 1 26  ? 2.952   -6.306  22.090  1.00 24.89 ? 27  ARG A CD  1 
ATOM   172  N NE  . ARG A 1 26  ? 2.701   -7.458  22.948  1.00 26.34 ? 27  ARG A NE  1 
ATOM   173  C CZ  . ARG A 1 26  ? 2.851   -8.723  22.568  1.00 26.76 ? 27  ARG A CZ  1 
ATOM   174  N NH1 . ARG A 1 26  ? 3.305   -9.013  21.357  1.00 26.54 ? 27  ARG A NH1 1 
ATOM   175  N NH2 . ARG A 1 26  ? 2.559   -9.698  23.410  1.00 24.25 ? 27  ARG A NH2 1 
ATOM   176  N N   . THR A 1 27  ? 0.330   -2.682  18.523  1.00 16.13 ? 28  THR A N   1 
ATOM   177  C CA  . THR A 1 27  ? 0.165   -1.269  18.243  1.00 16.04 ? 28  THR A CA  1 
ATOM   178  C C   . THR A 1 27  ? -0.526  -0.992  16.890  1.00 14.71 ? 28  THR A C   1 
ATOM   179  O O   . THR A 1 27  ? -0.677  0.176   16.502  1.00 15.49 ? 28  THR A O   1 
ATOM   180  C CB  . THR A 1 27  ? 1.531   -0.531  18.364  1.00 15.94 ? 28  THR A CB  1 
ATOM   181  O OG1 . THR A 1 27  ? 2.520   -1.229  17.585  1.00 17.33 ? 28  THR A OG1 1 
ATOM   182  C CG2 . THR A 1 27  ? 1.986   -0.488  19.826  1.00 17.57 ? 28  THR A CG2 1 
ATOM   183  N N   . PHE A 1 28  ? -1.004  -2.044  16.218  1.00 13.67 ? 29  PHE A N   1 
ATOM   184  C CA  . PHE A 1 28  ? -1.482  -1.964  14.821  1.00 12.01 ? 29  PHE A CA  1 
ATOM   185  C C   . PHE A 1 28  ? -2.399  -0.773  14.532  1.00 12.57 ? 29  PHE A C   1 
ATOM   186  O O   . PHE A 1 28  ? -2.198  -0.040  13.537  1.00 10.72 ? 29  PHE A O   1 
ATOM   187  C CB  . PHE A 1 28  ? -2.169  -3.275  14.404  1.00 11.79 ? 29  PHE A CB  1 
ATOM   188  C CG  . PHE A 1 28  ? -2.427  -3.370  12.923  1.00 10.14 ? 29  PHE A CG  1 
ATOM   189  C CD1 . PHE A 1 28  ? -1.435  -3.829  12.062  1.00 10.57 ? 29  PHE A CD1 1 
ATOM   190  C CD2 . PHE A 1 28  ? -3.659  -3.002  12.392  1.00 10.53 ? 29  PHE A CD2 1 
ATOM   191  C CE1 . PHE A 1 28  ? -1.666  -3.903  10.686  1.00 10.29 ? 29  PHE A CE1 1 
ATOM   192  C CE2 . PHE A 1 28  ? -3.894  -3.071  11.007  1.00 10.22 ? 29  PHE A CE2 1 
ATOM   193  C CZ  . PHE A 1 28  ? -2.899  -3.516  10.158  1.00 10.54 ? 29  PHE A CZ  1 
ATOM   194  N N   . SER A 1 29  ? -3.395  -0.575  15.387  1.00 12.68 ? 30  SER A N   1 
ATOM   195  C CA  . SER A 1 29  ? -4.429  0.405   15.092  1.00 13.70 ? 30  SER A CA  1 
ATOM   196  C C   . SER A 1 29  ? -4.028  1.823   15.520  1.00 13.43 ? 30  SER A C   1 
ATOM   197  O O   . SER A 1 29  ? -4.864  2.722   15.514  1.00 14.10 ? 30  SER A O   1 
ATOM   198  C CB  . SER A 1 29  ? -5.772  -0.016  15.693  1.00 14.52 ? 30  SER A CB  1 
ATOM   199  O OG  . SER A 1 29  ? -5.682  -0.105  17.099  1.00 18.01 ? 30  SER A OG  1 
ATOM   200  N N   . SER A 1 30  ? -2.758  2.020   15.861  1.00 13.29 ? 31  SER A N   1 
ATOM   201  C CA  . SER A 1 30  ? -2.221  3.341   16.180  1.00 14.38 ? 31  SER A CA  1 
ATOM   202  C C   . SER A 1 30  ? -1.594  4.038   14.965  1.00 12.53 ? 31  SER A C   1 
ATOM   203  O O   . SER A 1 30  ? -1.171  5.198   15.077  1.00 12.25 ? 31  SER A O   1 
ATOM   204  C CB  . SER A 1 30  ? -1.153  3.224   17.280  1.00 15.34 ? 31  SER A CB  1 
ATOM   205  O OG  . SER A 1 30  ? -1.709  2.895   18.553  1.00 19.81 ? 31  SER A OG  1 
ATOM   206  N N   . TYR A 1 31  ? -1.510  3.340   13.829  1.00 10.69 ? 32  TYR A N   1 
ATOM   207  C CA  . TYR A 1 31  ? -0.765  3.834   12.687  1.00 9.45  ? 32  TYR A CA  1 
ATOM   208  C C   . TYR A 1 31  ? -1.612  3.941   11.448  1.00 8.68  ? 32  TYR A C   1 
ATOM   209  O O   . TYR A 1 31  ? -2.404  3.062   11.124  1.00 8.62  ? 32  TYR A O   1 
ATOM   210  C CB  . TYR A 1 31  ? 0.400   2.906   12.321  1.00 10.23 ? 32  TYR A CB  1 
ATOM   211  C CG  . TYR A 1 31  ? 1.498   2.809   13.350  1.00 11.10 ? 32  TYR A CG  1 
ATOM   212  C CD1 . TYR A 1 31  ? 1.376   1.954   14.440  1.00 13.19 ? 32  TYR A CD1 1 
ATOM   213  C CD2 . TYR A 1 31  ? 2.679   3.542   13.222  1.00 14.32 ? 32  TYR A CD2 1 
ATOM   214  C CE1 . TYR A 1 31  ? 2.381   1.847   15.394  1.00 16.59 ? 32  TYR A CE1 1 
ATOM   215  C CE2 . TYR A 1 31  ? 3.699   3.444   14.187  1.00 15.38 ? 32  TYR A CE2 1 
ATOM   216  C CZ  . TYR A 1 31  ? 3.532   2.590   15.264  1.00 16.50 ? 32  TYR A CZ  1 
ATOM   217  O OH  . TYR A 1 31  ? 4.520   2.462   16.224  1.00 21.08 ? 32  TYR A OH  1 
ATOM   218  N N   . ASN A 1 32  ? -1.390  5.023   10.713  1.00 8.29  ? 33  ASN A N   1 
ATOM   219  C CA  . ASN A 1 32  ? -1.779  5.071   9.307   1.00 7.83  ? 33  ASN A CA  1 
ATOM   220  C C   . ASN A 1 32  ? -0.935  4.082   8.537   1.00 7.45  ? 33  ASN A C   1 
ATOM   221  O O   . ASN A 1 32  ? 0.226   3.832   8.884   1.00 7.92  ? 33  ASN A O   1 
ATOM   222  C CB  . ASN A 1 32  ? -1.443  6.424   8.695   1.00 8.63  ? 33  ASN A CB  1 
ATOM   223  C CG  . ASN A 1 32  ? -2.132  7.568   9.362   1.00 8.19  ? 33  ASN A CG  1 
ATOM   224  O OD1 . ASN A 1 32  ? -3.284  7.471   9.805   1.00 9.51  ? 33  ASN A OD1 1 
ATOM   225  N ND2 . ASN A 1 32  ? -1.425  8.689   9.424   1.00 10.63 ? 33  ASN A ND2 1 
ATOM   226  N N   . MET A 1 33  ? -1.498  3.509   7.485   1.00 7.52  ? 34  MET A N   1 
ATOM   227  C CA  . MET A 1 33  ? -0.729  2.577   6.647   1.00 8.21  ? 34  MET A CA  1 
ATOM   228  C C   . MET A 1 33  ? -0.978  2.836   5.183   1.00 8.19  ? 34  MET A C   1 
ATOM   229  O O   . MET A 1 33  ? -2.123  3.096   4.776   1.00 10.73 ? 34  MET A O   1 
ATOM   230  C CB  . MET A 1 33  ? -1.125  1.149   6.939   1.00 8.09  ? 34  MET A CB  1 
ATOM   231  C CG  . MET A 1 33  ? -0.886  0.737   8.384   1.00 8.11  ? 34  MET A CG  1 
ATOM   232  S SD  . MET A 1 33  ? -1.261  -0.968  8.715   1.00 8.55  ? 34  MET A SD  1 
ATOM   233  C CE  . MET A 1 33  ? 0.116   -1.850  7.934   1.00 9.65  ? 34  MET A CE  1 
ATOM   234  N N   . GLY A 1 34  ? 0.068   2.736   4.365   1.00 6.78  ? 35  GLY A N   1 
ATOM   235  C CA  . GLY A 1 34  ? -0.100  3.037   2.947   1.00 7.14  ? 35  GLY A CA  1 
ATOM   236  C C   . GLY A 1 34  ? 0.836   2.234   2.103   1.00 6.03  ? 35  GLY A C   1 
ATOM   237  O O   . GLY A 1 34  ? 1.608   1.403   2.588   1.00 6.23  ? 35  GLY A O   1 
ATOM   238  N N   . TRP A 1 35  ? 0.725   2.508   0.808   1.00 6.00  ? 36  TRP A N   1 
ATOM   239  C CA  . TRP A 1 35  ? 1.564   1.912   -0.208  1.00 6.19  ? 36  TRP A CA  1 
ATOM   240  C C   . TRP A 1 35  ? 2.173   3.010   -1.043  1.00 5.86  ? 36  TRP A C   1 
ATOM   241  O O   . TRP A 1 35  ? 1.496   3.968   -1.432  1.00 6.51  ? 36  TRP A O   1 
ATOM   242  C CB  . TRP A 1 35  ? 0.734   1.001   -1.121  1.00 7.01  ? 36  TRP A CB  1 
ATOM   243  C CG  . TRP A 1 35  ? 0.296   -0.271  -0.463  1.00 8.23  ? 36  TRP A CG  1 
ATOM   244  C CD1 . TRP A 1 35  ? -0.886  -0.504  0.165   1.00 8.53  ? 36  TRP A CD1 1 
ATOM   245  C CD2 . TRP A 1 35  ? 1.055   -1.485  -0.345  1.00 7.27  ? 36  TRP A CD2 1 
ATOM   246  N NE1 . TRP A 1 35  ? -0.916  -1.787  0.653   1.00 10.26 ? 36  TRP A NE1 1 
ATOM   247  C CE2 . TRP A 1 35  ? 0.262   -2.410  0.358   1.00 8.74  ? 36  TRP A CE2 1 
ATOM   248  C CE3 . TRP A 1 35  ? 2.314   -1.887  -0.781  1.00 8.63  ? 36  TRP A CE3 1 
ATOM   249  C CZ2 . TRP A 1 35  ? 0.699   -3.707  0.655   1.00 9.56  ? 36  TRP A CZ2 1 
ATOM   250  C CZ3 . TRP A 1 35  ? 2.746   -3.173  -0.475  1.00 9.99  ? 36  TRP A CZ3 1 
ATOM   251  C CH2 . TRP A 1 35  ? 1.937   -4.068  0.219   1.00 8.98  ? 36  TRP A CH2 1 
ATOM   252  N N   . PHE A 1 36  ? 3.448   2.828   -1.335  1.00 5.79  ? 37  PHE A N   1 
ATOM   253  C CA  . PHE A 1 36  ? 4.183   3.613   -2.320  1.00 6.27  ? 37  PHE A CA  1 
ATOM   254  C C   . PHE A 1 36  ? 4.697   2.634   -3.363  1.00 6.32  ? 37  PHE A C   1 
ATOM   255  O O   . PHE A 1 36  ? 4.716   1.404   -3.128  1.00 8.58  ? 37  PHE A O   1 
ATOM   256  C CB  . PHE A 1 36  ? 5.363   4.347   -1.657  1.00 6.97  ? 37  PHE A CB  1 
ATOM   257  C CG  . PHE A 1 36  ? 4.960   5.478   -0.751  1.00 7.36  ? 37  PHE A CG  1 
ATOM   258  C CD1 . PHE A 1 36  ? 4.418   5.236   0.514   1.00 8.83  ? 37  PHE A CD1 1 
ATOM   259  C CD2 . PHE A 1 36  ? 5.136   6.799   -1.153  1.00 7.63  ? 37  PHE A CD2 1 
ATOM   260  C CE1 . PHE A 1 36  ? 4.041   6.284   1.355   1.00 8.88  ? 37  PHE A CE1 1 
ATOM   261  C CE2 . PHE A 1 36  ? 4.766   7.857   -0.309  1.00 9.35  ? 37  PHE A CE2 1 
ATOM   262  C CZ  . PHE A 1 36  ? 4.221   7.602   0.927   1.00 9.24  ? 37  PHE A CZ  1 
ATOM   263  N N   . ARG A 1 37  ? 5.069   3.132   -4.531  1.00 5.86  ? 38  ARG A N   1 
ATOM   264  C CA  . ARG A 1 37  ? 5.636   2.267   -5.569  1.00 5.85  ? 38  ARG A CA  1 
ATOM   265  C C   . ARG A 1 37  ? 6.785   2.966   -6.262  1.00 6.14  ? 38  ARG A C   1 
ATOM   266  O O   . ARG A 1 37  ? 6.809   4.197   -6.387  1.00 6.94  ? 38  ARG A O   1 
ATOM   267  C CB  . ARG A 1 37  ? 4.575   1.806   -6.572  1.00 5.54  ? 38  ARG A CB  1 
ATOM   268  C CG  . ARG A 1 37  ? 4.029   2.916   -7.457  1.00 6.07  ? 38  ARG A CG  1 
ATOM   269  C CD  . ARG A 1 37  ? 2.911   2.388   -8.331  1.00 6.41  ? 38  ARG A CD  1 
ATOM   270  N NE  . ARG A 1 37  ? 2.333   3.471   -9.114  1.00 7.35  ? 38  ARG A NE  1 
ATOM   271  C CZ  . ARG A 1 37  ? 1.298   3.332   -9.933  1.00 8.01  ? 38  ARG A CZ  1 
ATOM   272  N NH1 . ARG A 1 37  ? 0.678   2.168   -10.039 1.00 7.87  ? 38  ARG A NH1 1 
ATOM   273  N NH2 . ARG A 1 37  ? 0.864   4.364   -10.642 1.00 9.54  ? 38  ARG A NH2 1 
ATOM   274  N N   . GLN A 1 38  ? 7.729   2.176   -6.745  1.00 6.20  ? 39  GLN A N   1 
ATOM   275  C CA  . GLN A 1 38  ? 8.911   2.723   -7.386  1.00 7.20  ? 39  GLN A CA  1 
ATOM   276  C C   . GLN A 1 38  ? 9.283   1.915   -8.606  1.00 7.44  ? 39  GLN A C   1 
ATOM   277  O O   . GLN A 1 38  ? 9.453   0.705   -8.515  1.00 7.85  ? 39  GLN A O   1 
ATOM   278  C CB  . GLN A 1 38  ? 10.066  2.779   -6.393  1.00 7.93  ? 39  GLN A CB  1 
ATOM   279  C CG  . GLN A 1 38  ? 11.375  3.341   -6.946  1.00 9.04  ? 39  GLN A CG  1 
ATOM   280  C CD  . GLN A 1 38  ? 12.338  3.659   -5.822  1.00 11.28 ? 39  GLN A CD  1 
ATOM   281  O OE1 . GLN A 1 38  ? 12.453  2.910   -4.855  1.00 13.96 ? 39  GLN A OE1 1 
ATOM   282  N NE2 . GLN A 1 38  ? 13.013  4.791   -5.930  1.00 13.47 ? 39  GLN A NE2 1 
ATOM   283  N N   . ALA A 1 39  ? 9.393   2.619   -9.734  1.00 9.21  ? 40  ALA A N   1 
ATOM   284  C CA  . ALA A 1 39  ? 9.952   2.058   -10.963 1.00 10.37 ? 40  ALA A CA  1 
ATOM   285  C C   . ALA A 1 39  ? 11.449  2.385   -11.007 1.00 10.69 ? 40  ALA A C   1 
ATOM   286  O O   . ALA A 1 39  ? 11.878  3.435   -10.513 1.00 10.26 ? 40  ALA A O   1 
ATOM   287  C CB  . ALA A 1 39  ? 9.244   2.636   -12.175 1.00 10.12 ? 40  ALA A CB  1 
ATOM   288  N N   . PRO A 1 40  ? 12.274  1.499   -11.602 1.00 11.45 ? 41  PRO A N   1 
ATOM   289  C CA  . PRO A 1 40  ? 13.709  1.794   -11.661 1.00 11.80 ? 41  PRO A CA  1 
ATOM   290  C C   . PRO A 1 40  ? 14.007  3.162   -12.299 1.00 11.76 ? 41  PRO A C   1 
ATOM   291  O O   . PRO A 1 40  ? 13.401  3.551   -13.311 1.00 12.35 ? 41  PRO A O   1 
ATOM   292  C CB  . PRO A 1 40  ? 14.275  0.621   -12.474 1.00 12.92 ? 41  PRO A CB  1 
ATOM   293  C CG  . PRO A 1 40  ? 13.328  -0.514  -12.143 1.00 13.40 ? 41  PRO A CG  1 
ATOM   294  C CD  . PRO A 1 40  ? 11.977  0.139   -12.091 1.00 12.18 ? 41  PRO A CD  1 
ATOM   295  N N   . GLY A 1 41  ? 14.917  3.885   -11.668 1.00 12.63 ? 42  GLY A N   1 
ATOM   296  C CA  . GLY A 1 41  ? 15.301  5.209   -12.143 1.00 12.76 ? 42  GLY A CA  1 
ATOM   297  C C   . GLY A 1 41  ? 14.371  6.329   -11.723 1.00 12.83 ? 42  GLY A C   1 
ATOM   298  O O   . GLY A 1 41  ? 14.642  7.503   -12.004 1.00 13.57 ? 42  GLY A O   1 
ATOM   299  N N   . LYS A 1 42  ? 13.271  5.993   -11.049 1.00 12.54 ? 43  LYS A N   1 
ATOM   300  C CA  . LYS A 1 42  ? 12.315  6.997   -10.585 1.00 12.91 ? 43  LYS A CA  1 
ATOM   301  C C   . LYS A 1 42  ? 12.215  6.980   -9.056  1.00 12.18 ? 43  LYS A C   1 
ATOM   302  O O   . LYS A 1 42  ? 12.943  6.253   -8.381  1.00 12.73 ? 43  LYS A O   1 
ATOM   303  C CB  . LYS A 1 42  ? 10.959  6.765   -11.253 1.00 13.62 ? 43  LYS A CB  1 
ATOM   304  C CG  . LYS A 1 42  ? 10.986  6.811   -12.768 1.00 15.25 ? 43  LYS A CG  1 
ATOM   305  C CD  . LYS A 1 42  ? 9.588   6.634   -13.302 1.00 17.79 ? 43  LYS A CD  1 
ATOM   306  C CE  . LYS A 1 42  ? 9.539   6.801   -14.796 1.00 19.87 ? 43  LYS A CE  1 
ATOM   307  N NZ  . LYS A 1 42  ? 8.130   7.019   -15.215 1.00 23.14 ? 43  LYS A NZ  1 
ATOM   308  N N   . GLY A 1 43  ? 11.349  7.814   -8.502  1.00 11.91 ? 44  GLY A N   1 
ATOM   309  C CA  . GLY A 1 43  ? 11.222  7.932   -7.056  1.00 11.68 ? 44  GLY A CA  1 
ATOM   310  C C   . GLY A 1 43  ? 10.082  7.107   -6.500  1.00 10.41 ? 44  GLY A C   1 
ATOM   311  O O   . GLY A 1 43  ? 9.472   6.254   -7.197  1.00 11.59 ? 44  GLY A O   1 
ATOM   312  N N   . ARG A 1 44  ? 9.785   7.334   -5.238  1.00 11.39 ? 45  ARG A N   1 
ATOM   313  C CA  . ARG A 1 44  ? 8.724   6.613   -4.552  1.00 11.32 ? 45  ARG A CA  1 
ATOM   314  C C   . ARG A 1 44  ? 7.380   7.327   -4.685  1.00 10.85 ? 45  ARG A C   1 
ATOM   315  O O   . ARG A 1 44  ? 7.082   8.307   -3.980  1.00 12.83 ? 45  ARG A O   1 
ATOM   316  C CB  . ARG A 1 44  ? 9.077   6.428   -3.074  1.00 11.93 ? 45  ARG A CB  1 
ATOM   317  C CG  . ARG A 1 44  ? 10.321  5.603   -2.871  1.00 12.83 ? 45  ARG A CG  1 
ATOM   318  C CD  . ARG A 1 44  ? 10.615  5.394   -1.410  1.00 15.42 ? 45  ARG A CD  1 
ATOM   319  N NE  . ARG A 1 44  ? 11.791  4.545   -1.287  1.00 19.70 ? 45  ARG A NE  1 
ATOM   320  C CZ  . ARG A 1 44  ? 12.075  3.835   -0.207  1.00 18.93 ? 45  ARG A CZ  1 
ATOM   321  N NH1 . ARG A 1 44  ? 11.262  3.885   0.837   1.00 18.25 ? 45  ARG A NH1 1 
ATOM   322  N NH2 . ARG A 1 44  ? 13.161  3.073   -0.178  1.00 21.26 ? 45  ARG A NH2 1 
ATOM   323  N N   . GLU A 1 45  ? 6.530   6.805   -5.540  1.00 8.10  ? 46  GLU A N   1 
ATOM   324  C CA  . GLU A 1 45  ? 5.265   7.448   -5.804  1.00 8.54  ? 46  GLU A CA  1 
ATOM   325  C C   . GLU A 1 45  ? 4.236   6.993   -4.778  1.00 7.44  ? 46  GLU A C   1 
ATOM   326  O O   . GLU A 1 45  ? 4.063   5.778   -4.587  1.00 7.24  ? 46  GLU A O   1 
ATOM   327  C CB  . GLU A 1 45  ? 4.796   7.095   -7.212  1.00 7.78  ? 46  GLU A CB  1 
ATOM   328  C CG  . GLU A 1 45  ? 3.437   7.677   -7.574  1.00 9.52  ? 46  GLU A CG  1 
ATOM   329  C CD  . GLU A 1 45  ? 2.984   7.336   -8.973  1.00 9.63  ? 46  GLU A CD  1 
ATOM   330  O OE1 . GLU A 1 45  ? 3.168   6.176   -9.408  1.00 11.48 ? 46  GLU A OE1 1 
ATOM   331  O OE2 . GLU A 1 45  ? 2.430   8.234   -9.653  1.00 11.53 ? 46  GLU A OE2 1 
ATOM   332  N N   . PHE A 1 46  ? 3.551   7.934   -4.135  1.00 6.60  ? 47  PHE A N   1 
ATOM   333  C CA  . PHE A 1 46  ? 2.423   7.596   -3.276  1.00 7.22  ? 47  PHE A CA  1 
ATOM   334  C C   . PHE A 1 46  ? 1.327   6.911   -4.093  1.00 6.41  ? 47  PHE A C   1 
ATOM   335  O O   . PHE A 1 46  ? 0.952   7.395   -5.166  1.00 7.26  ? 47  PHE A O   1 
ATOM   336  C CB  . PHE A 1 46  ? 1.893   8.879   -2.644  1.00 7.89  ? 47  PHE A CB  1 
ATOM   337  C CG  . PHE A 1 46  ? 0.617   8.700   -1.876  1.00 6.76  ? 47  PHE A CG  1 
ATOM   338  C CD1 . PHE A 1 46  ? -0.614  8.968   -2.461  1.00 10.00 ? 47  PHE A CD1 1 
ATOM   339  C CD2 . PHE A 1 46  ? 0.648   8.324   -0.549  1.00 10.45 ? 47  PHE A CD2 1 
ATOM   340  C CE1 . PHE A 1 46  ? -1.803  8.821   -1.729  1.00 9.75  ? 47  PHE A CE1 1 
ATOM   341  C CE2 . PHE A 1 46  ? -0.528  8.178   0.181   1.00 11.40 ? 47  PHE A CE2 1 
ATOM   342  C CZ  . PHE A 1 46  ? -1.752  8.430   -0.414  1.00 10.20 ? 47  PHE A CZ  1 
ATOM   343  N N   . VAL A 1 47  ? 0.803   5.798   -3.584  1.00 6.49  ? 48  VAL A N   1 
ATOM   344  C CA  . VAL A 1 47  ? -0.293  5.078   -4.248  1.00 6.45  ? 48  VAL A CA  1 
ATOM   345  C C   . VAL A 1 47  ? -1.610  5.235   -3.489  1.00 6.24  ? 48  VAL A C   1 
ATOM   346  O O   . VAL A 1 47  ? -2.611  5.645   -4.071  1.00 6.08  ? 48  VAL A O   1 
ATOM   347  C CB  . VAL A 1 47  ? 0.033   3.574   -4.408  1.00 6.39  ? 48  VAL A CB  1 
ATOM   348  C CG1 . VAL A 1 47  ? -1.116  2.845   -5.076  1.00 6.99  ? 48  VAL A CG1 1 
ATOM   349  C CG2 . VAL A 1 47  ? 1.310   3.385   -5.199  1.00 6.26  ? 48  VAL A CG2 1 
ATOM   350  N N   . ALA A 1 48  ? -1.603  4.898   -2.200  1.00 5.97  ? 49  ALA A N   1 
ATOM   351  C CA  . ALA A 1 48  ? -2.813  4.905   -1.383  1.00 6.54  ? 49  ALA A CA  1 
ATOM   352  C C   . ALA A 1 48  ? -2.428  4.882   0.066   1.00 6.54  ? 49  ALA A C   1 
ATOM   353  O O   . ALA A 1 48  ? -1.365  4.365   0.451   1.00 7.39  ? 49  ALA A O   1 
ATOM   354  C CB  . ALA A 1 48  ? -3.702  3.705   -1.694  1.00 6.96  ? 49  ALA A CB  1 
ATOM   355  N N   . SER A 1 49  ? -3.309  5.399   0.902   1.00 7.08  ? 50  SER A N   1 
ATOM   356  C CA  . SER A 1 49  ? -3.108  5.283   2.333   1.00 7.72  ? 50  SER A CA  1 
ATOM   357  C C   . SER A 1 49  ? -4.451  5.269   3.030   1.00 6.98  ? 50  SER A C   1 
ATOM   358  O O   . SER A 1 49  ? -5.475  5.631   2.459   1.00 6.18  ? 50  SER A O   1 
ATOM   359  C CB  . SER A 1 49  ? -2.198  6.383   2.829   1.00 8.98  ? 50  SER A CB  1 
ATOM   360  O OG  . SER A 1 49  ? -2.751  7.650   2.583   1.00 14.50 ? 50  SER A OG  1 
ATOM   361  N N   . ILE A 1 50  ? -4.426  4.826   4.280   1.00 6.90  ? 51  ILE A N   1 
ATOM   362  C CA  . ILE A 1 50  ? -5.628  4.634   5.095   1.00 7.37  ? 51  ILE A CA  1 
ATOM   363  C C   . ILE A 1 50  ? -5.303  4.993   6.548   1.00 7.18  ? 51  ILE A C   1 
ATOM   364  O O   . ILE A 1 50  ? -4.226  4.662   7.082   1.00 7.79  ? 51  ILE A O   1 
ATOM   365  C CB  . ILE A 1 50  ? -6.179  3.174   4.936   1.00 6.65  ? 51  ILE A CB  1 
ATOM   366  C CG1 . ILE A 1 50  ? -7.520  3.005   5.646   1.00 7.19  ? 51  ILE A CG1 1 
ATOM   367  C CG2 . ILE A 1 50  ? -5.184  2.088   5.389   1.00 8.80  ? 51  ILE A CG2 1 
ATOM   368  C CD1 . ILE A 1 50  ? -8.264  1.786   5.175   1.00 10.12 ? 51  ILE A CD1 1 
ATOM   369  N N   . THR A 1 51  ? -6.218  5.711   7.191   1.00 6.69  ? 52  THR A N   1 
ATOM   370  C CA  . THR A 1 51  ? -6.003  6.098   8.570   1.00 7.95  ? 52  THR A CA  1 
ATOM   371  C C   . THR A 1 51  ? -6.091  4.906   9.515   1.00 7.47  ? 52  THR A C   1 
ATOM   372  O O   . THR A 1 51  ? -6.640  3.861   9.175   1.00 7.25  ? 52  THR A O   1 
ATOM   373  C CB  . THR A 1 51  ? -7.021  7.142   9.042   1.00 8.87  ? 52  THR A CB  1 
ATOM   374  O OG1 . THR A 1 51  ? -8.328  6.603   8.833   1.00 8.42  ? 52  THR A OG1 1 
ATOM   375  C CG2 . THR A 1 51  ? -6.852  8.484   8.304   1.00 9.81  ? 52  THR A CG2 1 
ATOM   376  N N   . SER A 1 52  ? -5.581  5.122   10.728  1.00 7.65  ? 53  SER A N   1 
ATOM   377  C CA  . SER A 1 52  ? -5.621  4.122   11.807  1.00 8.86  ? 53  SER A CA  1 
ATOM   378  C C   . SER A 1 52  ? -6.941  3.376   11.946  1.00 9.53  ? 53  SER A C   1 
ATOM   379  O O   . SER A 1 52  ? -6.957  2.150   11.964  1.00 8.82  ? 53  SER A O   1 
ATOM   380  C CB  . SER A 1 52  ? -5.278  4.789   13.134  1.00 10.22 ? 53  SER A CB  1 
ATOM   381  O OG  . SER A 1 52  ? -6.011  5.975   13.313  1.00 19.42 ? 53  SER A OG  1 
ATOM   382  N N   . SER A 1 53  ? -8.049  4.112   12.000  1.00 8.92  ? 54  SER A N   1 
ATOM   383  C CA  . SER A 1 53  ? -9.369  3.519   12.195  1.00 9.45  ? 54  SER A CA  1 
ATOM   384  C C   . SER A 1 53  ? -9.953  2.862   10.948  1.00 9.11  ? 54  SER A C   1 
ATOM   385  O O   . SER A 1 53  ? -10.921 2.099   11.032  1.00 9.86  ? 54  SER A O   1 
ATOM   386  C CB  . SER A 1 53  ? -10.348 4.589   12.660  1.00 10.13 ? 54  SER A CB  1 
ATOM   387  O OG  . SER A 1 53  ? -10.652 5.440   11.572  1.00 10.71 ? 54  SER A OG  1 
ATOM   388  N N   . GLY A 1 54  ? -9.392  3.190   9.780   1.00 8.50  ? 55  GLY A N   1 
ATOM   389  C CA  . GLY A 1 54  ? -9.922  2.729   8.499   1.00 8.89  ? 55  GLY A CA  1 
ATOM   390  C C   . GLY A 1 54  ? -10.978 3.650   7.911   1.00 9.06  ? 55  GLY A C   1 
ATOM   391  O O   . GLY A 1 54  ? -11.449 3.392   6.800   1.00 10.06 ? 55  GLY A O   1 
ATOM   392  N N   . ASP A 1 55  ? -11.352 4.720   8.625   1.00 8.39  ? 56  ASP A N   1 
ATOM   393  C CA  . ASP A 1 55  ? -12.461 5.582   8.152   1.00 9.54  ? 56  ASP A CA  1 
ATOM   394  C C   . ASP A 1 55  ? -12.123 6.472   6.958   1.00 9.06  ? 56  ASP A C   1 
ATOM   395  O O   . ASP A 1 55  ? -13.029 6.904   6.231   1.00 8.87  ? 56  ASP A O   1 
ATOM   396  C CB  . ASP A 1 55  ? -13.071 6.444   9.275   1.00 10.84 ? 56  ASP A CB  1 
ATOM   397  C CG  . ASP A 1 55  ? -14.166 5.724   10.053  1.00 12.67 ? 56  ASP A CG  1 
ATOM   398  O OD1 . ASP A 1 55  ? -14.376 4.509   9.851   1.00 17.06 ? 56  ASP A OD1 1 
ATOM   399  O OD2 . ASP A 1 55  ? -14.828 6.384   10.877  1.00 17.30 ? 56  ASP A OD2 1 
ATOM   400  N N   . LYS A 1 56  ? -10.835 6.748   6.755   1.00 8.32  ? 57  LYS A N   1 
ATOM   401  C CA  . LYS A 1 56  ? -10.429 7.674   5.699   1.00 8.93  ? 57  LYS A CA  1 
ATOM   402  C C   . LYS A 1 56  ? -9.330  7.047   4.867   1.00 8.21  ? 57  LYS A C   1 
ATOM   403  O O   . LYS A 1 56  ? -8.433  6.380   5.398   1.00 8.71  ? 57  LYS A O   1 
ATOM   404  C CB  . LYS A 1 56  ? -9.934  8.989   6.284   1.00 9.36  ? 57  LYS A CB  1 
ATOM   405  C CG  . LYS A 1 56  ? -10.970 9.802   7.034   1.00 10.10 ? 57  LYS A CG  1 
ATOM   406  C CD  . LYS A 1 56  ? -10.301 11.019  7.696   1.00 13.47 ? 57  LYS A CD  1 
ATOM   407  C CE  . LYS A 1 56  ? -11.267 11.804  8.577   1.00 14.08 ? 57  LYS A CE  1 
ATOM   408  N NZ  . LYS A 1 56  ? -10.671 12.909  9.396   1.00 16.50 ? 57  LYS A NZ  1 
ATOM   409  N N   . SER A 1 57  ? -9.416  7.253   3.560   1.00 9.52  ? 58  SER A N   1 
ATOM   410  C CA  . SER A 1 57  ? -8.398  6.768   2.645   1.00 10.23 ? 58  SER A CA  1 
ATOM   411  C C   . SER A 1 57  ? -8.184  7.754   1.512   1.00 10.32 ? 58  SER A C   1 
ATOM   412  O O   . SER A 1 57  ? -9.045  8.605   1.226   1.00 10.69 ? 58  SER A O   1 
ATOM   413  C CB  . SER A 1 57  ? -8.806  5.420   2.070   1.00 10.64 ? 58  SER A CB  1 
ATOM   414  O OG  . SER A 1 57  ? -9.965  5.569   1.261   1.00 13.49 ? 58  SER A OG  1 
ATOM   415  N N   . ASP A 1 58  ? -7.036  7.660   0.859   1.00 9.16  ? 59  ASP A N   1 
ATOM   416  C CA  . ASP A 1 58  ? -6.786  8.481   -0.302  1.00 9.55  ? 59  ASP A CA  1 
ATOM   417  C C   . ASP A 1 58  ? -5.907  7.757   -1.303  1.00 8.69  ? 59  ASP A C   1 
ATOM   418  O O   . ASP A 1 58  ? -5.259  6.759   -0.987  1.00 8.12  ? 59  ASP A O   1 
ATOM   419  C CB  . ASP A 1 58  ? -6.206  9.844   0.081   1.00 11.22 ? 59  ASP A CB  1 
ATOM   420  C CG  . ASP A 1 58  ? -6.652  10.955  -0.868  1.00 13.99 ? 59  ASP A CG  1 
ATOM   421  O OD1 . ASP A 1 58  ? -6.343  12.128  -0.549  1.00 19.51 ? 59  ASP A OD1 1 
ATOM   422  O OD2 . ASP A 1 58  ? -7.325  10.677  -1.904  1.00 14.90 ? 59  ASP A OD2 1 
ATOM   423  N N   . TYR A 1 59  ? -5.915  8.280   -2.521  1.00 7.63  ? 60  TYR A N   1 
ATOM   424  C CA  . TYR A 1 59  ? -5.336  7.585   -3.656  1.00 7.50  ? 60  TYR A CA  1 
ATOM   425  C C   . TYR A 1 59  ? -4.663  8.557   -4.585  1.00 7.63  ? 60  TYR A C   1 
ATOM   426  O O   . TYR A 1 59  ? -5.173  9.671   -4.794  1.00 8.60  ? 60  TYR A O   1 
ATOM   427  C CB  . TYR A 1 59  ? -6.432  6.904   -4.459  1.00 7.51  ? 60  TYR A CB  1 
ATOM   428  C CG  . TYR A 1 59  ? -7.176  5.861   -3.694  1.00 6.80  ? 60  TYR A CG  1 
ATOM   429  C CD1 . TYR A 1 59  ? -6.694  4.553   -3.635  1.00 7.15  ? 60  TYR A CD1 1 
ATOM   430  C CD2 . TYR A 1 59  ? -8.342  6.174   -3.007  1.00 7.91  ? 60  TYR A CD2 1 
ATOM   431  C CE1 . TYR A 1 59  ? -7.374  3.567   -2.924  1.00 6.98  ? 60  TYR A CE1 1 
ATOM   432  C CE2 . TYR A 1 59  ? -9.015  5.219   -2.283  1.00 7.53  ? 60  TYR A CE2 1 
ATOM   433  C CZ  . TYR A 1 59  ? -8.523  3.913   -2.246  1.00 6.86  ? 60  TYR A CZ  1 
ATOM   434  O OH  . TYR A 1 59  ? -9.191  2.944   -1.545  1.00 8.14  ? 60  TYR A OH  1 
ATOM   435  N N   . THR A 1 60  ? -3.573  8.146   -5.208  1.00 7.33  ? 61  THR A N   1 
ATOM   436  C CA  . THR A 1 60  ? -3.073  8.901   -6.339  1.00 7.35  ? 61  THR A CA  1 
ATOM   437  C C   . THR A 1 60  ? -4.078  8.823   -7.503  1.00 6.57  ? 61  THR A C   1 
ATOM   438  O O   . THR A 1 60  ? -4.773  7.821   -7.698  1.00 7.15  ? 61  THR A O   1 
ATOM   439  C CB  . THR A 1 60  ? -1.654  8.424   -6.715  1.00 7.33  ? 61  THR A CB  1 
ATOM   440  O OG1 . THR A 1 60  ? -1.049  9.399   -7.565  1.00 7.79  ? 61  THR A OG1 1 
ATOM   441  C CG2 . THR A 1 60  ? -1.661  7.071   -7.419  1.00 8.18  ? 61  THR A CG2 1 
ATOM   442  N N   . ASP A 1 61  ? -4.170  9.903   -8.283  1.00 8.12  ? 62  ASP A N   1 
ATOM   443  C CA  . ASP A 1 61  ? -5.231  10.020  -9.288  1.00 9.37  ? 62  ASP A CA  1 
ATOM   444  C C   . ASP A 1 61  ? -5.303  8.870   -10.266 1.00 8.55  ? 62  ASP A C   1 
ATOM   445  O O   . ASP A 1 61  ? -6.404  8.411   -10.590 1.00 8.47  ? 62  ASP A O   1 
ATOM   446  C CB  . ASP A 1 61  ? -5.167  11.384  -9.958  1.00 12.03 ? 62  ASP A CB  1 
ATOM   447  C CG  . ASP A 1 61  ? -5.668  12.478  -9.037  1.00 17.47 ? 62  ASP A CG  1 
ATOM   448  O OD1 . ASP A 1 61  ? -6.784  12.350  -8.466  1.00 21.89 ? 62  ASP A OD1 1 
ATOM   449  O OD2 . ASP A 1 61  ? -4.926  13.463  -8.830  1.00 23.61 ? 62  ASP A OD2 1 
ATOM   450  N N   . SER A 1 62  ? -4.160  8.352   -10.677 1.00 7.99  ? 63  SER A N   1 
ATOM   451  C CA  . SER A 1 62  ? -4.160  7.355   -11.736 1.00 8.35  ? 63  SER A CA  1 
ATOM   452  C C   . SER A 1 62  ? -4.688  5.986   -11.310 1.00 7.34  ? 63  SER A C   1 
ATOM   453  O O   . SER A 1 62  ? -4.916  5.140   -12.168 1.00 8.25  ? 63  SER A O   1 
ATOM   454  C CB  . SER A 1 62  ? -2.754  7.175   -12.289 1.00 9.48  ? 63  SER A CB  1 
ATOM   455  O OG  . SER A 1 62  ? -1.887  6.610   -11.319 1.00 10.86 ? 63  SER A OG  1 
ATOM   456  N N   . VAL A 1 63  ? -4.903  5.776   -10.012 1.00 6.90  ? 64  VAL A N   1 
ATOM   457  C CA  . VAL A 1 63  ? -5.432  4.493   -9.544  1.00 6.66  ? 64  VAL A CA  1 
ATOM   458  C C   . VAL A 1 63  ? -6.844  4.605   -8.999  1.00 6.95  ? 64  VAL A C   1 
ATOM   459  O O   . VAL A 1 63  ? -7.455  3.584   -8.651  1.00 6.79  ? 64  VAL A O   1 
ATOM   460  C CB  . VAL A 1 63  ? -4.507  3.806   -8.499  1.00 7.33  ? 64  VAL A CB  1 
ATOM   461  C CG1 . VAL A 1 63  ? -3.048  3.713   -9.030  1.00 8.50  ? 64  VAL A CG1 1 
ATOM   462  C CG2 . VAL A 1 63  ? -4.569  4.495   -7.147  1.00 7.42  ? 64  VAL A CG2 1 
ATOM   463  N N   . LYS A 1 64  ? -7.400  5.814   -8.980  1.00 7.65  ? 65  LYS A N   1 
ATOM   464  C CA  . LYS A 1 64  ? -8.775  5.963   -8.485  1.00 8.42  ? 65  LYS A CA  1 
ATOM   465  C C   . LYS A 1 64  ? -9.764  5.162   -9.297  1.00 8.44  ? 65  LYS A C   1 
ATOM   466  O O   . LYS A 1 64  ? -9.799  5.266   -10.525 1.00 8.06  ? 65  LYS A O   1 
ATOM   467  C CB  . LYS A 1 64  ? -9.228  7.425   -8.487  1.00 8.47  ? 65  LYS A CB  1 
ATOM   468  C CG  . LYS A 1 64  ? -8.552  8.229   -7.403  1.00 10.30 ? 65  LYS A CG  1 
ATOM   469  C CD  . LYS A 1 64  ? -8.984  9.684   -7.392  1.00 13.00 ? 65  LYS A CD  1 
ATOM   470  C CE  . LYS A 1 64  ? -8.378  10.370  -6.187  1.00 15.25 ? 65  LYS A CE  1 
ATOM   471  N NZ  . LYS A 1 64  ? -8.757  11.804  -6.113  1.00 17.52 ? 65  LYS A NZ  1 
ATOM   472  N N   . GLY A 1 65  ? -10.589 4.384   -8.604  1.00 9.26  ? 66  GLY A N   1 
ATOM   473  C CA  . GLY A 1 65  ? -11.589 3.533   -9.266  1.00 9.59  ? 66  GLY A CA  1 
ATOM   474  C C   . GLY A 1 65  ? -11.080 2.143   -9.603  1.00 9.71  ? 66  GLY A C   1 
ATOM   475  O O   . GLY A 1 65  ? -11.870 1.254   -9.947  1.00 11.08 ? 66  GLY A O   1 
ATOM   476  N N   . ARG A 1 66  ? -9.768  1.944   -9.475  1.00 8.29  ? 67  ARG A N   1 
ATOM   477  C CA  . ARG A 1 66  ? -9.119  0.675   -9.811  1.00 8.44  ? 67  ARG A CA  1 
ATOM   478  C C   . ARG A 1 66  ? -8.530  -0.020  -8.582  1.00 7.82  ? 67  ARG A C   1 
ATOM   479  O O   . ARG A 1 66  ? -8.602  -1.250  -8.455  1.00 7.81  ? 67  ARG A O   1 
ATOM   480  C CB  . ARG A 1 66  ? -8.009  0.890   -10.839 1.00 7.87  ? 67  ARG A CB  1 
ATOM   481  C CG  . ARG A 1 66  ? -8.509  1.471   -12.146 1.00 9.54  ? 67  ARG A CG  1 
ATOM   482  C CD  . ARG A 1 66  ? -7.464  1.344   -13.249 1.00 9.96  ? 67  ARG A CD  1 
ATOM   483  N NE  . ARG A 1 66  ? -6.241  2.106   -12.984 1.00 9.11  ? 67  ARG A NE  1 
ATOM   484  C CZ  . ARG A 1 66  ? -5.026  1.593   -12.800 1.00 7.87  ? 67  ARG A CZ  1 
ATOM   485  N NH1 . ARG A 1 66  ? -4.807  0.299   -12.872 1.00 8.98  ? 67  ARG A NH1 1 
ATOM   486  N NH2 . ARG A 1 66  ? -3.997  2.390   -12.584 1.00 8.49  ? 67  ARG A NH2 1 
ATOM   487  N N   . PHE A 1 67  ? -7.899  0.764   -7.706  1.00 7.73  ? 68  PHE A N   1 
ATOM   488  C CA  . PHE A 1 67  ? -7.284  0.227   -6.487  1.00 7.31  ? 68  PHE A CA  1 
ATOM   489  C C   . PHE A 1 67  ? -8.141  0.620   -5.283  1.00 7.50  ? 68  PHE A C   1 
ATOM   490  O O   . PHE A 1 67  ? -8.646  1.747   -5.221  1.00 8.84  ? 68  PHE A O   1 
ATOM   491  C CB  . PHE A 1 67  ? -5.883  0.823   -6.283  1.00 7.56  ? 68  PHE A CB  1 
ATOM   492  C CG  . PHE A 1 67  ? -4.834  0.396   -7.274  1.00 6.68  ? 68  PHE A CG  1 
ATOM   493  C CD1 . PHE A 1 67  ? -5.115  -0.288  -8.449  1.00 7.48  ? 68  PHE A CD1 1 
ATOM   494  C CD2 . PHE A 1 67  ? -3.522  0.737   -7.011  1.00 7.16  ? 68  PHE A CD2 1 
ATOM   495  C CE1 . PHE A 1 67  ? -4.107  -0.624  -9.334  1.00 8.09  ? 68  PHE A CE1 1 
ATOM   496  C CE2 . PHE A 1 67  ? -2.525  0.401   -7.878  1.00 8.92  ? 68  PHE A CE2 1 
ATOM   497  C CZ  . PHE A 1 67  ? -2.809  -0.278  -9.051  1.00 8.49  ? 68  PHE A CZ  1 
ATOM   498  N N   . THR A 1 68  ? -8.252  -0.281  -4.308  1.00 7.11  ? 69  THR A N   1 
ATOM   499  C CA  . THR A 1 68  ? -8.929  -0.024  -3.044  1.00 7.30  ? 69  THR A CA  1 
ATOM   500  C C   . THR A 1 68  ? -8.018  -0.445  -1.901  1.00 7.15  ? 69  THR A C   1 
ATOM   501  O O   . THR A 1 68  ? -7.560  -1.610  -1.852  1.00 7.51  ? 69  THR A O   1 
ATOM   502  C CB  . THR A 1 68  ? -10.276 -0.773  -2.942  1.00 8.29  ? 69  THR A CB  1 
ATOM   503  O OG1 . THR A 1 68  ? -11.112 -0.388  -4.036  1.00 8.14  ? 69  THR A OG1 1 
ATOM   504  C CG2 . THR A 1 68  ? -10.989 -0.470  -1.628  1.00 9.67  ? 69  THR A CG2 1 
ATOM   505  N N   . ILE A 1 69  ? -7.726  0.487   -1.004  1.00 7.43  ? 70  ILE A N   1 
ATOM   506  C CA  . ILE A 1 69  ? -6.983  0.166   0.217   1.00 7.65  ? 70  ILE A CA  1 
ATOM   507  C C   . ILE A 1 69  ? -8.006  -0.080  1.336   1.00 7.65  ? 70  ILE A C   1 
ATOM   508  O O   . ILE A 1 69  ? -9.040  0.594   1.416   1.00 8.87  ? 70  ILE A O   1 
ATOM   509  C CB  . ILE A 1 69  ? -5.960  1.278   0.569   1.00 7.82  ? 70  ILE A CB  1 
ATOM   510  C CG1 . ILE A 1 69  ? -5.005  0.825   1.682   1.00 8.94  ? 70  ILE A CG1 1 
ATOM   511  C CG2 . ILE A 1 69  ? -6.620  2.629   0.882   1.00 7.43  ? 70  ILE A CG2 1 
ATOM   512  C CD1 . ILE A 1 69  ? -3.972  1.859   2.066   1.00 4.43  ? 70  ILE A CD1 1 
ATOM   513  N N   . SER A 1 70  ? -7.722  -1.060  2.181   1.00 7.85  ? 71  SER A N   1 
ATOM   514  C CA  . SER A 1 70  ? -8.608  -1.392  3.299   1.00 7.86  ? 71  SER A CA  1 
ATOM   515  C C   . SER A 1 70  ? -7.724  -1.932  4.393   1.00 7.69  ? 71  SER A C   1 
ATOM   516  O O   . SER A 1 70  ? -6.564  -2.236  4.162   1.00 7.83  ? 71  SER A O   1 
ATOM   517  C CB  . SER A 1 70  ? -9.663  -2.427  2.892   1.00 8.42  ? 71  SER A CB  1 
ATOM   518  O OG  . SER A 1 70  ? -9.041  -3.636  2.506   1.00 9.81  ? 71  SER A OG  1 
ATOM   519  N N   . ARG A 1 71  ? -8.249  -2.008  5.602   1.00 7.92  ? 72  ARG A N   1 
ATOM   520  C CA  . ARG A 1 71  ? -7.528  -2.651  6.687   1.00 8.33  ? 72  ARG A CA  1 
ATOM   521  C C   . ARG A 1 71  ? -8.482  -3.470  7.526   1.00 8.67  ? 72  ARG A C   1 
ATOM   522  O O   . ARG A 1 71  ? -9.649  -3.117  7.723   1.00 9.42  ? 72  ARG A O   1 
ATOM   523  C CB  . ARG A 1 71  ? -6.748  -1.636  7.536   1.00 8.17  ? 72  ARG A CB  1 
ATOM   524  C CG  . ARG A 1 71  ? -7.591  -0.683  8.375   1.00 7.81  ? 72  ARG A CG  1 
ATOM   525  C CD  . ARG A 1 71  ? -6.763  0.494   8.862   1.00 7.72  ? 72  ARG A CD  1 
ATOM   526  N NE  . ARG A 1 71  ? -5.743  0.114   9.837   1.00 7.41  ? 72  ARG A NE  1 
ATOM   527  C CZ  . ARG A 1 71  ? -4.669  0.837   10.105  1.00 7.19  ? 72  ARG A CZ  1 
ATOM   528  N NH1 . ARG A 1 71  ? -4.401  1.959   9.409   1.00 7.88  ? 72  ARG A NH1 1 
ATOM   529  N NH2 . ARG A 1 71  ? -3.802  0.431   11.034  1.00 7.37  ? 72  ARG A NH2 1 
ATOM   530  N N   . ASP A 1 72  ? -7.959  -4.575  8.022   1.00 9.80  ? 73  ASP A N   1 
ATOM   531  C CA  . ASP A 1 72  ? -8.668  -5.396  8.990   1.00 10.87 ? 73  ASP A CA  1 
ATOM   532  C C   . ASP A 1 72  ? -7.934  -5.222  10.300  1.00 10.63 ? 73  ASP A C   1 
ATOM   533  O O   . ASP A 1 72  ? -6.977  -5.941  10.588  1.00 10.52 ? 73  ASP A O   1 
ATOM   534  C CB  . ASP A 1 72  ? -8.676  -6.860  8.541   1.00 12.16 ? 73  ASP A CB  1 
ATOM   535  C CG  . ASP A 1 72  ? -9.583  -7.740  9.385   1.00 14.74 ? 73  ASP A CG  1 
ATOM   536  O OD1 . ASP A 1 72  ? -9.873  -7.393  10.550  1.00 15.44 ? 73  ASP A OD1 1 
ATOM   537  O OD2 . ASP A 1 72  ? -9.986  -8.794  8.856   1.00 17.05 ? 73  ASP A OD2 1 
ATOM   538  N N   . ASN A 1 73  ? -8.357  -4.252  11.098  1.00 10.69 ? 74  ASN A N   1 
ATOM   539  C CA  . ASN A 1 73  ? -7.674  -4.011  12.354  1.00 11.02 ? 74  ASN A CA  1 
ATOM   540  C C   . ASN A 1 73  ? -7.732  -5.243  13.256  1.00 11.63 ? 74  ASN A C   1 
ATOM   541  O O   . ASN A 1 73  ? -6.736  -5.561  13.908  1.00 13.22 ? 74  ASN A O   1 
ATOM   542  C CB  . ASN A 1 73  ? -8.196  -2.750  13.058  1.00 11.36 ? 74  ASN A CB  1 
ATOM   543  C CG  . ASN A 1 73  ? -7.602  -1.455  12.471  1.00 9.94  ? 74  ASN A CG  1 
ATOM   544  O OD1 . ASN A 1 73  ? -6.456  -1.432  12.038  1.00 10.85 ? 74  ASN A OD1 1 
ATOM   545  N ND2 . ASN A 1 73  ? -8.397  -0.380  12.428  1.00 12.24 ? 74  ASN A ND2 1 
ATOM   546  N N   . ALA A 1 74  ? -8.849  -5.973  13.222  1.00 10.52 ? 75  ALA A N   1 
ATOM   547  C CA  . ALA A 1 74  ? -8.975  -7.205  14.016  1.00 10.86 ? 75  ALA A CA  1 
ATOM   548  C C   . ALA A 1 74  ? -7.889  -8.247  13.695  1.00 9.88  ? 75  ALA A C   1 
ATOM   549  O O   . ALA A 1 74  ? -7.427  -8.949  14.595  1.00 10.12 ? 75  ALA A O   1 
ATOM   550  C CB  . ALA A 1 74  ? -10.383 -7.809  13.840  1.00 11.73 ? 75  ALA A CB  1 
ATOM   551  N N   . LYS A 1 75  ? -7.478  -8.336  12.426  1.00 10.13 ? 76  LYS A N   1 
ATOM   552  C CA  . LYS A 1 75  ? -6.488  -9.334  11.971  1.00 10.47 ? 76  LYS A CA  1 
ATOM   553  C C   . LYS A 1 75  ? -5.057  -8.801  11.845  1.00 10.35 ? 76  LYS A C   1 
ATOM   554  O O   . LYS A 1 75  ? -4.132  -9.577  11.556  1.00 10.83 ? 76  LYS A O   1 
ATOM   555  C CB  . LYS A 1 75  ? -6.964  -10.024 10.690  1.00 10.59 ? 76  LYS A CB  1 
ATOM   556  C CG  . LYS A 1 75  ? -8.191  -10.912 10.916  1.00 12.04 ? 76  LYS A CG  1 
ATOM   557  C CD  . LYS A 1 75  ? -8.535  -11.712 9.663   1.00 13.65 ? 76  LYS A CD  1 
ATOM   558  C CE  . LYS A 1 75  ? -9.815  -12.519 9.821   1.00 16.98 ? 76  LYS A CE  1 
ATOM   559  N NZ  . LYS A 1 75  ? -10.023 -13.485 8.694   1.00 23.71 ? 76  LYS A NZ  1 
ATOM   560  N N   . ASN A 1 76  ? -4.883  -7.496  12.087  1.00 10.20 ? 77  ASN A N   1 
ATOM   561  C CA  . ASN A 1 76  ? -3.573  -6.836  12.022  1.00 9.41  ? 77  ASN A CA  1 
ATOM   562  C C   . ASN A 1 76  ? -2.985  -6.894  10.612  1.00 9.86  ? 77  ASN A C   1 
ATOM   563  O O   . ASN A 1 76  ? -1.792  -7.111  10.424  1.00 9.61  ? 77  ASN A O   1 
ATOM   564  C CB  . ASN A 1 76  ? -2.616  -7.426  13.055  1.00 9.69  ? 77  ASN A CB  1 
ATOM   565  C CG  . ASN A 1 76  ? -3.207  -7.413  14.436  1.00 10.46 ? 77  ASN A CG  1 
ATOM   566  O OD1 . ASN A 1 76  ? -3.251  -8.440  15.122  1.00 12.47 ? 77  ASN A OD1 1 
ATOM   567  N ND2 . ASN A 1 76  ? -3.680  -6.259  14.858  1.00 9.99  ? 77  ASN A ND2 1 
ATOM   568  N N   . THR A 1 77  ? -3.858  -6.672  9.630   1.00 8.95  ? 78  THR A N   1 
ATOM   569  C CA  . THR A 1 77  ? -3.479  -6.760  8.226   1.00 10.14 ? 78  THR A CA  1 
ATOM   570  C C   . THR A 1 77  ? -4.160  -5.655  7.431   1.00 9.04  ? 78  THR A C   1 
ATOM   571  O O   . THR A 1 77  ? -5.327  -5.343  7.669   1.00 10.28 ? 78  THR A O   1 
ATOM   572  C CB  . THR A 1 77  ? -3.857  -8.134  7.640   1.00 10.61 ? 78  THR A CB  1 
ATOM   573  O OG1 . THR A 1 77  ? -3.377  -9.168  8.501   1.00 12.82 ? 78  THR A OG1 1 
ATOM   574  C CG2 . THR A 1 77  ? -3.253  -8.343  6.257   1.00 12.35 ? 78  THR A CG2 1 
ATOM   575  N N   . MET A 1 78  ? -3.407  -5.048  6.517   1.00 8.74  ? 79  MET A N   1 
ATOM   576  C CA  . MET A 1 78  ? -3.901  -4.013  5.607   1.00 7.79  ? 79  MET A CA  1 
ATOM   577  C C   . MET A 1 78  ? -3.771  -4.571  4.192   1.00 7.57  ? 79  MET A C   1 
ATOM   578  O O   . MET A 1 78  ? -2.884  -5.393  3.935   1.00 7.88  ? 79  MET A O   1 
ATOM   579  C CB  . MET A 1 78  ? -3.083  -2.726  5.815   1.00 8.56  ? 79  MET A CB  1 
ATOM   580  C CG  . MET A 1 78  ? -3.398  -1.594  4.846   1.00 9.14  ? 79  MET A CG  1 
ATOM   581  S SD  . MET A 1 78  ? -2.436  -1.712  3.325   1.00 8.97  ? 79  MET A SD  1 
ATOM   582  C CE  . MET A 1 78  ? -0.930  -0.845  3.789   1.00 9.43  ? 79  MET A CE  1 
ATOM   583  N N   . TYR A 1 79  ? -4.655  -4.141  3.290   1.00 6.93  ? 80  TYR A N   1 
ATOM   584  C CA  . TYR A 1 79  ? -4.722  -4.684  1.934   1.00 7.48  ? 80  TYR A CA  1 
ATOM   585  C C   . TYR A 1 79  ? -4.751  -3.603  0.867   1.00 6.72  ? 80  TYR A C   1 
ATOM   586  O O   . TYR A 1 79  ? -5.375  -2.534  1.066   1.00 7.88  ? 80  TYR A O   1 
ATOM   587  C CB  . TYR A 1 79  ? -6.019  -5.488  1.775   1.00 8.06  ? 80  TYR A CB  1 
ATOM   588  C CG  . TYR A 1 79  ? -6.162  -6.590  2.779   1.00 9.76  ? 80  TYR A CG  1 
ATOM   589  C CD1 . TYR A 1 79  ? -5.530  -7.818  2.578   1.00 11.98 ? 80  TYR A CD1 1 
ATOM   590  C CD2 . TYR A 1 79  ? -6.913  -6.418  3.933   1.00 11.01 ? 80  TYR A CD2 1 
ATOM   591  C CE1 . TYR A 1 79  ? -5.642  -8.843  3.502   1.00 14.29 ? 80  TYR A CE1 1 
ATOM   592  C CE2 . TYR A 1 79  ? -7.026  -7.452  4.881   1.00 14.18 ? 80  TYR A CE2 1 
ATOM   593  C CZ  . TYR A 1 79  ? -6.385  -8.646  4.648   1.00 15.06 ? 80  TYR A CZ  1 
ATOM   594  O OH  . TYR A 1 79  ? -6.503  -9.674  5.566   1.00 19.09 ? 80  TYR A OH  1 
ATOM   595  N N   . LEU A 1 80  ? -4.138  -3.873  -0.275  1.00 6.82  ? 81  LEU A N   1 
ATOM   596  C CA  . LEU A 1 80  ? -4.369  -3.096  -1.480  1.00 6.80  ? 81  LEU A CA  1 
ATOM   597  C C   . LEU A 1 80  ? -4.941  -4.035  -2.535  1.00 6.51  ? 81  LEU A C   1 
ATOM   598  O O   . LEU A 1 80  ? -4.239  -4.926  -3.022  1.00 6.56  ? 81  LEU A O   1 
ATOM   599  C CB  . LEU A 1 80  ? -3.079  -2.446  -1.989  1.00 7.22  ? 81  LEU A CB  1 
ATOM   600  C CG  . LEU A 1 80  ? -3.296  -1.432  -3.110  1.00 6.91  ? 81  LEU A CG  1 
ATOM   601  C CD1 . LEU A 1 80  ? -4.086  -0.184  -2.639  1.00 8.31  ? 81  LEU A CD1 1 
ATOM   602  C CD2 . LEU A 1 80  ? -1.961  -1.015  -3.702  1.00 8.57  ? 81  LEU A CD2 1 
ATOM   603  N N   . GLN A 1 81  ? -6.219  -3.846  -2.861  1.00 6.62  ? 82  GLN A N   1 
ATOM   604  C CA  . GLN A 1 81  ? -6.836  -4.594  -3.946  1.00 7.14  ? 82  GLN A CA  1 
ATOM   605  C C   . GLN A 1 81  ? -6.617  -3.850  -5.256  1.00 6.58  ? 82  GLN A C   1 
ATOM   606  O O   . GLN A 1 81  ? -7.157  -2.739  -5.433  1.00 8.19  ? 82  GLN A O   1 
ATOM   607  C CB  . GLN A 1 81  ? -8.329  -4.756  -3.671  1.00 7.93  ? 82  GLN A CB  1 
ATOM   608  C CG  . GLN A 1 81  ? -9.061  -5.552  -4.725  1.00 8.74  ? 82  GLN A CG  1 
ATOM   609  C CD  . GLN A 1 81  ? -8.531  -6.979  -4.826  1.00 8.07  ? 82  GLN A CD  1 
ATOM   610  O OE1 . GLN A 1 81  ? -8.337  -7.664  -3.811  1.00 10.23 ? 82  GLN A OE1 1 
ATOM   611  N NE2 . GLN A 1 81  ? -8.290  -7.434  -6.036  1.00 9.79  ? 82  GLN A NE2 1 
ATOM   612  N N   . MET A 1 82  ? -5.846  -4.430  -6.158  1.00 7.01  ? 83  MET A N   1 
ATOM   613  C CA  . MET A 1 82  ? -5.478  -3.800  -7.411  1.00 6.76  ? 83  MET A CA  1 
ATOM   614  C C   . MET A 1 82  ? -6.224  -4.434  -8.571  1.00 6.67  ? 83  MET A C   1 
ATOM   615  O O   . MET A 1 82  ? -5.911  -5.553  -8.963  1.00 7.43  ? 83  MET A O   1 
ATOM   616  C CB  . MET A 1 82  ? -3.973  -3.871  -7.644  1.00 7.39  ? 83  MET A CB  1 
ATOM   617  C CG  . MET A 1 82  ? -3.135  -3.233  -6.517  1.00 6.75  ? 83  MET A CG  1 
ATOM   618  S SD  . MET A 1 82  ? -1.384  -2.988  -6.969  1.00 14.88 ? 83  MET A SD  1 
ATOM   619  C CE  . MET A 1 82  ? -0.641  -2.898  -5.364  1.00 20.74 ? 83  MET A CE  1 
ATOM   620  N N   . ASN A 1 83  ? -7.193  -3.703  -9.125  1.00 7.12  ? 84  ASN A N   1 
ATOM   621  C CA  . ASN A 1 83  ? -8.004  -4.219  -10.209 1.00 7.20  ? 84  ASN A CA  1 
ATOM   622  C C   . ASN A 1 83  ? -7.686  -3.454  -11.486 1.00 8.21  ? 84  ASN A C   1 
ATOM   623  O O   . ASN A 1 83  ? -7.123  -2.340  -11.462 1.00 7.59  ? 84  ASN A O   1 
ATOM   624  C CB  . ASN A 1 83  ? -9.511  -4.145  -9.897  1.00 7.98  ? 84  ASN A CB  1 
ATOM   625  C CG  . ASN A 1 83  ? -9.922  -4.990  -8.703  1.00 7.30  ? 84  ASN A CG  1 
ATOM   626  O OD1 . ASN A 1 83  ? -10.960 -4.725  -8.081  1.00 10.47 ? 84  ASN A OD1 1 
ATOM   627  N ND2 . ASN A 1 83  ? -9.133  -5.993  -8.374  1.00 6.82  ? 84  ASN A ND2 1 
ATOM   628  N N   . ASN A 1 84  ? -8.099  -4.048  -12.600 1.00 8.49  ? 85  ASN A N   1 
ATOM   629  C CA  . ASN A 1 84  ? -7.842  -3.511  -13.924 1.00 8.66  ? 85  ASN A CA  1 
ATOM   630  C C   . ASN A 1 84  ? -6.423  -2.996  -14.072 1.00 8.07  ? 85  ASN A C   1 
ATOM   631  O O   . ASN A 1 84  ? -6.196  -1.800  -14.383 1.00 7.76  ? 85  ASN A O   1 
ATOM   632  C CB  . ASN A 1 84  ? -8.838  -2.409  -14.292 1.00 8.64  ? 85  ASN A CB  1 
ATOM   633  C CG  . ASN A 1 84  ? -8.770  -2.047  -15.770 1.00 8.62  ? 85  ASN A CG  1 
ATOM   634  O OD1 . ASN A 1 84  ? -8.259  -2.802  -16.584 1.00 10.76 ? 85  ASN A OD1 1 
ATOM   635  N ND2 . ASN A 1 84  ? -9.261  -0.861  -16.116 1.00 11.81 ? 85  ASN A ND2 1 
ATOM   636  N N   . LEU A 1 85  ? -5.469  -3.897  -13.863 1.00 7.77  ? 86  LEU A N   1 
ATOM   637  C CA  . LEU A 1 85  ? -4.064  -3.543  -13.869 1.00 7.80  ? 86  LEU A CA  1 
ATOM   638  C C   . LEU A 1 85  ? -3.566  -3.159  -15.253 1.00 8.04  ? 86  LEU A C   1 
ATOM   639  O O   . LEU A 1 85  ? -4.019  -3.716  -16.264 1.00 8.60  ? 86  LEU A O   1 
ATOM   640  C CB  . LEU A 1 85  ? -3.229  -4.639  -13.206 1.00 8.82  ? 86  LEU A CB  1 
ATOM   641  C CG  . LEU A 1 85  ? -3.175  -4.540  -11.665 1.00 11.09 ? 86  LEU A CG  1 
ATOM   642  C CD1 . LEU A 1 85  ? -2.888  -5.856  -10.978 1.00 11.79 ? 86  LEU A CD1 1 
ATOM   643  C CD2 . LEU A 1 85  ? -2.158  -3.503  -11.191 1.00 11.23 ? 86  LEU A CD2 1 
ATOM   644  N N   . LYS A 1 86  ? -2.647  -2.199  -15.268 1.00 7.81  ? 87  LYS A N   1 
ATOM   645  C CA  . LYS A 1 86  ? -2.135  -1.594  -16.494 1.00 8.00  ? 87  LYS A CA  1 
ATOM   646  C C   . LYS A 1 86  ? -0.627  -1.641  -16.503 1.00 7.92  ? 87  LYS A C   1 
ATOM   647  O O   . LYS A 1 86  ? -0.019  -1.659  -15.443 1.00 8.17  ? 87  LYS A O   1 
ATOM   648  C CB  . LYS A 1 86  ? -2.612  -0.134  -16.589 1.00 8.71  ? 87  LYS A CB  1 
ATOM   649  C CG  . LYS A 1 86  ? -4.128  -0.006  -16.718 1.00 8.81  ? 87  LYS A CG  1 
ATOM   650  C CD  . LYS A 1 86  ? -4.561  1.417   -16.462 1.00 8.93  ? 87  LYS A CD  1 
ATOM   651  C CE  . LYS A 1 86  ? -6.049  1.608   -16.540 1.00 11.09 ? 87  LYS A CE  1 
ATOM   652  N NZ  . LYS A 1 86  ? -6.562  1.474   -17.933 1.00 11.97 ? 87  LYS A NZ  1 
ATOM   653  N N   . PRO A 1 87  ? -0.003  -1.582  -17.692 1.00 8.63  ? 88  PRO A N   1 
ATOM   654  C CA  . PRO A 1 87  ? 1.463   -1.523  -17.756 1.00 8.69  ? 88  PRO A CA  1 
ATOM   655  C C   . PRO A 1 87  ? 2.086   -0.430  -16.875 1.00 9.09  ? 88  PRO A C   1 
ATOM   656  O O   . PRO A 1 87  ? 3.138   -0.653  -16.285 1.00 9.60  ? 88  PRO A O   1 
ATOM   657  C CB  . PRO A 1 87  ? 1.742   -1.234  -19.242 1.00 10.05 ? 88  PRO A CB  1 
ATOM   658  C CG  . PRO A 1 87  ? 0.418   -0.923  -19.857 1.00 8.92  ? 88  PRO A CG  1 
ATOM   659  C CD  . PRO A 1 87  ? -0.589  -1.639  -19.043 1.00 9.28  ? 88  PRO A CD  1 
ATOM   660  N N   . GLU A 1 88  ? 1.413   0.709   -16.751 1.00 8.81  ? 89  GLU A N   1 
ATOM   661  C CA  . GLU A 1 88  ? 1.907   1.800   -15.926 1.00 9.63  ? 89  GLU A CA  1 
ATOM   662  C C   . GLU A 1 88  ? 2.012   1.433   -14.448 1.00 8.63  ? 89  GLU A C   1 
ATOM   663  O O   . GLU A 1 88  ? 2.664   2.161   -13.687 1.00 9.87  ? 89  GLU A O   1 
ATOM   664  C CB  . GLU A 1 88  ? 1.054   3.050   -16.095 1.00 9.78  ? 89  GLU A CB  1 
ATOM   665  C CG  . GLU A 1 88  ? -0.319  2.940   -15.462 1.00 11.62 ? 89  GLU A CG  1 
ATOM   666  C CD  . GLU A 1 88  ? -1.175  4.115   -15.850 1.00 11.91 ? 89  GLU A CD  1 
ATOM   667  O OE1 . GLU A 1 88  ? -1.494  4.240   -17.054 1.00 12.82 ? 89  GLU A OE1 1 
ATOM   668  O OE2 . GLU A 1 88  ? -1.508  4.925   -14.958 1.00 13.54 ? 89  GLU A OE2 1 
ATOM   669  N N   . ASP A 1 89  ? 1.382   0.333   -14.035 1.00 8.05  ? 90  ASP A N   1 
ATOM   670  C CA  . ASP A 1 89  ? 1.383   -0.071  -12.636 1.00 7.66  ? 90  ASP A CA  1 
ATOM   671  C C   . ASP A 1 89  ? 2.571   -0.964  -12.253 1.00 7.47  ? 90  ASP A C   1 
ATOM   672  O O   . ASP A 1 89  ? 2.750   -1.264  -11.060 1.00 7.31  ? 90  ASP A O   1 
ATOM   673  C CB  . ASP A 1 89  ? 0.076   -0.787  -12.292 1.00 8.36  ? 90  ASP A CB  1 
ATOM   674  C CG  . ASP A 1 89  ? -1.146  0.086   -12.482 1.00 7.90  ? 90  ASP A CG  1 
ATOM   675  O OD1 . ASP A 1 89  ? -1.149  1.275   -12.076 1.00 7.58  ? 90  ASP A OD1 1 
ATOM   676  O OD2 . ASP A 1 89  ? -2.141  -0.434  -13.052 1.00 8.40  ? 90  ASP A OD2 1 
ATOM   677  N N   . THR A 1 90  ? 3.369   -1.418  -13.224 1.00 7.55  ? 91  THR A N   1 
ATOM   678  C CA  . THR A 1 90  ? 4.563   -2.218  -12.927 1.00 8.12  ? 91  THR A CA  1 
ATOM   679  C C   . THR A 1 90  ? 5.532   -1.434  -12.067 1.00 7.71  ? 91  THR A C   1 
ATOM   680  O O   . THR A 1 90  ? 5.901   -0.313  -12.428 1.00 8.38  ? 91  THR A O   1 
ATOM   681  C CB  . THR A 1 90  ? 5.232   -2.627  -14.229 1.00 7.77  ? 91  THR A CB  1 
ATOM   682  O OG1 . THR A 1 90  ? 4.306   -3.468  -14.928 1.00 8.77  ? 91  THR A OG1 1 
ATOM   683  C CG2 . THR A 1 90  ? 6.530   -3.395  -13.980 1.00 9.60  ? 91  THR A CG2 1 
ATOM   684  N N   . ALA A 1 91  ? 5.940   -2.013  -10.938 1.00 8.19  ? 92  ALA A N   1 
ATOM   685  C CA  . ALA A 1 91  ? 6.813   -1.326  -9.971  1.00 8.15  ? 92  ALA A CA  1 
ATOM   686  C C   . ALA A 1 91  ? 7.079   -2.243  -8.798  1.00 7.69  ? 92  ALA A C   1 
ATOM   687  O O   . ALA A 1 91  ? 6.409   -3.257  -8.637  1.00 8.02  ? 92  ALA A O   1 
ATOM   688  C CB  . ALA A 1 91  ? 6.153   -0.026  -9.445  1.00 7.94  ? 92  ALA A CB  1 
ATOM   689  N N   . THR A 1 92  ? 8.030   -1.854  -7.954  1.00 7.67  ? 93  THR A N   1 
ATOM   690  C CA  . THR A 1 92  ? 8.132   -2.400  -6.616  1.00 7.82  ? 93  THR A CA  1 
ATOM   691  C C   . THR A 1 92  ? 7.189   -1.615  -5.710  1.00 7.18  ? 93  THR A C   1 
ATOM   692  O O   . THR A 1 92  ? 7.240   -0.394  -5.671  1.00 7.30  ? 93  THR A O   1 
ATOM   693  C CB  . THR A 1 92  ? 9.575   -2.319  -6.084  1.00 8.92  ? 93  THR A CB  1 
ATOM   694  O OG1 . THR A 1 92  ? 10.446  -3.009  -6.979  1.00 12.10 ? 93  THR A OG1 1 
ATOM   695  C CG2 . THR A 1 92  ? 9.699   -2.958  -4.710  1.00 10.26 ? 93  THR A CG2 1 
ATOM   696  N N   . TYR A 1 93  ? 6.313   -2.328  -5.016  1.00 7.03  ? 94  TYR A N   1 
ATOM   697  C CA  . TYR A 1 93  ? 5.359   -1.741  -4.085  1.00 6.82  ? 94  TYR A CA  1 
ATOM   698  C C   . TYR A 1 93  ? 5.844   -1.925  -2.663  1.00 7.13  ? 94  TYR A C   1 
ATOM   699  O O   . TYR A 1 93  ? 6.156   -3.057  -2.264  1.00 7.89  ? 94  TYR A O   1 
ATOM   700  C CB  . TYR A 1 93  ? 3.978   -2.390  -4.264  1.00 7.17  ? 94  TYR A CB  1 
ATOM   701  C CG  . TYR A 1 93  ? 3.266   -1.914  -5.509  1.00 6.22  ? 94  TYR A CG  1 
ATOM   702  C CD1 . TYR A 1 93  ? 3.709   -2.294  -6.764  1.00 7.72  ? 94  TYR A CD1 1 
ATOM   703  C CD2 . TYR A 1 93  ? 2.173   -1.083  -5.423  1.00 6.31  ? 94  TYR A CD2 1 
ATOM   704  C CE1 . TYR A 1 93  ? 3.103   -1.836  -7.912  1.00 6.86  ? 94  TYR A CE1 1 
ATOM   705  C CE2 . TYR A 1 93  ? 1.515   -0.627  -6.563  1.00 6.84  ? 94  TYR A CE2 1 
ATOM   706  C CZ  . TYR A 1 93  ? 1.996   -0.998  -7.811  1.00 6.30  ? 94  TYR A CZ  1 
ATOM   707  O OH  . TYR A 1 93  ? 1.352   -0.529  -8.953  1.00 6.79  ? 94  TYR A OH  1 
ATOM   708  N N   . TYR A 1 94  ? 5.907   -0.827  -1.907  1.00 6.71  ? 95  TYR A N   1 
ATOM   709  C CA  . TYR A 1 94  ? 6.337   -0.826  -0.519  1.00 6.88  ? 95  TYR A CA  1 
ATOM   710  C C   . TYR A 1 94  ? 5.175   -0.497  0.380   1.00 6.51  ? 95  TYR A C   1 
ATOM   711  O O   . TYR A 1 94  ? 4.493   0.522   0.199   1.00 6.70  ? 95  TYR A O   1 
ATOM   712  C CB  . TYR A 1 94  ? 7.392   0.258   -0.299  1.00 8.13  ? 95  TYR A CB  1 
ATOM   713  C CG  . TYR A 1 94  ? 8.674   0.030   -1.056  1.00 8.71  ? 95  TYR A CG  1 
ATOM   714  C CD1 . TYR A 1 94  ? 8.867   0.573   -2.326  1.00 12.28 ? 95  TYR A CD1 1 
ATOM   715  C CD2 . TYR A 1 94  ? 9.689   -0.740  -0.512  1.00 11.67 ? 95  TYR A CD2 1 
ATOM   716  C CE1 . TYR A 1 94  ? 10.061  0.338   -3.035  1.00 13.79 ? 95  TYR A CE1 1 
ATOM   717  C CE2 . TYR A 1 94  ? 10.872  -0.978  -1.204  1.00 14.02 ? 95  TYR A CE2 1 
ATOM   718  C CZ  . TYR A 1 94  ? 11.052  -0.442  -2.448  1.00 14.60 ? 95  TYR A CZ  1 
ATOM   719  O OH  . TYR A 1 94  ? 12.246  -0.705  -3.097  1.00 16.73 ? 95  TYR A OH  1 
ATOM   720  N N   . CYS A 1 95  ? 4.977   -1.313  1.404   1.00 6.23  ? 96  CYS A N   1 
ATOM   721  C CA  . CYS A 1 95  ? 4.095   -0.947  2.485   1.00 6.23  ? 96  CYS A CA  1 
ATOM   722  C C   . CYS A 1 95  ? 4.839   0.035   3.383   1.00 6.37  ? 96  CYS A C   1 
ATOM   723  O O   . CYS A 1 95  ? 6.062   -0.091  3.613   1.00 6.52  ? 96  CYS A O   1 
ATOM   724  C CB  . CYS A 1 95  ? 3.737   -2.191  3.288   1.00 7.05  ? 96  CYS A CB  1 
ATOM   725  S SG  . CYS A 1 95  ? 2.721   -1.828  4.724   1.00 7.51  ? 96  CYS A SG  1 
ATOM   726  N N   . ALA A 1 96  ? 4.105   1.010   3.921   1.00 6.24  ? 97  ALA A N   1 
ATOM   727  C CA  . ALA A 1 96  ? 4.687   1.995   4.835   1.00 7.18  ? 97  ALA A CA  1 
ATOM   728  C C   . ALA A 1 96  ? 3.682   2.329   5.904   1.00 6.69  ? 97  ALA A C   1 
ATOM   729  O O   . ALA A 1 96  ? 2.473   2.195   5.689   1.00 7.62  ? 97  ALA A O   1 
ATOM   730  C CB  . ALA A 1 96  ? 5.111   3.279   4.081   1.00 8.15  ? 97  ALA A CB  1 
ATOM   731  N N   . ARG A 1 97  ? 4.148   2.782   7.052   1.00 6.89  ? 98  ARG A N   1 
ATOM   732  C CA  . ARG A 1 97  ? 3.224   3.219   8.081   1.00 7.42  ? 98  ARG A CA  1 
ATOM   733  C C   . ARG A 1 97  ? 3.830   4.321   8.915   1.00 7.37  ? 98  ARG A C   1 
ATOM   734  O O   . ARG A 1 97  ? 5.048   4.507   8.978   1.00 7.84  ? 98  ARG A O   1 
ATOM   735  C CB  . ARG A 1 97  ? 2.772   2.069   8.971   1.00 8.84  ? 98  ARG A CB  1 
ATOM   736  C CG  . ARG A 1 97  ? 3.780   1.618   9.984   1.00 8.78  ? 98  ARG A CG  1 
ATOM   737  C CD  . ARG A 1 97  ? 3.134   0.683   10.976  1.00 8.88  ? 98  ARG A CD  1 
ATOM   738  N NE  . ARG A 1 97  ? 4.110   0.156   11.935  1.00 10.31 ? 98  ARG A NE  1 
ATOM   739  C CZ  . ARG A 1 97  ? 3.783   -0.703  12.900  1.00 12.28 ? 98  ARG A CZ  1 
ATOM   740  N NH1 . ARG A 1 97  ? 2.532   -1.115  13.027  1.00 11.20 ? 98  ARG A NH1 1 
ATOM   741  N NH2 . ARG A 1 97  ? 4.714   -1.139  13.740  1.00 13.75 ? 98  ARG A NH2 1 
ATOM   742  N N   . GLY A 1 98  ? 2.953   5.072   9.553   1.00 7.75  ? 99  GLY A N   1 
ATOM   743  C CA  . GLY A 1 98  ? 3.366   6.204   10.371  1.00 8.87  ? 99  GLY A CA  1 
ATOM   744  C C   . GLY A 1 98  ? 2.312   6.436   11.416  1.00 9.03  ? 99  GLY A C   1 
ATOM   745  O O   . GLY A 1 98  ? 1.182   5.991   11.275  1.00 9.73  ? 99  GLY A O   1 
ATOM   746  N N   . LEU A 1 99  ? 2.686   7.168   12.452  1.00 9.73  ? 100 LEU A N   1 
ATOM   747  C CA  . LEU A 1 99  ? 1.759   7.413   13.551  1.00 10.76 ? 100 LEU A CA  1 
ATOM   748  C C   . LEU A 1 99  ? 0.500   8.118   13.060  1.00 9.68  ? 100 LEU A C   1 
ATOM   749  O O   . LEU A 1 99  ? 0.555   8.977   12.177  1.00 9.51  ? 100 LEU A O   1 
ATOM   750  C CB  . LEU A 1 99  ? 2.417   8.256   14.643  1.00 12.71 ? 100 LEU A CB  1 
ATOM   751  C CG  . LEU A 1 99  ? 3.580   7.611   15.399  1.00 16.48 ? 100 LEU A CG  1 
ATOM   752  C CD1 . LEU A 1 99  ? 4.310   8.675   16.180  1.00 20.12 ? 100 LEU A CD1 1 
ATOM   753  C CD2 . LEU A 1 99  ? 3.149   6.457   16.309  1.00 19.38 ? 100 LEU A CD2 1 
ATOM   754  N N   . GLY A 1 100 ? -0.628  7.747   13.663  1.00 10.53 ? 101 GLY A N   1 
ATOM   755  C CA  . GLY A 1 100 ? -1.935  8.274   13.284  1.00 10.99 ? 101 GLY A CA  1 
ATOM   756  C C   . GLY A 1 100 ? -2.131  9.780   13.468  1.00 10.90 ? 101 GLY A C   1 
ATOM   757  O O   . GLY A 1 100 ? -3.080  10.356  12.964  1.00 11.69 ? 101 GLY A O   1 
ATOM   758  N N   . ILE A 1 101 ? -1.216  10.419  14.176  1.00 10.89 ? 102 ILE A N   1 
ATOM   759  C CA  . ILE A 1 101 ? -1.203  11.883  14.275  1.00 12.01 ? 102 ILE A CA  1 
ATOM   760  C C   . ILE A 1 101 ? -0.986  12.543  12.916  1.00 10.59 ? 102 ILE A C   1 
ATOM   761  O O   . ILE A 1 101 ? -1.453  13.655  12.694  1.00 10.71 ? 102 ILE A O   1 
ATOM   762  C CB  . ILE A 1 101 ? -0.135  12.334  15.269  1.00 13.25 ? 102 ILE A CB  1 
ATOM   763  C CG1 . ILE A 1 101 ? -0.538  11.935  16.679  1.00 15.50 ? 102 ILE A CG1 1 
ATOM   764  C CG2 . ILE A 1 101 ? 0.101   13.825  15.228  1.00 17.39 ? 102 ILE A CG2 1 
ATOM   765  C CD1 . ILE A 1 101 ? 0.660   11.658  17.553  1.00 21.51 ? 102 ILE A CD1 1 
ATOM   766  N N   . TYR A 1 102 ? -0.289  11.877  12.001  1.00 9.94  ? 103 TYR A N   1 
ATOM   767  C CA  . TYR A 1 102 ? -0.081  12.437  10.673  1.00 10.06 ? 103 TYR A CA  1 
ATOM   768  C C   . TYR A 1 102 ? -1.320  12.379  9.804   1.00 10.45 ? 103 TYR A C   1 
ATOM   769  O O   . TYR A 1 102 ? -2.080  11.406  9.840   1.00 11.68 ? 103 TYR A O   1 
ATOM   770  C CB  . TYR A 1 102 ? 1.024   11.674  9.952   1.00 9.95  ? 103 TYR A CB  1 
ATOM   771  C CG  . TYR A 1 102 ? 2.390   12.007  10.455  1.00 9.97  ? 103 TYR A CG  1 
ATOM   772  C CD1 . TYR A 1 102 ? 3.047   13.169  10.018  1.00 10.72 ? 103 TYR A CD1 1 
ATOM   773  C CD2 . TYR A 1 102 ? 3.055   11.152  11.330  1.00 11.58 ? 103 TYR A CD2 1 
ATOM   774  C CE1 . TYR A 1 102 ? 4.325   13.472  10.464  1.00 11.33 ? 103 TYR A CE1 1 
ATOM   775  C CE2 . TYR A 1 102 ? 4.324   11.443  11.798  1.00 12.84 ? 103 TYR A CE2 1 
ATOM   776  C CZ  . TYR A 1 102 ? 4.963   12.604  11.351  1.00 10.43 ? 103 TYR A CZ  1 
ATOM   777  O OH  . TYR A 1 102 ? 6.231   12.893  11.804  1.00 13.60 ? 103 TYR A OH  1 
ATOM   778  N N   . ILE A 1 103 ? -1.508  13.407  8.984   1.00 11.57 ? 104 ILE A N   1 
ATOM   779  C CA  . ILE A 1 103 ? -2.403  13.283  7.823   1.00 13.35 ? 104 ILE A CA  1 
ATOM   780  C C   . ILE A 1 103 ? -1.820  12.230  6.871   1.00 13.35 ? 104 ILE A C   1 
ATOM   781  O O   . ILE A 1 103 ? -0.601  12.123  6.719   1.00 13.87 ? 104 ILE A O   1 
ATOM   782  C CB  . ILE A 1 103 ? -2.636  14.631  7.090   1.00 15.02 ? 104 ILE A CB  1 
ATOM   783  C CG1 . ILE A 1 103 ? -1.338  15.207  6.523   1.00 14.93 ? 104 ILE A CG1 1 
ATOM   784  C CG2 . ILE A 1 103 ? -3.283  15.619  8.009   1.00 16.19 ? 104 ILE A CG2 1 
ATOM   785  C CD1 . ILE A 1 103 ? -1.511  16.481  5.667   1.00 18.29 ? 104 ILE A CD1 1 
ATOM   786  N N   . ILE A 1 104 ? -2.686  11.455  6.218   1.00 13.13 ? 105 ILE A N   1 
ATOM   787  C CA  . ILE A 1 104 ? -2.200  10.308  5.435   1.00 14.24 ? 105 ILE A CA  1 
ATOM   788  C C   . ILE A 1 104 ? -1.422  10.698  4.175   1.00 15.15 ? 105 ILE A C   1 
ATOM   789  O O   . ILE A 1 104 ? -0.593  9.927   3.677   1.00 15.82 ? 105 ILE A O   1 
ATOM   790  C CB  . ILE A 1 104 ? -3.330  9.313   5.112   1.00 13.68 ? 105 ILE A CB  1 
ATOM   791  C CG1 . ILE A 1 104 ? -4.522  9.999   4.412   1.00 15.11 ? 105 ILE A CG1 1 
ATOM   792  C CG2 . ILE A 1 104 ? -3.755  8.586   6.377   1.00 14.95 ? 105 ILE A CG2 1 
ATOM   793  C CD1 . ILE A 1 104 ? -5.592  9.026   3.910   1.00 17.10 ? 105 ILE A CD1 1 
ATOM   794  N N   . ARG A 1 105 ? -1.666  11.906  3.675   1.00 17.12 ? 106 ARG A N   1 
ATOM   795  C CA  . ARG A 1 105 ? -0.974  12.368  2.476   1.00 19.19 ? 106 ARG A CA  1 
ATOM   796  C C   . ARG A 1 105 ? 0.452   12.860  2.720   1.00 19.34 ? 106 ARG A C   1 
ATOM   797  O O   . ARG A 1 105 ? 1.213   13.027  1.762   1.00 20.44 ? 106 ARG A O   1 
ATOM   798  C CB  . ARG A 1 105 ? -1.789  13.428  1.737   1.00 19.94 ? 106 ARG A CB  1 
ATOM   799  C CG  . ARG A 1 105 ? -2.783  12.818  0.771   1.00 23.04 ? 106 ARG A CG  1 
ATOM   800  C CD  . ARG A 1 105 ? -3.203  13.808  -0.305  1.00 27.09 ? 106 ARG A CD  1 
ATOM   801  N NE  . ARG A 1 105 ? -4.044  13.188  -1.333  1.00 28.93 ? 106 ARG A NE  1 
ATOM   802  C CZ  . ARG A 1 105 ? -3.587  12.483  -2.363  1.00 28.82 ? 106 ARG A CZ  1 
ATOM   803  N NH1 . ARG A 1 105 ? -2.283  12.296  -2.525  1.00 30.51 ? 106 ARG A NH1 1 
ATOM   804  N NH2 . ARG A 1 105 ? -4.442  11.968  -3.242  1.00 30.62 ? 106 ARG A NH2 1 
ATOM   805  N N   . ALA A 1 106 ? 0.815   13.077  3.983   1.00 18.54 ? 107 ALA A N   1 
ATOM   806  C CA  . ALA A 1 106 ? 2.145   13.599  4.338   1.00 18.38 ? 107 ALA A CA  1 
ATOM   807  C C   . ALA A 1 106 ? 3.229   12.555  4.119   1.00 18.10 ? 107 ALA A C   1 
ATOM   808  O O   . ALA A 1 106 ? 3.331   11.584  4.868   1.00 17.50 ? 107 ALA A O   1 
ATOM   809  C CB  . ALA A 1 106 ? 2.173   14.089  5.786   1.00 18.18 ? 107 ALA A CB  1 
ATOM   810  N N   . ARG A 1 107 ? 4.048   12.772  3.093   1.00 18.62 ? 108 ARG A N   1 
ATOM   811  C CA  . ARG A 1 107 ? 5.160   11.876  2.800   1.00 18.29 ? 108 ARG A CA  1 
ATOM   812  C C   . ARG A 1 107 ? 6.071   11.732  4.024   1.00 17.06 ? 108 ARG A C   1 
ATOM   813  O O   . ARG A 1 107 ? 6.528   10.633  4.350   1.00 17.43 ? 108 ARG A O   1 
ATOM   814  C CB  . ARG A 1 107 ? 5.959   12.396  1.610   1.00 19.13 ? 108 ARG A CB  1 
ATOM   815  C CG  . ARG A 1 107 ? 7.033   11.453  1.165   1.00 19.76 ? 108 ARG A CG  1 
ATOM   816  C CD  . ARG A 1 107 ? 7.821   12.034  0.022   1.00 18.08 ? 108 ARG A CD  1 
ATOM   817  N NE  . ARG A 1 107 ? 7.093   11.999  -1.242  1.00 16.60 ? 108 ARG A NE  1 
ATOM   818  C CZ  . ARG A 1 107 ? 7.026   10.938  -2.043  1.00 15.69 ? 108 ARG A CZ  1 
ATOM   819  N NH1 . ARG A 1 107 ? 6.356   11.003  -3.182  1.00 14.94 ? 108 ARG A NH1 1 
ATOM   820  N NH2 . ARG A 1 107 ? 7.631   9.806   -1.708  1.00 16.27 ? 108 ARG A NH2 1 
ATOM   821  N N   . GLY A 1 108 ? 6.283   12.846  4.719   1.00 15.59 ? 109 GLY A N   1 
ATOM   822  C CA  . GLY A 1 108 ? 7.144   12.881  5.879   1.00 13.28 ? 109 GLY A CA  1 
ATOM   823  C C   . GLY A 1 108 ? 6.602   12.170  7.104   1.00 11.67 ? 109 GLY A C   1 
ATOM   824  O O   . GLY A 1 108 ? 7.263   12.138  8.112   1.00 10.57 ? 109 GLY A O   1 
ATOM   825  N N   . GLY A 1 109 ? 5.398   11.611  7.005   1.00 11.80 ? 110 GLY A N   1 
ATOM   826  C CA  . GLY A 1 109 ? 4.778   10.894  8.123   1.00 11.62 ? 110 GLY A CA  1 
ATOM   827  C C   . GLY A 1 109 ? 5.110   9.410   8.234   1.00 11.04 ? 110 GLY A C   1 
ATOM   828  O O   . GLY A 1 109 ? 4.802   8.777   9.259   1.00 14.23 ? 110 GLY A O   1 
ATOM   829  N N   . TYR A 1 110 ? 5.750   8.853   7.204   1.00 8.62  ? 111 TYR A N   1 
ATOM   830  C CA  . TYR A 1 110 ? 5.946   7.406   7.119   1.00 8.07  ? 111 TYR A CA  1 
ATOM   831  C C   . TYR A 1 110 ? 7.269   6.984   7.720   1.00 7.62  ? 111 TYR A C   1 
ATOM   832  O O   . TYR A 1 110 ? 8.319   7.181   7.118   1.00 8.66  ? 111 TYR A O   1 
ATOM   833  C CB  . TYR A 1 110 ? 5.749   6.904   5.684   1.00 8.42  ? 111 TYR A CB  1 
ATOM   834  C CG  . TYR A 1 110 ? 4.313   7.076   5.291   1.00 8.21  ? 111 TYR A CG  1 
ATOM   835  C CD1 . TYR A 1 110 ? 3.377   6.118   5.647   1.00 9.89  ? 111 TYR A CD1 1 
ATOM   836  C CD2 . TYR A 1 110 ? 3.866   8.236   4.645   1.00 9.61  ? 111 TYR A CD2 1 
ATOM   837  C CE1 . TYR A 1 110 ? 2.032   6.286   5.342   1.00 10.30 ? 111 TYR A CE1 1 
ATOM   838  C CE2 . TYR A 1 110 ? 2.526   8.413   4.339   1.00 10.36 ? 111 TYR A CE2 1 
ATOM   839  C CZ  . TYR A 1 110 ? 1.617   7.441   4.698   1.00 10.30 ? 111 TYR A CZ  1 
ATOM   840  O OH  . TYR A 1 110 ? 0.282   7.608   4.394   1.00 12.94 ? 111 TYR A OH  1 
ATOM   841  N N   . ASP A 1 111 ? 7.188   6.436   8.933   1.00 7.73  ? 112 ASP A N   1 
ATOM   842  C CA  . ASP A 1 111 ? 8.354   6.054   9.729   1.00 8.58  ? 112 ASP A CA  1 
ATOM   843  C C   . ASP A 1 111 ? 8.923   4.698   9.375   1.00 8.95  ? 112 ASP A C   1 
ATOM   844  O O   . ASP A 1 111 ? 10.129  4.504   9.480   1.00 9.74  ? 112 ASP A O   1 
ATOM   845  C CB  . ASP A 1 111 ? 8.007   6.016   11.229  1.00 9.61  ? 112 ASP A CB  1 
ATOM   846  C CG  . ASP A 1 111 ? 7.306   7.278   11.709  1.00 12.15 ? 112 ASP A CG  1 
ATOM   847  O OD1 . ASP A 1 111 ? 7.748   8.399   11.364  1.00 10.15 ? 112 ASP A OD1 1 
ATOM   848  O OD2 . ASP A 1 111 ? 6.262   7.171   12.414  1.00 17.33 ? 112 ASP A OD2 1 
ATOM   849  N N   . HIS A 1 112 ? 8.051   3.753   9.015   1.00 8.51  ? 113 HIS A N   1 
ATOM   850  C CA  . HIS A 1 112 ? 8.443   2.362   8.791   1.00 8.95  ? 113 HIS A CA  1 
ATOM   851  C C   . HIS A 1 112 ? 8.118   1.943   7.371   1.00 8.25  ? 113 HIS A C   1 
ATOM   852  O O   . HIS A 1 112 ? 7.063   2.327   6.827   1.00 8.02  ? 113 HIS A O   1 
ATOM   853  C CB  . HIS A 1 112 ? 7.696   1.373   9.664   1.00 9.99  ? 113 HIS A CB  1 
ATOM   854  C CG  . HIS A 1 112 ? 7.706   1.673   11.122  1.00 10.96 ? 113 HIS A CG  1 
ATOM   855  N ND1 . HIS A 1 112 ? 8.759   2.269   11.783  1.00 14.46 ? 113 HIS A ND1 1 
ATOM   856  C CD2 . HIS A 1 112 ? 6.765   1.414   12.058  1.00 11.17 ? 113 HIS A CD2 1 
ATOM   857  C CE1 . HIS A 1 112 ? 8.455   2.378   13.066  1.00 13.43 ? 113 HIS A CE1 1 
ATOM   858  N NE2 . HIS A 1 112 ? 7.256   1.854   13.261  1.00 15.28 ? 113 HIS A NE2 1 
ATOM   859  N N   . TRP A 1 113 ? 8.993   1.117   6.801   1.00 8.99  ? 114 TRP A N   1 
ATOM   860  C CA  . TRP A 1 113 ? 8.892   0.686   5.410   1.00 9.79  ? 114 TRP A CA  1 
ATOM   861  C C   . TRP A 1 113 ? 9.124   -0.795  5.342   1.00 10.36 ? 114 TRP A C   1 
ATOM   862  O O   . TRP A 1 113 ? 10.006  -1.351  6.032   1.00 11.56 ? 114 TRP A O   1 
ATOM   863  C CB  . TRP A 1 113 ? 9.917   1.414   4.550   1.00 9.91  ? 114 TRP A CB  1 
ATOM   864  C CG  . TRP A 1 113 ? 9.595   2.850   4.417   1.00 9.92  ? 114 TRP A CG  1 
ATOM   865  C CD1 . TRP A 1 113 ? 9.832   3.832   5.339   1.00 11.41 ? 114 TRP A CD1 1 
ATOM   866  C CD2 . TRP A 1 113 ? 8.945   3.487   3.317   1.00 9.58  ? 114 TRP A CD2 1 
ATOM   867  N NE1 . TRP A 1 113 ? 9.362   5.031   4.885   1.00 12.70 ? 114 TRP A NE1 1 
ATOM   868  C CE2 . TRP A 1 113 ? 8.813   4.856   3.645   1.00 10.59 ? 114 TRP A CE2 1 
ATOM   869  C CE3 . TRP A 1 113 ? 8.435   3.036   2.091   1.00 10.87 ? 114 TRP A CE3 1 
ATOM   870  C CZ2 . TRP A 1 113 ? 8.231   5.790   2.790   1.00 11.44 ? 114 TRP A CZ2 1 
ATOM   871  C CZ3 . TRP A 1 113 ? 7.847   3.964   1.237   1.00 11.83 ? 114 TRP A CZ3 1 
ATOM   872  C CH2 . TRP A 1 113 ? 7.754   5.334   1.591   1.00 11.38 ? 114 TRP A CH2 1 
ATOM   873  N N   . GLN A 1 114 ? 8.366   -1.465  4.497   1.00 10.57 ? 115 GLN A N   1 
ATOM   874  C CA  . GLN A 1 114 ? 8.638   -2.869  4.263   1.00 11.41 ? 115 GLN A CA  1 
ATOM   875  C C   . GLN A 1 114 ? 9.707   -3.035  3.181   1.00 11.16 ? 115 GLN A C   1 
ATOM   876  O O   . GLN A 1 114 ? 10.196  -2.062  2.626   1.00 12.12 ? 115 GLN A O   1 
ATOM   877  C CB  . GLN A 1 114 ? 7.352   -3.594  3.948   1.00 14.76 ? 115 GLN A CB  1 
ATOM   878  N N   . GLN A 1 115 ? 10.071  -4.270  2.892   1.00 11.13 ? 116 GLN A N   1 
ATOM   879  C CA  . GLN A 1 115 ? 11.147  -4.563  1.942   1.00 11.56 ? 116 GLN A CA  1 
ATOM   880  C C   . GLN A 1 115 ? 10.724  -4.406  0.487   1.00 10.73 ? 116 GLN A C   1 
ATOM   881  O O   . GLN A 1 115 ? 11.562  -4.308  -0.387  1.00 12.31 ? 116 GLN A O   1 
ATOM   882  C CB  . GLN A 1 115 ? 11.675  -5.981  2.171   1.00 13.44 ? 116 GLN A CB  1 
ATOM   883  N N   . GLY A 1 116 ? 9.423   -4.402  0.225   1.00 9.91  ? 117 GLY A N   1 
ATOM   884  C CA  . GLY A 1 116 ? 8.940   -4.242  -1.131  1.00 9.80  ? 117 GLY A CA  1 
ATOM   885  C C   . GLY A 1 116 ? 8.535   -5.553  -1.766  1.00 9.36  ? 117 GLY A C   1 
ATOM   886  O O   . GLY A 1 116 ? 9.076   -6.629  -1.456  1.00 10.80 ? 117 GLY A O   1 
ATOM   887  N N   . THR A 1 117 ? 7.560   -5.475  -2.655  1.00 9.19  ? 118 THR A N   1 
ATOM   888  C CA  . THR A 1 117 ? 7.181   -6.606  -3.471  1.00 9.30  ? 118 THR A CA  1 
ATOM   889  C C   . THR A 1 117 ? 7.025   -6.158  -4.923  1.00 8.85  ? 118 THR A C   1 
ATOM   890  O O   . THR A 1 117 ? 6.401   -5.133  -5.201  1.00 8.87  ? 118 THR A O   1 
ATOM   891  C CB  . THR A 1 117 ? 5.918   -7.332  -2.933  1.00 9.26  ? 118 THR A CB  1 
ATOM   892  O OG1 . THR A 1 117 ? 5.678   -8.481  -3.747  1.00 10.87 ? 118 THR A OG1 1 
ATOM   893  C CG2 . THR A 1 117 ? 4.670   -6.428  -2.926  1.00 10.17 ? 118 THR A CG2 1 
ATOM   894  N N   . GLN A 1 118 ? 7.626   -6.907  -5.839  1.00 8.51  ? 119 GLN A N   1 
ATOM   895  C CA  . GLN A 1 118 ? 7.584   -6.589  -7.270  1.00 9.13  ? 119 GLN A CA  1 
ATOM   896  C C   . GLN A 1 118 ? 6.262   -7.018  -7.883  1.00 8.67  ? 119 GLN A C   1 
ATOM   897  O O   . GLN A 1 118 ? 5.850   -8.175  -7.731  1.00 9.67  ? 119 GLN A O   1 
ATOM   898  C CB  . GLN A 1 118 ? 8.729   -7.293  -7.999  1.00 9.67  ? 119 GLN A CB  1 
ATOM   899  C CG  . GLN A 1 118 ? 8.782   -7.026  -9.511  1.00 13.93 ? 119 GLN A CG  1 
ATOM   900  C CD  . GLN A 1 118 ? 9.011   -5.564  -9.870  1.00 14.29 ? 119 GLN A CD  1 
ATOM   901  O OE1 . GLN A 1 118 ? 9.806   -4.887  -9.227  1.00 17.18 ? 119 GLN A OE1 1 
ATOM   902  N NE2 . GLN A 1 118 ? 8.319   -5.071  -10.906 1.00 13.12 ? 119 GLN A NE2 1 
ATOM   903  N N   . VAL A 1 119 ? 5.609   -6.080  -8.562  1.00 7.85  ? 120 VAL A N   1 
ATOM   904  C CA  . VAL A 1 119 ? 4.408   -6.339  -9.360  1.00 8.57  ? 120 VAL A CA  1 
ATOM   905  C C   . VAL A 1 119 ? 4.741   -6.048  -10.815 1.00 8.65  ? 120 VAL A C   1 
ATOM   906  O O   . VAL A 1 119 ? 5.177   -4.944  -11.138 1.00 8.90  ? 120 VAL A O   1 
ATOM   907  C CB  . VAL A 1 119 ? 3.255   -5.428  -8.902  1.00 8.22  ? 120 VAL A CB  1 
ATOM   908  C CG1 . VAL A 1 119 ? 2.053   -5.553  -9.824  1.00 9.84  ? 120 VAL A CG1 1 
ATOM   909  C CG2 . VAL A 1 119 ? 2.852   -5.774  -7.478  1.00 10.37 ? 120 VAL A CG2 1 
ATOM   910  N N   . THR A 1 120 ? 4.537   -7.038  -11.681 1.00 8.34  ? 121 THR A N   1 
ATOM   911  C CA  . THR A 1 120 ? 4.786   -6.848  -13.100 1.00 9.20  ? 121 THR A CA  1 
ATOM   912  C C   . THR A 1 120 ? 3.534   -7.142  -13.884 1.00 9.60  ? 121 THR A C   1 
ATOM   913  O O   . THR A 1 120 ? 3.004   -8.249  -13.826 1.00 9.56  ? 121 THR A O   1 
ATOM   914  C CB  . THR A 1 120 ? 5.915   -7.740  -13.595 1.00 9.88  ? 121 THR A CB  1 
ATOM   915  O OG1 . THR A 1 120 ? 7.073   -7.474  -12.797 1.00 12.24 ? 121 THR A OG1 1 
ATOM   916  C CG2 . THR A 1 120 ? 6.245   -7.444  -15.047 1.00 12.06 ? 121 THR A CG2 1 
ATOM   917  N N   . VAL A 1 121 ? 3.072   -6.149  -14.631 1.00 9.70  ? 122 VAL A N   1 
ATOM   918  C CA  . VAL A 1 121 ? 1.930   -6.329  -15.505 1.00 11.35 ? 122 VAL A CA  1 
ATOM   919  C C   . VAL A 1 121 ? 2.488   -6.693  -16.880 1.00 12.58 ? 122 VAL A C   1 
ATOM   920  O O   . VAL A 1 121 ? 3.280   -5.943  -17.443 1.00 14.47 ? 122 VAL A O   1 
ATOM   921  C CB  . VAL A 1 121 ? 1.069   -5.061  -15.562 1.00 11.48 ? 122 VAL A CB  1 
ATOM   922  C CG1 . VAL A 1 121 ? -0.102  -5.263  -16.513 1.00 12.25 ? 122 VAL A CG1 1 
ATOM   923  C CG2 . VAL A 1 121 ? 0.590   -4.664  -14.151 1.00 12.16 ? 122 VAL A CG2 1 
ATOM   924  N N   . SER A 1 122 ? 2.092   -7.863  -17.390 1.00 13.12 ? 123 SER A N   1 
ATOM   925  C CA  . SER A 1 122 ? 2.634   -8.420  -18.632 1.00 14.62 ? 123 SER A CA  1 
ATOM   926  C C   . SER A 1 122 ? 2.488   -7.450  -19.791 1.00 15.30 ? 123 SER A C   1 
ATOM   927  O O   . SER A 1 122 ? 1.458   -6.790  -19.945 1.00 16.60 ? 123 SER A O   1 
ATOM   928  C CB  . SER A 1 122 ? 1.949   -9.744  -18.981 1.00 14.44 ? 123 SER A CB  1 
ATOM   929  O OG  . SER A 1 122 ? 2.625   -10.845 -18.403 1.00 14.78 ? 123 SER A OG  1 
HETATM 930  O O   . HOH B 2 .   ? 5.129   -10.560 21.251  1.00 15.61 ? 201 HOH A O   1 
HETATM 931  O O   . HOH B 2 .   ? -12.134 5.568   2.518   1.00 20.79 ? 202 HOH A O   1 
HETATM 932  O O   . HOH B 2 .   ? 12.432  0.059   -5.489  1.00 20.12 ? 203 HOH A O   1 
HETATM 933  O O   . HOH B 2 .   ? -5.239  13.766  -6.332  1.00 18.15 ? 204 HOH A O   1 
HETATM 934  O O   . HOH B 2 .   ? -8.127  7.098   12.462  1.00 12.64 ? 205 HOH A O   1 
HETATM 935  O O   . HOH B 2 .   ? -14.767 8.934   10.736  1.00 19.40 ? 206 HOH A O   1 
HETATM 936  O O   . HOH B 2 .   ? -8.353  6.795   -12.072 1.00 15.11 ? 207 HOH A O   1 
HETATM 937  O O   . HOH B 2 .   ? -11.256 3.590   -0.040  1.00 15.25 ? 208 HOH A O   1 
HETATM 938  O O   . HOH B 2 .   ? 8.495   9.221   3.305   1.00 23.90 ? 209 HOH A O   1 
HETATM 939  O O   . HOH B 2 .   ? 0.906   -12.431 -21.588 1.00 35.91 ? 210 HOH A O   1 
HETATM 940  O O   . HOH B 2 .   ? 8.471   -0.474  -13.030 1.00 20.10 ? 211 HOH A O   1 
HETATM 941  O O   . HOH B 2 .   ? -11.757 -5.691  11.301  1.00 28.37 ? 212 HOH A O   1 
HETATM 942  O O   . HOH B 2 .   ? 3.410   -9.001  17.289  1.00 16.00 ? 213 HOH A O   1 
HETATM 943  O O   . HOH B 2 .   ? 12.501  -0.730  2.407   1.00 23.03 ? 214 HOH A O   1 
HETATM 944  O O   . HOH B 2 .   ? 11.577  2.831   -15.125 1.00 14.64 ? 215 HOH A O   1 
HETATM 945  O O   . HOH B 2 .   ? -1.346  4.155   -12.398 1.00 11.29 ? 216 HOH A O   1 
HETATM 946  O O   . HOH B 2 .   ? -4.646  9.530   10.850  1.00 18.76 ? 217 HOH A O   1 
HETATM 947  O O   . HOH B 2 .   ? -4.059  4.987   -17.301 1.00 10.23 ? 218 HOH A O   1 
HETATM 948  O O   . HOH B 2 .   ? 7.524   -9.742  -11.424 1.00 25.20 ? 219 HOH A O   1 
HETATM 949  O O   . HOH B 2 .   ? 12.459  4.268   10.811  1.00 20.43 ? 220 HOH A O   1 
HETATM 950  O O   . HOH B 2 .   ? -9.348  -6.592  -12.894 1.00 11.25 ? 221 HOH A O   1 
HETATM 951  O O   . HOH B 2 .   ? 7.825   10.848  12.544  1.00 10.63 ? 222 HOH A O   1 
HETATM 952  O O   . HOH B 2 .   ? 12.655  2.093   2.298   1.00 17.43 ? 223 HOH A O   1 
HETATM 953  O O   . HOH B 2 .   ? 4.980   -3.182  -17.532 1.00 24.04 ? 224 HOH A O   1 
HETATM 954  O O   . HOH B 2 .   ? 4.394   2.158   -11.600 1.00 15.79 ? 225 HOH A O   1 
HETATM 955  O O   . HOH B 2 .   ? -3.037  0.668   19.356  1.00 30.98 ? 226 HOH A O   1 
HETATM 956  O O   . HOH B 2 .   ? -10.153 3.934   -5.787  1.00 11.81 ? 227 HOH A O   1 
HETATM 957  O O   . HOH B 2 .   ? -8.702  -10.356 -3.813  1.00 20.64 ? 228 HOH A O   1 
HETATM 958  O O   . HOH B 2 .   ? -2.780  12.516  -7.445  1.00 10.06 ? 229 HOH A O   1 
HETATM 959  O O   . HOH B 2 .   ? 0.608   8.489   -11.662 1.00 14.15 ? 230 HOH A O   1 
HETATM 960  O O   . HOH B 2 .   ? 15.637  5.836   -8.450  1.00 24.54 ? 231 HOH A O   1 
HETATM 961  O O   . HOH B 2 .   ? 2.325   -2.669  15.270  1.00 16.33 ? 232 HOH A O   1 
HETATM 962  O O   . HOH B 2 .   ? -11.710 1.350   5.010   1.00 22.96 ? 233 HOH A O   1 
HETATM 963  O O   . HOH B 2 .   ? 12.147  -5.383  -2.835  1.00 23.86 ? 234 HOH A O   1 
HETATM 964  O O   . HOH B 2 .   ? 14.036  9.431   -13.854 1.00 17.98 ? 235 HOH A O   1 
HETATM 965  O O   . HOH B 2 .   ? -9.114  -9.767  6.396   1.00 26.46 ? 236 HOH A O   1 
HETATM 966  O O   . HOH B 2 .   ? 11.793  -0.716  -8.656  1.00 24.93 ? 237 HOH A O   1 
HETATM 967  O O   . HOH B 2 .   ? -8.894  -3.558  -0.234  1.00 12.22 ? 238 HOH A O   1 
HETATM 968  O O   . HOH B 2 .   ? -3.531  -12.377 -9.443  1.00 22.65 ? 239 HOH A O   1 
HETATM 969  O O   . HOH B 2 .   ? -5.050  -3.016  -18.717 1.00 16.07 ? 240 HOH A O   1 
HETATM 970  O O   . HOH B 2 .   ? -1.317  -10.995 8.398   1.00 16.48 ? 241 HOH A O   1 
HETATM 971  O O   . HOH B 2 .   ? 9.917   -6.142  5.320   1.00 25.01 ? 242 HOH A O   1 
HETATM 972  O O   . HOH B 2 .   ? -13.239 1.997   9.547   1.00 19.18 ? 243 HOH A O   1 
HETATM 973  O O   . HOH B 2 .   ? 0.309   -12.416 -9.099  1.00 14.58 ? 244 HOH A O   1 
HETATM 974  O O   . HOH B 2 .   ? 5.162   -4.580  13.640  1.00 16.98 ? 245 HOH A O   1 
HETATM 975  O O   . HOH B 2 .   ? 1.298   10.036  -5.902  1.00 9.48  ? 246 HOH A O   1 
HETATM 976  O O   . HOH B 2 .   ? 9.537   -6.647  -13.778 1.00 24.26 ? 247 HOH A O   1 
HETATM 977  O O   . HOH B 2 .   ? -7.321  -8.073  17.231  1.00 27.72 ? 248 HOH A O   1 
HETATM 978  O O   . HOH B 2 .   ? -10.896 3.780   4.088   1.00 17.86 ? 249 HOH A O   1 
HETATM 979  O O   . HOH B 2 .   ? 7.946   14.169  9.909   1.00 15.17 ? 250 HOH A O   1 
HETATM 980  O O   . HOH B 2 .   ? 6.174   0.910   -14.939 1.00 30.80 ? 251 HOH A O   1 
HETATM 981  O O   . HOH B 2 .   ? 5.499   -2.802  15.860  1.00 27.69 ? 252 HOH A O   1 
HETATM 982  O O   . HOH B 2 .   ? -1.405  9.599   -10.350 1.00 11.90 ? 253 HOH A O   1 
HETATM 983  O O   . HOH B 2 .   ? -10.632 -2.680  10.537  1.00 19.09 ? 254 HOH A O   1 
HETATM 984  O O   . HOH B 2 .   ? -6.063  12.830  2.171   1.00 23.17 ? 255 HOH A O   1 
HETATM 985  O O   . HOH B 2 .   ? 5.632   15.597  4.683   1.00 29.99 ? 256 HOH A O   1 
HETATM 986  O O   . HOH B 2 .   ? -10.151 -2.148  -6.035  1.00 11.48 ? 257 HOH A O   1 
HETATM 987  O O   . HOH B 2 .   ? 8.330   5.311   -9.616  1.00 12.22 ? 258 HOH A O   1 
HETATM 988  O O   . HOH B 2 .   ? -4.761  12.458  13.906  1.00 17.14 ? 259 HOH A O   1 
HETATM 989  O O   . HOH B 2 .   ? 9.896   -3.295  8.119   1.00 18.87 ? 260 HOH A O   1 
HETATM 990  O O   . HOH B 2 .   ? 11.521  -2.763  -10.090 1.00 25.47 ? 261 HOH A O   1 
HETATM 991  O O   . HOH B 2 .   ? 16.111  3.227   -9.145  1.00 28.99 ? 262 HOH A O   1 
HETATM 992  O O   . HOH B 2 .   ? 3.625   14.340  0.727   1.00 25.45 ? 263 HOH A O   1 
HETATM 993  O O   . HOH B 2 .   ? -10.542 -5.623  -16.577 1.00 15.15 ? 264 HOH A O   1 
HETATM 994  O O   . HOH B 2 .   ? -4.537  -11.677 -5.460  1.00 19.97 ? 265 HOH A O   1 
HETATM 995  O O   . HOH B 2 .   ? -5.387  5.231   -15.007 1.00 14.25 ? 266 HOH A O   1 
HETATM 996  O O   . HOH B 2 .   ? -0.909  -10.893 -5.153  1.00 15.02 ? 267 HOH A O   1 
HETATM 997  O O   . HOH B 2 .   ? -10.928 -0.934  5.699   1.00 16.72 ? 268 HOH A O   1 
HETATM 998  O O   . HOH B 2 .   ? 10.470  10.378  -1.697  1.00 21.22 ? 269 HOH A O   1 
HETATM 999  O O   . HOH B 2 .   ? -10.068 9.755   -2.170  1.00 22.13 ? 270 HOH A O   1 
HETATM 1000 O O   . HOH B 2 .   ? -9.614  8.624   10.481  1.00 13.20 ? 271 HOH A O   1 
HETATM 1001 O O   . HOH B 2 .   ? 4.959   -12.531 3.555   1.00 22.44 ? 272 HOH A O   1 
HETATM 1002 O O   . HOH B 2 .   ? 0.761   6.486   -13.858 1.00 16.94 ? 273 HOH A O   1 
HETATM 1003 O O   . HOH B 2 .   ? -2.094  -10.547 -0.385  1.00 20.11 ? 274 HOH A O   1 
HETATM 1004 O O   . HOH B 2 .   ? 0.185   6.223   -18.539 1.00 24.26 ? 275 HOH A O   1 
HETATM 1005 O O   . HOH B 2 .   ? 1.321   8.400   8.252   1.00 14.69 ? 276 HOH A O   1 
HETATM 1006 O O   . HOH B 2 .   ? -4.529  -8.686  17.831  1.00 23.73 ? 277 HOH A O   1 
HETATM 1007 O O   . HOH B 2 .   ? 4.934   9.287   -11.024 1.00 30.97 ? 278 HOH A O   1 
HETATM 1008 O O   . HOH B 2 .   ? 9.569   -2.394  -11.635 1.00 16.79 ? 279 HOH A O   1 
HETATM 1009 O O   . HOH B 2 .   ? 11.077  -8.901  -1.875  1.00 33.45 ? 280 HOH A O   1 
HETATM 1010 O O   . HOH B 2 .   ? 5.604   4.535   -10.306 1.00 22.33 ? 281 HOH A O   1 
HETATM 1011 O O   . HOH B 2 .   ? -11.316 0.755   -14.462 1.00 14.04 ? 282 HOH A O   1 
HETATM 1012 O O   . HOH B 2 .   ? -11.234 -0.596  8.788   1.00 22.46 ? 283 HOH A O   1 
HETATM 1013 O O   . HOH B 2 .   ? -0.870  11.740  -5.349  1.00 9.15  ? 284 HOH A O   1 
HETATM 1014 O O   . HOH B 2 .   ? -4.402  13.475  4.288   1.00 22.99 ? 285 HOH A O   1 
HETATM 1015 O O   . HOH B 2 .   ? -3.560  -12.457 -14.287 1.00 12.33 ? 286 HOH A O   1 
HETATM 1016 O O   . HOH B 2 .   ? 14.157  -1.190  -0.482  1.00 33.64 ? 287 HOH A O   1 
HETATM 1017 O O   . HOH B 2 .   ? -11.530 -1.594  12.917  1.00 24.19 ? 288 HOH A O   1 
HETATM 1018 O O   . HOH B 2 .   ? -10.251 -9.630  -0.118  1.00 32.29 ? 289 HOH A O   1 
HETATM 1019 O O   . HOH B 2 .   ? -8.929  -7.954  1.398   1.00 27.53 ? 290 HOH A O   1 
HETATM 1020 O O   . HOH B 2 .   ? -5.920  12.291  7.136   1.00 17.05 ? 291 HOH A O   1 
HETATM 1021 O O   . HOH B 2 .   ? 8.889   3.076   -15.541 1.00 28.36 ? 292 HOH A O   1 
HETATM 1022 O O   . HOH B 2 .   ? 14.573  0.721   -8.278  1.00 26.49 ? 293 HOH A O   1 
HETATM 1023 O O   . HOH B 2 .   ? -7.470  15.432  1.890   1.00 43.25 ? 294 HOH A O   1 
HETATM 1024 O O   . HOH B 2 .   ? 9.459   -1.269  -15.318 1.00 30.38 ? 295 HOH A O   1 
# 
